data_5NSL
#
_entry.id   5NSL
#
_cell.length_a   74.860
_cell.length_b   206.124
_cell.length_c   145.529
_cell.angle_alpha   90.00
_cell.angle_beta   90.00
_cell.angle_gamma   90.00
#
_symmetry.space_group_name_H-M   'P 21 21 2'
#
loop_
_entity.id
_entity.type
_entity.pdbx_description
1 polymer Beta-fructofuranosidase
2 branched alpha-D-mannopyranose-(1-2)-alpha-D-mannopyranose-(1-6)-[alpha-D-mannopyranose-(1-3)]alpha-D-mannopyranose-(1-6)-[alpha-D-mannopyranose-(1-2)-alpha-D-mannopyranose-(1-3)]beta-D-mannopyranose-(1-4)-2-acetamido-2-deoxy-beta-D-glucopyranose-(1-4)-2-acetamido-2-deoxy-beta-D-glucopyranose
3 branched 2-acetamido-2-deoxy-beta-D-glucopyranose-(1-4)-2-acetamido-2-deoxy-beta-D-glucopyranose
4 branched alpha-D-mannopyranose-(1-2)-alpha-D-mannopyranose-(1-6)-alpha-D-mannopyranose-(1-6)-[alpha-D-mannopyranose-(1-3)]beta-D-mannopyranose-(1-4)-2-acetamido-2-deoxy-beta-D-glucopyranose-(1-4)-2-acetamido-2-deoxy-beta-D-glucopyranose
5 non-polymer 2-acetamido-2-deoxy-beta-D-glucopyranose
6 non-polymer beta-D-fructofuranose
7 non-polymer 4-(2-hydroxyethyl)benzene-1,2-diol
8 non-polymer 1,2-ETHANEDIOL
9 water water
#
_entity_poly.entity_id   1
_entity_poly.type   'polypeptide(L)'
_entity_poly.pdbx_seq_one_letter_code
;MVAPLLKTLPFLAAAYAAELDLPNFSALNRRQDNSTSSSAGCSLDQTVAPGNLTLCGNATLFTTFRPKARFIAPEGWMNA
PMGLYQRADGSIHAGYQSHPKHIQWGNISQGAAYSSDFTSWTDFNGSEGYKTIWPSQIYDIRGVFDGSIIKEGIDGYPTI
LYTSTSFGPLGATLNEAEGTETQSLAYTTDDGASWIKLGYGAGQNPVIYEWPETNLTGFRDPYVFQSPRLEALLANTTSI
TNATGDHFATISGGVHGDGARLFLYRQHTTGEFIKWTYLGPLVTTGYKESYGEWSGNYGINFETAGVTRLNPAGAAWDNG
SDTTAVDFVTFGTEQGRADHQNHWPLWAAVDYEVRDNGSIEAVIAYSGVQDWGRSYAYASFPVEGYRQVSVGWIYEDDDN
VILAKQFGYQGAFTLFRDLFVKVVENVSPSTPGLFEQASWSTKNSTDGMSVTVTTLGQRVVPETLAAYKGNSTVSTLAPV
MLNESAAAYTPFSSQPTDRFYALTGSFEFGLNTTAKAGFRVLASEEEYTDIWFDPASENLTVVRTASSLIKSFGNDTELA
KVKLYEIVGAESKTLNLTVFVDGSVIEIYANDEVALSTRAYPWLANSTGAGLLADGTTAGDVVGVSGLELWDGLVDAWPA
RPANTSQGLVWDGPTAAMYGLFAGY
;
_entity_poly.pdbx_strand_id   A,B
#
loop_
_chem_comp.id
_chem_comp.type
_chem_comp.name
_chem_comp.formula
975 non-polymer 4-(2-hydroxyethyl)benzene-1,2-diol 'C8 H10 O3'
BMA D-saccharide, beta linking beta-D-mannopyranose 'C6 H12 O6'
EDO non-polymer 1,2-ETHANEDIOL 'C2 H6 O2'
FRU D-saccharide, beta linking beta-D-fructofuranose 'C6 H12 O6'
MAN D-saccharide, alpha linking alpha-D-mannopyranose 'C6 H12 O6'
NAG D-saccharide, beta linking 2-acetamido-2-deoxy-beta-D-glucopyranose 'C8 H15 N O6'
#
# COMPACT_ATOMS: atom_id res chain seq x y z
N CYS A 42 28.20 -11.91 -29.40
CA CYS A 42 28.24 -11.34 -28.02
C CYS A 42 28.01 -12.40 -26.91
N SER A 43 29.07 -12.63 -26.15
CA SER A 43 29.02 -13.53 -25.01
C SER A 43 28.56 -12.77 -23.79
N LEU A 44 27.64 -13.40 -23.05
CA LEU A 44 27.15 -12.88 -21.77
C LEU A 44 27.68 -13.74 -20.62
N ASP A 45 28.83 -14.36 -20.82
CA ASP A 45 29.45 -15.20 -19.81
C ASP A 45 30.11 -14.30 -18.77
N GLN A 46 29.48 -14.21 -17.61
CA GLN A 46 29.99 -13.41 -16.50
C GLN A 46 30.92 -14.18 -15.54
N THR A 47 31.40 -15.37 -15.96
CA THR A 47 32.45 -16.09 -15.24
C THR A 47 33.85 -15.85 -15.83
N VAL A 48 33.91 -15.17 -16.97
CA VAL A 48 35.18 -14.83 -17.63
C VAL A 48 35.20 -13.34 -17.94
N ALA A 49 36.33 -12.83 -18.41
CA ALA A 49 36.49 -11.42 -18.76
C ALA A 49 35.45 -11.00 -19.80
N PRO A 50 34.98 -9.73 -19.74
CA PRO A 50 34.02 -9.28 -20.75
C PRO A 50 34.68 -9.14 -22.10
N GLY A 51 33.94 -9.48 -23.15
CA GLY A 51 34.40 -9.30 -24.51
C GLY A 51 34.15 -7.88 -24.97
N ASN A 52 34.01 -7.73 -26.28
CA ASN A 52 33.65 -6.44 -26.87
C ASN A 52 32.13 -6.34 -26.79
N LEU A 53 31.65 -5.70 -25.73
CA LEU A 53 30.22 -5.60 -25.47
C LEU A 53 29.48 -4.64 -26.41
N THR A 54 30.21 -3.81 -27.16
CA THR A 54 29.59 -2.94 -28.19
C THR A 54 29.02 -3.75 -29.37
N LEU A 55 29.45 -4.99 -29.53
CA LEU A 55 28.89 -5.90 -30.55
C LEU A 55 27.58 -6.53 -30.13
N CYS A 56 27.22 -6.40 -28.85
CA CYS A 56 25.96 -6.95 -28.34
C CYS A 56 24.77 -6.19 -28.90
N GLY A 57 23.66 -6.89 -29.05
CA GLY A 57 22.43 -6.33 -29.59
C GLY A 57 21.73 -5.41 -28.61
N ASN A 58 20.67 -4.77 -29.10
CA ASN A 58 19.88 -3.85 -28.29
C ASN A 58 19.25 -4.57 -27.11
N ALA A 59 19.38 -3.99 -25.92
CA ALA A 59 18.79 -4.52 -24.68
C ALA A 59 19.25 -5.95 -24.29
N THR A 60 20.39 -6.39 -24.81
CA THR A 60 20.96 -7.69 -24.44
C THR A 60 21.57 -7.64 -23.03
N LEU A 61 21.92 -6.44 -22.57
CA LEU A 61 22.39 -6.23 -21.20
C LEU A 61 21.31 -5.58 -20.32
N PHE A 62 20.04 -5.82 -20.63
CA PHE A 62 18.93 -5.17 -19.93
C PHE A 62 18.92 -5.48 -18.43
N THR A 63 19.08 -6.75 -18.07
CA THR A 63 19.00 -7.16 -16.66
C THR A 63 20.35 -7.16 -15.92
N THR A 64 21.45 -6.99 -16.66
CA THR A 64 22.80 -7.21 -16.12
C THR A 64 23.14 -6.29 -14.94
N PHE A 65 22.86 -5.00 -15.10
CA PHE A 65 23.22 -3.97 -14.12
C PHE A 65 22.01 -3.23 -13.57
N ARG A 66 20.81 -3.74 -13.81
CA ARG A 66 19.59 -2.98 -13.63
C ARG A 66 19.12 -2.97 -12.18
N PRO A 67 18.81 -1.78 -11.63
CA PRO A 67 18.21 -1.74 -10.29
C PRO A 67 16.87 -2.48 -10.24
N LYS A 68 16.60 -3.13 -9.11
CA LYS A 68 15.33 -3.84 -8.89
C LYS A 68 14.48 -3.29 -7.72
N ALA A 69 15.10 -2.52 -6.82
CA ALA A 69 14.47 -2.13 -5.56
C ALA A 69 14.06 -0.65 -5.49
N ARG A 70 14.00 0.03 -6.64
CA ARG A 70 13.72 1.45 -6.67
C ARG A 70 12.86 1.83 -7.88
N PHE A 71 12.45 3.09 -7.90
CA PHE A 71 11.69 3.63 -9.01
C PHE A 71 12.58 3.74 -10.25
N ILE A 72 12.08 3.17 -11.35
CA ILE A 72 12.75 3.21 -12.64
C ILE A 72 11.68 3.01 -13.72
N ALA A 73 11.86 3.62 -14.88
CA ALA A 73 10.94 3.44 -16.02
C ALA A 73 10.95 1.99 -16.48
N PRO A 74 9.86 1.54 -17.16
CA PRO A 74 9.90 0.17 -17.71
C PRO A 74 11.05 -0.08 -18.68
N GLU A 75 11.41 0.93 -19.47
CA GLU A 75 12.50 0.83 -20.42
C GLU A 75 12.83 2.22 -20.96
N GLY A 76 13.93 2.32 -21.70
CA GLY A 76 14.28 3.54 -22.39
C GLY A 76 14.81 4.62 -21.49
N TRP A 77 14.76 5.84 -21.99
CA TRP A 77 15.34 7.00 -21.33
C TRP A 77 14.41 7.56 -20.26
N MET A 78 14.96 7.86 -19.09
CA MET A 78 14.29 8.73 -18.12
C MET A 78 15.25 9.76 -17.55
N ASN A 79 14.70 10.90 -17.12
CA ASN A 79 15.45 11.82 -16.28
C ASN A 79 14.61 12.35 -15.08
N ALA A 80 14.36 13.66 -15.00
CA ALA A 80 13.82 14.29 -13.79
C ALA A 80 12.48 13.73 -13.34
N PRO A 81 12.32 13.54 -12.01
CA PRO A 81 10.98 13.39 -11.44
C PRO A 81 10.13 14.62 -11.73
N MET A 82 8.83 14.42 -11.84
CA MET A 82 7.89 15.52 -12.09
C MET A 82 6.49 15.13 -11.62
N GLY A 83 5.62 16.13 -11.48
CA GLY A 83 4.20 15.91 -11.18
C GLY A 83 3.93 15.08 -9.95
N LEU A 84 4.78 15.24 -8.93
CA LEU A 84 4.69 14.45 -7.71
C LEU A 84 3.58 14.97 -6.83
N TYR A 85 2.66 14.09 -6.45
CA TYR A 85 1.65 14.44 -5.45
C TYR A 85 1.06 13.22 -4.76
N GLN A 86 0.66 13.43 -3.52
CA GLN A 86 -0.12 12.43 -2.80
C GLN A 86 -1.56 12.60 -3.21
N ARG A 87 -2.15 11.52 -3.72
CA ARG A 87 -3.52 11.53 -4.21
C ARG A 87 -4.49 11.43 -3.04
N ALA A 88 -5.76 11.70 -3.32
CA ALA A 88 -6.82 11.71 -2.29
C ALA A 88 -6.96 10.37 -1.54
N ASP A 89 -6.66 9.25 -2.20
CA ASP A 89 -6.69 7.93 -1.55
C ASP A 89 -5.43 7.62 -0.71
N GLY A 90 -4.51 8.56 -0.60
CA GLY A 90 -3.29 8.40 0.19
C GLY A 90 -2.09 7.90 -0.59
N SER A 91 -2.31 7.38 -1.80
CA SER A 91 -1.22 6.87 -2.63
C SER A 91 -0.39 8.02 -3.22
N ILE A 92 0.81 7.68 -3.65
CA ILE A 92 1.76 8.65 -4.21
C ILE A 92 1.75 8.49 -5.72
N HIS A 93 1.50 9.59 -6.42
CA HIS A 93 1.65 9.67 -7.87
C HIS A 93 3.03 10.23 -8.17
N ALA A 94 3.81 9.50 -8.96
CA ALA A 94 5.12 9.97 -9.40
C ALA A 94 5.18 9.99 -10.93
N GLY A 95 5.47 11.16 -11.48
CA GLY A 95 5.77 11.32 -12.89
C GLY A 95 7.26 11.39 -13.10
N TYR A 96 7.67 11.22 -14.36
CA TYR A 96 9.08 11.39 -14.72
C TYR A 96 9.23 11.74 -16.18
N GLN A 97 10.27 12.51 -16.47
CA GLN A 97 10.67 12.83 -17.84
C GLN A 97 11.05 11.53 -18.53
N SER A 98 10.42 11.24 -19.67
CA SER A 98 10.46 9.91 -20.29
C SER A 98 10.58 9.98 -21.81
N HIS A 99 11.43 9.12 -22.38
CA HIS A 99 11.51 8.88 -23.83
C HIS A 99 11.60 7.37 -24.10
N PRO A 100 10.43 6.70 -24.19
CA PRO A 100 10.39 5.25 -24.43
C PRO A 100 11.06 4.84 -25.74
N LYS A 101 11.67 3.67 -25.74
CA LYS A 101 12.27 3.04 -26.93
C LYS A 101 13.43 3.83 -27.53
N HIS A 102 14.04 4.68 -26.70
CA HIS A 102 15.22 5.46 -27.04
C HIS A 102 16.12 5.42 -25.80
N ILE A 103 17.41 5.66 -26.00
CA ILE A 103 18.36 5.76 -24.88
C ILE A 103 19.05 7.13 -24.76
N GLN A 104 18.55 8.11 -25.53
CA GLN A 104 18.88 9.51 -25.32
C GLN A 104 17.59 10.30 -25.22
N TRP A 105 17.72 11.49 -24.67
CA TRP A 105 16.61 12.42 -24.43
C TRP A 105 15.93 12.84 -25.73
N GLY A 106 14.63 13.08 -25.65
CA GLY A 106 13.85 13.60 -26.79
C GLY A 106 12.38 13.38 -26.60
N ASN A 107 11.58 14.09 -27.40
CA ASN A 107 10.11 14.06 -27.33
C ASN A 107 9.61 13.96 -25.90
N ILE A 108 10.21 14.74 -25.03
CA ILE A 108 10.17 14.38 -23.62
C ILE A 108 8.73 14.49 -23.09
N SER A 109 8.33 13.44 -22.37
CA SER A 109 6.96 13.22 -21.94
C SER A 109 6.94 12.87 -20.46
N GLN A 110 5.74 12.89 -19.87
CA GLN A 110 5.57 12.39 -18.51
C GLN A 110 5.19 10.91 -18.54
N GLY A 111 6.10 10.06 -18.08
CA GLY A 111 5.77 8.69 -17.70
C GLY A 111 5.26 8.74 -16.28
N ALA A 112 4.46 7.77 -15.86
CA ALA A 112 3.89 7.82 -14.51
C ALA A 112 3.58 6.46 -13.90
N ALA A 113 3.57 6.46 -12.56
CA ALA A 113 3.26 5.28 -11.77
C ALA A 113 2.76 5.72 -10.40
N TYR A 114 2.21 4.77 -9.64
CA TYR A 114 1.72 5.07 -8.30
C TYR A 114 2.09 3.99 -7.28
N SER A 115 2.10 4.38 -6.01
CA SER A 115 2.50 3.51 -4.91
C SER A 115 1.79 3.91 -3.63
N SER A 116 1.46 2.93 -2.81
N SER A 116 1.45 2.94 -2.80
CA SER A 116 0.89 3.19 -1.48
CA SER A 116 0.89 3.20 -1.48
C SER A 116 1.94 3.42 -0.40
C SER A 116 1.95 3.42 -0.39
N ASP A 117 3.22 3.14 -0.69
CA ASP A 117 4.28 3.17 0.34
C ASP A 117 5.66 3.66 -0.12
N PHE A 118 5.70 4.43 -1.22
CA PHE A 118 6.94 4.88 -1.88
C PHE A 118 7.84 3.77 -2.44
N THR A 119 7.47 2.50 -2.27
CA THR A 119 8.43 1.40 -2.35
C THR A 119 8.08 0.38 -3.44
N SER A 120 6.84 -0.15 -3.37
N SER A 120 6.84 -0.13 -3.38
CA SER A 120 6.32 -1.02 -4.42
CA SER A 120 6.29 -1.01 -4.41
C SER A 120 5.42 -0.16 -5.32
C SER A 120 5.42 -0.16 -5.32
N TRP A 121 5.66 -0.23 -6.62
CA TRP A 121 5.00 0.66 -7.60
C TRP A 121 4.19 -0.10 -8.65
N THR A 122 3.25 0.61 -9.26
CA THR A 122 2.43 0.10 -10.35
C THR A 122 2.40 1.14 -11.47
N ASP A 123 2.73 0.71 -12.69
CA ASP A 123 2.69 1.59 -13.86
C ASP A 123 1.26 1.92 -14.22
N PHE A 124 1.02 3.16 -14.65
CA PHE A 124 -0.19 3.47 -15.40
C PHE A 124 -0.08 2.79 -16.76
N ASN A 125 -1.22 2.50 -17.37
CA ASN A 125 -1.28 1.83 -18.67
C ASN A 125 -2.51 2.37 -19.38
N GLY A 126 -2.28 3.22 -20.38
CA GLY A 126 -3.35 3.82 -21.17
C GLY A 126 -3.05 3.70 -22.63
N SER A 127 -3.61 4.60 -23.42
CA SER A 127 -3.44 4.60 -24.87
C SER A 127 -1.99 4.79 -25.31
N GLU A 128 -1.19 5.49 -24.49
CA GLU A 128 0.24 5.69 -24.74
C GLU A 128 1.10 4.91 -23.74
N GLY A 129 0.68 3.69 -23.41
CA GLY A 129 1.40 2.85 -22.47
C GLY A 129 1.49 3.51 -21.11
N TYR A 130 2.71 3.69 -20.62
CA TYR A 130 2.95 4.30 -19.31
C TYR A 130 3.11 5.82 -19.34
N LYS A 131 3.05 6.43 -20.53
CA LYS A 131 2.99 7.88 -20.65
C LYS A 131 1.60 8.39 -20.30
N THR A 132 1.55 9.57 -19.68
CA THR A 132 0.28 10.26 -19.41
C THR A 132 0.19 11.70 -19.93
N ILE A 133 1.34 12.33 -20.24
CA ILE A 133 1.36 13.61 -20.94
C ILE A 133 2.49 13.55 -21.96
N TRP A 134 2.24 14.06 -23.16
CA TRP A 134 3.20 14.02 -24.26
C TRP A 134 3.07 15.26 -25.13
N PRO A 135 4.14 15.62 -25.87
CA PRO A 135 4.04 16.71 -26.85
C PRO A 135 2.90 16.48 -27.84
N SER A 136 2.02 17.48 -27.97
CA SER A 136 0.84 17.37 -28.85
C SER A 136 0.31 18.69 -29.46
N GLN A 137 0.86 19.82 -29.05
CA GLN A 137 0.38 21.14 -29.45
C GLN A 137 1.57 21.98 -29.86
N ILE A 138 1.34 23.01 -30.65
CA ILE A 138 2.43 23.89 -31.09
C ILE A 138 3.26 24.43 -29.91
N TYR A 139 2.60 24.70 -28.79
CA TYR A 139 3.25 25.28 -27.61
C TYR A 139 4.11 24.30 -26.81
N ASP A 140 3.86 22.99 -26.93
CA ASP A 140 4.66 21.97 -26.23
C ASP A 140 5.23 20.84 -27.10
N ILE A 141 5.22 21.02 -28.42
CA ILE A 141 5.63 19.96 -29.36
C ILE A 141 7.11 19.56 -29.23
N ARG A 142 7.95 20.47 -28.74
CA ARG A 142 9.37 20.20 -28.56
C ARG A 142 9.68 19.44 -27.26
N GLY A 143 8.70 19.34 -26.36
CA GLY A 143 8.88 18.62 -25.10
C GLY A 143 7.95 19.11 -24.00
N VAL A 144 7.42 18.15 -23.25
CA VAL A 144 6.69 18.40 -22.02
C VAL A 144 7.73 18.28 -20.91
N PHE A 145 8.26 19.43 -20.51
CA PHE A 145 9.33 19.50 -19.51
C PHE A 145 8.73 19.34 -18.10
N ASP A 146 9.57 19.50 -17.08
CA ASP A 146 9.17 19.39 -15.66
C ASP A 146 7.96 20.28 -15.32
N GLY A 147 7.16 19.78 -14.38
CA GLY A 147 6.01 20.50 -13.85
C GLY A 147 5.63 19.99 -12.48
N SER A 148 4.74 20.71 -11.81
CA SER A 148 4.32 20.40 -10.45
C SER A 148 2.82 20.58 -10.29
N ILE A 149 2.30 20.08 -9.17
CA ILE A 149 0.87 19.87 -9.00
C ILE A 149 0.17 20.91 -8.12
N ILE A 150 -0.91 21.45 -8.65
CA ILE A 150 -1.92 22.19 -7.91
C ILE A 150 -2.96 21.16 -7.53
N LYS A 151 -3.04 20.84 -6.24
CA LYS A 151 -3.87 19.70 -5.80
C LYS A 151 -5.36 19.92 -5.99
N GLU A 152 -5.82 21.16 -5.80
CA GLU A 152 -7.21 21.54 -6.07
C GLU A 152 -7.23 22.68 -7.08
N GLY A 153 -7.25 22.29 -8.36
CA GLY A 153 -7.03 23.22 -9.46
C GLY A 153 -8.27 23.42 -10.30
N ILE A 154 -8.12 23.22 -11.61
CA ILE A 154 -9.18 23.46 -12.58
C ILE A 154 -10.39 22.58 -12.27
N ASP A 155 -11.55 23.22 -12.07
CA ASP A 155 -12.79 22.53 -11.68
C ASP A 155 -12.64 21.62 -10.44
N GLY A 156 -11.71 21.99 -9.54
CA GLY A 156 -11.41 21.20 -8.35
C GLY A 156 -10.49 20.00 -8.53
N TYR A 157 -10.03 19.75 -9.75
CA TYR A 157 -9.21 18.57 -10.05
C TYR A 157 -7.72 18.84 -9.86
N PRO A 158 -6.94 17.78 -9.59
CA PRO A 158 -5.48 17.96 -9.60
C PRO A 158 -5.04 18.49 -10.96
N THR A 159 -4.16 19.49 -10.92
CA THR A 159 -3.79 20.26 -12.10
C THR A 159 -2.28 20.41 -12.11
N ILE A 160 -1.68 20.12 -13.26
CA ILE A 160 -0.23 20.27 -13.42
C ILE A 160 0.08 21.58 -14.14
N LEU A 161 1.03 22.34 -13.59
CA LEU A 161 1.62 23.47 -14.28
C LEU A 161 3.00 23.00 -14.73
N TYR A 162 3.23 22.99 -16.04
CA TYR A 162 4.45 22.41 -16.62
C TYR A 162 5.06 23.31 -17.67
N THR A 163 6.35 23.11 -17.92
CA THR A 163 7.03 23.85 -18.99
C THR A 163 6.72 23.21 -20.33
N SER A 164 6.00 23.97 -21.15
CA SER A 164 5.69 23.60 -22.52
C SER A 164 6.73 24.23 -23.43
N THR A 165 7.43 23.41 -24.21
CA THR A 165 8.51 23.90 -25.07
C THR A 165 8.16 23.80 -26.55
N SER A 166 8.59 24.81 -27.30
CA SER A 166 8.40 24.85 -28.74
C SER A 166 9.77 25.03 -29.41
N PHE A 167 9.76 25.48 -30.66
CA PHE A 167 10.96 25.51 -31.49
C PHE A 167 11.92 26.62 -31.05
N GLY A 168 13.18 26.48 -31.48
CA GLY A 168 14.22 27.49 -31.28
C GLY A 168 15.35 26.99 -30.40
N PRO A 169 16.50 27.69 -30.38
CA PRO A 169 17.58 27.31 -29.48
C PRO A 169 17.10 27.30 -28.03
N LEU A 170 17.44 26.24 -27.29
CA LEU A 170 16.99 26.07 -25.91
C LEU A 170 18.17 25.60 -25.08
N GLY A 171 18.62 26.46 -24.18
CA GLY A 171 19.71 26.11 -23.27
C GLY A 171 20.40 27.33 -22.71
N ALA A 172 21.03 27.15 -21.54
CA ALA A 172 21.71 28.23 -20.84
C ALA A 172 22.94 28.77 -21.57
N THR A 173 23.56 27.95 -22.43
CA THR A 173 24.71 28.37 -23.23
C THR A 173 24.35 28.82 -24.65
N LEU A 174 23.06 28.81 -25.00
CA LEU A 174 22.58 29.20 -26.33
C LEU A 174 21.81 30.51 -26.26
N ASN A 175 21.47 31.05 -27.42
CA ASN A 175 20.71 32.29 -27.52
C ASN A 175 19.24 31.99 -27.61
N GLU A 176 18.65 31.63 -26.46
CA GLU A 176 17.23 31.33 -26.39
C GLU A 176 16.39 32.58 -26.54
N ALA A 177 15.22 32.43 -27.16
CA ALA A 177 14.27 33.51 -27.35
C ALA A 177 12.99 33.23 -26.58
N GLU A 178 12.29 34.31 -26.26
CA GLU A 178 10.98 34.28 -25.62
C GLU A 178 9.99 33.45 -26.48
N GLY A 179 9.21 32.59 -25.82
CA GLY A 179 8.27 31.70 -26.49
C GLY A 179 8.72 30.25 -26.56
N THR A 180 10.03 30.02 -26.63
CA THR A 180 10.58 28.66 -26.72
C THR A 180 10.23 27.85 -25.48
N GLU A 181 10.30 28.48 -24.31
CA GLU A 181 9.83 27.88 -23.06
C GLU A 181 8.69 28.72 -22.51
N THR A 182 7.53 28.10 -22.36
CA THR A 182 6.37 28.72 -21.73
C THR A 182 5.85 27.77 -20.67
N GLN A 183 4.83 28.20 -19.91
CA GLN A 183 4.25 27.38 -18.85
C GLN A 183 2.75 27.18 -19.13
N SER A 184 2.31 25.94 -19.02
CA SER A 184 0.95 25.53 -19.43
C SER A 184 0.29 24.66 -18.36
N LEU A 185 -1.04 24.60 -18.42
CA LEU A 185 -1.85 23.80 -17.49
C LEU A 185 -2.51 22.60 -18.15
N ALA A 186 -2.60 21.51 -17.37
CA ALA A 186 -3.45 20.38 -17.70
C ALA A 186 -4.04 19.82 -16.40
N TYR A 187 -5.22 19.22 -16.48
CA TYR A 187 -5.88 18.66 -15.28
C TYR A 187 -6.29 17.22 -15.52
N THR A 188 -6.45 16.47 -14.43
CA THR A 188 -6.84 15.06 -14.50
C THR A 188 -8.17 14.82 -13.81
N THR A 189 -9.07 14.13 -14.51
CA THR A 189 -10.36 13.72 -13.94
C THR A 189 -10.35 12.26 -13.50
N ASP A 190 -9.20 11.59 -13.63
CA ASP A 190 -9.08 10.16 -13.32
C ASP A 190 -7.83 9.84 -12.50
N ASP A 191 -7.48 10.77 -11.60
CA ASP A 191 -6.40 10.58 -10.63
C ASP A 191 -5.04 10.26 -11.28
N GLY A 192 -4.77 10.87 -12.43
CA GLY A 192 -3.48 10.74 -13.09
C GLY A 192 -3.36 9.71 -14.19
N ALA A 193 -4.43 8.97 -14.49
CA ALA A 193 -4.41 8.04 -15.63
C ALA A 193 -4.32 8.81 -16.96
N SER A 194 -4.90 10.00 -17.00
CA SER A 194 -4.81 10.88 -18.16
C SER A 194 -4.91 12.34 -17.74
N TRP A 195 -4.45 13.23 -18.61
CA TRP A 195 -4.52 14.68 -18.37
C TRP A 195 -5.12 15.38 -19.58
N ILE A 196 -5.94 16.39 -19.31
CA ILE A 196 -6.55 17.22 -20.34
C ILE A 196 -5.90 18.60 -20.27
N LYS A 197 -5.24 18.99 -21.36
CA LYS A 197 -4.64 20.31 -21.48
C LYS A 197 -5.71 21.34 -21.74
N LEU A 198 -5.54 22.54 -21.18
CA LEU A 198 -6.33 23.68 -21.63
C LEU A 198 -6.05 23.93 -23.10
N GLY A 199 -7.02 24.51 -23.78
CA GLY A 199 -6.90 24.90 -25.17
C GLY A 199 -5.76 25.88 -25.42
N TYR A 200 -5.27 25.88 -26.65
CA TYR A 200 -4.28 26.87 -27.07
C TYR A 200 -4.97 28.20 -27.35
N GLY A 201 -4.45 29.28 -26.79
CA GLY A 201 -4.85 30.62 -27.21
C GLY A 201 -4.92 31.66 -26.11
N ALA A 202 -5.46 32.82 -26.47
CA ALA A 202 -5.58 33.96 -25.56
C ALA A 202 -6.48 33.59 -24.38
N GLY A 203 -5.97 33.85 -23.17
CA GLY A 203 -6.67 33.50 -21.94
C GLY A 203 -6.65 32.02 -21.58
N GLN A 204 -5.89 31.22 -22.33
CA GLN A 204 -5.78 29.77 -22.10
C GLN A 204 -4.28 29.43 -22.14
N ASN A 205 -3.91 28.24 -22.65
CA ASN A 205 -2.50 27.86 -22.72
C ASN A 205 -1.74 28.54 -23.85
N PRO A 206 -0.46 28.85 -23.66
CA PRO A 206 0.24 28.77 -22.36
C PRO A 206 -0.18 29.94 -21.47
N VAL A 207 -0.18 29.69 -20.16
CA VAL A 207 -0.64 30.69 -19.18
C VAL A 207 0.45 31.66 -18.72
N ILE A 208 1.72 31.22 -18.79
CA ILE A 208 2.86 32.10 -18.53
C ILE A 208 3.81 32.01 -19.72
N TYR A 209 4.06 33.14 -20.37
CA TYR A 209 4.91 33.20 -21.57
C TYR A 209 5.85 34.41 -21.64
N GLU A 210 5.48 35.52 -20.99
CA GLU A 210 6.32 36.71 -20.98
C GLU A 210 7.50 36.50 -20.05
N TRP A 211 8.71 36.71 -20.58
CA TRP A 211 9.91 36.69 -19.77
C TRP A 211 9.87 37.85 -18.78
N PRO A 212 10.07 37.56 -17.47
CA PRO A 212 10.01 38.61 -16.47
C PRO A 212 11.21 39.56 -16.46
N GLU A 213 12.35 39.11 -16.99
CA GLU A 213 13.55 39.93 -17.15
C GLU A 213 14.15 39.57 -18.52
N THR A 214 14.95 40.44 -19.12
CA THR A 214 15.51 40.17 -20.46
C THR A 214 16.70 39.23 -20.41
N ASN A 215 17.03 38.66 -21.57
CA ASN A 215 18.23 37.84 -21.77
C ASN A 215 18.36 36.65 -20.83
N LEU A 216 17.28 35.90 -20.69
CA LEU A 216 17.27 34.73 -19.83
C LEU A 216 18.11 33.58 -20.39
N THR A 217 18.76 32.87 -19.48
CA THR A 217 19.46 31.62 -19.77
C THR A 217 18.47 30.45 -19.78
N GLY A 218 17.38 30.58 -19.04
CA GLY A 218 16.35 29.53 -18.95
C GLY A 218 15.09 30.08 -18.32
N PHE A 219 13.99 29.34 -18.48
CA PHE A 219 12.68 29.79 -18.00
C PHE A 219 11.77 28.57 -17.91
N ARG A 220 12.00 27.75 -16.87
CA ARG A 220 11.32 26.47 -16.78
C ARG A 220 11.17 25.93 -15.36
N ASP A 221 10.47 24.81 -15.26
CA ASP A 221 10.33 24.01 -14.04
C ASP A 221 9.50 24.74 -12.99
N PRO A 222 8.24 25.08 -13.34
CA PRO A 222 7.38 25.79 -12.40
C PRO A 222 7.08 24.94 -11.18
N TYR A 223 7.34 25.50 -10.00
CA TYR A 223 7.15 24.81 -8.75
C TYR A 223 6.04 25.50 -7.99
N VAL A 224 4.87 24.84 -7.92
CA VAL A 224 3.71 25.40 -7.27
C VAL A 224 3.70 24.99 -5.80
N PHE A 225 3.41 25.95 -4.92
CA PHE A 225 3.33 25.69 -3.49
C PHE A 225 2.44 26.69 -2.78
N GLN A 226 1.95 26.29 -1.62
CA GLN A 226 1.24 27.15 -0.71
C GLN A 226 2.18 27.48 0.43
N SER A 227 2.03 28.70 0.97
CA SER A 227 2.95 29.20 1.98
C SER A 227 2.26 30.21 2.88
N PRO A 228 1.78 29.77 4.06
CA PRO A 228 1.32 30.71 5.08
C PRO A 228 2.38 31.77 5.43
N ARG A 229 3.64 31.35 5.45
CA ARG A 229 4.78 32.26 5.66
C ARG A 229 4.79 33.42 4.66
N LEU A 230 4.79 33.10 3.37
CA LEU A 230 4.83 34.14 2.33
C LEU A 230 3.55 34.99 2.28
N GLU A 231 2.40 34.37 2.52
CA GLU A 231 1.13 35.13 2.59
C GLU A 231 1.16 36.18 3.70
N ALA A 232 1.64 35.77 4.88
CA ALA A 232 1.76 36.68 6.03
C ALA A 232 2.75 37.82 5.73
N LEU A 233 3.87 37.49 5.11
CA LEU A 233 4.88 38.49 4.75
C LEU A 233 4.41 39.50 3.70
N LEU A 234 3.59 39.05 2.75
CA LEU A 234 3.11 39.92 1.67
C LEU A 234 1.76 40.60 1.94
N ALA A 235 1.12 40.28 3.07
CA ALA A 235 -0.23 40.75 3.36
C ALA A 235 -0.41 42.28 3.31
N ASN A 236 0.62 43.02 3.69
CA ASN A 236 0.56 44.50 3.68
C ASN A 236 0.98 45.13 2.34
N THR A 237 1.29 44.30 1.35
CA THR A 237 1.74 44.77 0.04
C THR A 237 0.77 44.42 -1.09
N THR A 238 -0.34 43.74 -0.78
CA THR A 238 -1.23 43.25 -1.84
C THR A 238 -1.92 44.36 -2.64
N SER A 239 -2.05 45.56 -2.07
CA SER A 239 -2.50 46.74 -2.84
C SER A 239 -1.56 47.17 -3.95
N ILE A 240 -0.27 46.86 -3.81
CA ILE A 240 0.74 47.24 -4.79
C ILE A 240 0.65 46.36 -6.04
N THR A 241 0.54 45.05 -5.83
CA THR A 241 0.57 44.05 -6.91
C THR A 241 -0.79 43.52 -7.34
N ASN A 242 -1.79 43.64 -6.46
CA ASN A 242 -3.13 43.02 -6.62
C ASN A 242 -3.15 41.48 -6.64
N ALA A 243 -2.04 40.84 -6.28
CA ALA A 243 -1.95 39.39 -6.28
C ALA A 243 -2.29 38.88 -4.88
N THR A 244 -3.42 38.17 -4.75
CA THR A 244 -3.94 37.72 -3.46
C THR A 244 -4.22 36.22 -3.37
N GLY A 245 -3.81 35.44 -4.38
CA GLY A 245 -4.08 34.01 -4.39
C GLY A 245 -3.32 33.24 -3.33
N ASP A 246 -3.80 32.03 -3.06
CA ASP A 246 -3.20 31.16 -2.04
C ASP A 246 -2.14 30.19 -2.60
N HIS A 247 -1.81 30.31 -3.90
CA HIS A 247 -0.71 29.55 -4.50
C HIS A 247 0.39 30.48 -4.99
N PHE A 248 1.63 30.05 -4.77
CA PHE A 248 2.81 30.69 -5.35
C PHE A 248 3.43 29.73 -6.34
N ALA A 249 4.24 30.26 -7.25
CA ALA A 249 5.02 29.43 -8.16
C ALA A 249 6.37 30.07 -8.42
N THR A 250 7.42 29.26 -8.35
CA THR A 250 8.74 29.72 -8.80
C THR A 250 9.04 29.14 -10.17
N ILE A 251 9.78 29.92 -10.97
CA ILE A 251 10.29 29.47 -12.27
C ILE A 251 11.80 29.64 -12.24
N SER A 252 12.50 28.59 -12.69
CA SER A 252 13.95 28.51 -12.60
C SER A 252 14.62 29.03 -13.87
N GLY A 253 15.70 29.80 -13.68
CA GLY A 253 16.44 30.31 -14.82
C GLY A 253 17.68 31.08 -14.43
N GLY A 254 17.89 32.20 -15.09
CA GLY A 254 19.10 33.00 -14.92
C GLY A 254 19.15 34.08 -15.97
N VAL A 255 20.22 34.89 -15.95
CA VAL A 255 20.40 35.98 -16.90
C VAL A 255 21.80 35.83 -17.49
N HIS A 256 21.90 35.95 -18.81
CA HIS A 256 23.17 35.72 -19.52
C HIS A 256 24.28 36.63 -18.98
N GLY A 257 25.41 36.00 -18.64
CA GLY A 257 26.56 36.69 -18.07
C GLY A 257 26.45 37.15 -16.62
N ASP A 258 25.30 36.95 -15.97
CA ASP A 258 25.05 37.53 -14.64
C ASP A 258 24.44 36.59 -13.60
N GLY A 259 24.55 35.28 -13.83
CA GLY A 259 24.18 34.29 -12.82
C GLY A 259 22.75 33.79 -12.87
N ALA A 260 22.47 32.84 -11.99
CA ALA A 260 21.18 32.19 -11.91
C ALA A 260 20.13 33.05 -11.20
N ARG A 261 18.86 32.74 -11.48
CA ARG A 261 17.72 33.43 -10.88
C ARG A 261 16.61 32.43 -10.60
N LEU A 262 15.94 32.62 -9.47
CA LEU A 262 14.68 31.94 -9.20
C LEU A 262 13.60 33.01 -9.13
N PHE A 263 12.66 32.96 -10.07
CA PHE A 263 11.62 33.99 -10.22
C PHE A 263 10.37 33.60 -9.45
N LEU A 264 9.85 34.50 -8.62
CA LEU A 264 8.65 34.21 -7.84
C LEU A 264 7.39 34.82 -8.46
N TYR A 265 6.38 33.97 -8.64
CA TYR A 265 5.04 34.37 -9.08
C TYR A 265 4.05 34.08 -7.97
N ARG A 266 2.96 34.85 -7.96
CA ARG A 266 1.82 34.55 -7.11
C ARG A 266 0.56 34.48 -7.96
N GLN A 267 -0.25 33.45 -7.68
CA GLN A 267 -1.59 33.32 -8.24
C GLN A 267 -2.34 34.61 -7.98
N HIS A 268 -2.92 35.21 -9.02
CA HIS A 268 -3.52 36.53 -8.88
C HIS A 268 -4.76 36.53 -7.98
N THR A 269 -5.61 35.52 -8.16
CA THR A 269 -6.86 35.42 -7.41
C THR A 269 -7.09 33.97 -7.01
N THR A 270 -7.47 33.76 -5.75
CA THR A 270 -7.79 32.43 -5.23
C THR A 270 -8.90 31.79 -6.06
N GLY A 271 -8.73 30.49 -6.35
CA GLY A 271 -9.69 29.74 -7.14
C GLY A 271 -9.65 29.97 -8.65
N GLU A 272 -8.68 30.76 -9.12
CA GLU A 272 -8.52 31.05 -10.55
C GLU A 272 -7.07 30.77 -10.93
N PHE A 273 -6.86 30.04 -12.02
CA PHE A 273 -5.54 29.45 -12.33
C PHE A 273 -4.88 29.91 -13.63
N ILE A 274 -5.52 30.83 -14.35
CA ILE A 274 -4.98 31.35 -15.60
C ILE A 274 -3.95 32.45 -15.33
N LYS A 275 -4.27 33.37 -14.43
CA LYS A 275 -3.45 34.56 -14.20
C LYS A 275 -2.48 34.40 -13.02
N TRP A 276 -1.19 34.48 -13.34
CA TRP A 276 -0.10 34.41 -12.36
C TRP A 276 0.70 35.69 -12.48
N THR A 277 0.89 36.37 -11.35
CA THR A 277 1.53 37.69 -11.32
C THR A 277 2.98 37.54 -10.89
N TYR A 278 3.90 38.03 -11.72
CA TYR A 278 5.32 38.07 -11.38
C TYR A 278 5.55 39.11 -10.30
N LEU A 279 6.13 38.67 -9.18
CA LEU A 279 6.46 39.57 -8.07
C LEU A 279 7.88 40.10 -8.22
N GLY A 280 8.84 39.17 -8.34
CA GLY A 280 10.24 39.54 -8.48
C GLY A 280 11.15 38.33 -8.32
N PRO A 281 12.48 38.54 -8.48
CA PRO A 281 13.43 37.46 -8.23
C PRO A 281 13.50 37.09 -6.75
N LEU A 282 13.35 35.80 -6.46
CA LEU A 282 13.41 35.30 -5.10
C LEU A 282 14.85 35.02 -4.69
N VAL A 283 15.58 34.30 -5.55
CA VAL A 283 17.00 33.99 -5.33
C VAL A 283 17.79 34.55 -6.50
N THR A 284 18.83 35.30 -6.17
CA THR A 284 19.76 35.86 -7.15
C THR A 284 21.17 35.48 -6.71
N THR A 285 21.89 34.78 -7.58
CA THR A 285 23.28 34.42 -7.34
C THR A 285 24.14 34.87 -8.51
N GLY A 286 25.44 35.00 -8.25
CA GLY A 286 26.39 35.49 -9.25
C GLY A 286 26.85 34.42 -10.22
N TYR A 287 27.38 34.88 -11.36
CA TYR A 287 27.93 34.02 -12.41
C TYR A 287 29.07 33.15 -11.88
N LYS A 288 28.81 31.84 -11.80
CA LYS A 288 29.73 30.85 -11.23
C LYS A 288 30.25 31.19 -9.81
N GLU A 289 29.39 31.84 -9.03
CA GLU A 289 29.65 32.15 -7.63
C GLU A 289 29.61 30.86 -6.82
N SER A 290 30.50 30.74 -5.83
CA SER A 290 30.46 29.64 -4.87
C SER A 290 30.50 30.18 -3.45
N TYR A 291 29.65 29.62 -2.58
CA TYR A 291 29.72 29.95 -1.14
C TYR A 291 30.83 29.18 -0.42
N GLY A 292 31.41 28.19 -1.08
CA GLY A 292 32.62 27.51 -0.58
C GLY A 292 32.64 26.01 -0.82
N GLU A 293 33.62 25.37 -0.19
CA GLU A 293 33.89 23.92 -0.30
C GLU A 293 32.72 23.03 0.10
N TRP A 294 31.89 23.52 1.00
CA TRP A 294 30.73 22.76 1.51
C TRP A 294 29.45 23.01 0.73
N SER A 295 29.53 23.81 -0.35
CA SER A 295 28.33 24.40 -0.95
C SER A 295 28.22 24.30 -2.47
N GLY A 296 29.08 23.52 -3.11
CA GLY A 296 29.11 23.42 -4.57
C GLY A 296 29.38 24.75 -5.24
N ASN A 297 28.66 25.01 -6.33
CA ASN A 297 28.81 26.24 -7.11
C ASN A 297 27.47 26.60 -7.73
N TYR A 298 27.12 27.88 -7.71
CA TYR A 298 25.81 28.34 -8.19
C TYR A 298 25.68 28.42 -9.71
N GLY A 299 26.78 28.20 -10.44
CA GLY A 299 26.74 28.06 -11.90
C GLY A 299 26.19 29.28 -12.61
N ILE A 300 25.49 29.05 -13.71
CA ILE A 300 24.95 30.13 -14.56
C ILE A 300 23.42 30.14 -14.69
N ASN A 301 22.76 29.08 -14.22
CA ASN A 301 21.35 28.85 -14.48
C ASN A 301 20.83 27.84 -13.47
N PHE A 302 19.64 28.08 -12.94
CA PHE A 302 18.98 27.12 -12.04
C PHE A 302 18.05 26.22 -12.83
N GLU A 303 17.88 24.99 -12.32
CA GLU A 303 16.87 24.06 -12.80
C GLU A 303 16.19 23.37 -11.62
N THR A 304 14.94 22.97 -11.84
CA THR A 304 14.12 22.21 -10.89
C THR A 304 14.14 22.75 -9.46
N ALA A 305 14.08 24.06 -9.31
CA ALA A 305 14.12 24.68 -7.99
C ALA A 305 12.77 24.57 -7.29
N GLY A 306 12.82 24.38 -5.97
CA GLY A 306 11.62 24.35 -5.14
C GLY A 306 11.83 25.12 -3.86
N VAL A 307 10.72 25.44 -3.19
CA VAL A 307 10.70 26.22 -1.96
C VAL A 307 9.91 25.42 -0.94
N THR A 308 10.44 25.32 0.26
CA THR A 308 9.73 24.66 1.35
C THR A 308 10.06 25.32 2.69
N ARG A 309 9.36 24.87 3.72
CA ARG A 309 9.60 25.29 5.09
C ARG A 309 9.56 24.05 5.95
N LEU A 310 10.59 23.89 6.78
CA LEU A 310 10.77 22.68 7.57
C LEU A 310 10.99 23.04 9.02
N ASN A 311 10.72 22.07 9.90
CA ASN A 311 11.06 22.15 11.31
C ASN A 311 11.71 20.82 11.71
N PRO A 312 12.11 20.66 12.98
CA PRO A 312 12.80 19.41 13.32
C PRO A 312 12.04 18.09 13.07
N ALA A 313 10.70 18.12 13.04
CA ALA A 313 9.90 16.92 12.78
C ALA A 313 9.63 16.62 11.31
N GLY A 314 9.77 17.63 10.44
CA GLY A 314 9.42 17.48 9.02
C GLY A 314 8.99 18.80 8.41
N ALA A 315 7.83 18.79 7.75
CA ALA A 315 7.29 19.99 7.10
C ALA A 315 6.69 20.94 8.12
N ALA A 316 6.86 22.24 7.87
CA ALA A 316 6.36 23.29 8.72
C ALA A 316 5.33 24.11 7.97
N TRP A 317 4.15 24.26 8.57
CA TRP A 317 3.04 25.00 7.98
C TRP A 317 2.67 26.29 8.74
N ASP A 318 3.56 26.74 9.61
CA ASP A 318 3.35 27.99 10.36
C ASP A 318 3.64 29.22 9.48
N ASN A 319 3.21 30.38 9.99
CA ASN A 319 3.38 31.66 9.27
C ASN A 319 4.69 32.42 9.58
N GLY A 320 5.60 31.80 10.33
CA GLY A 320 6.77 32.49 10.88
C GLY A 320 6.84 32.39 12.39
N SER A 321 5.71 32.05 13.02
CA SER A 321 5.60 31.98 14.47
C SER A 321 6.42 30.86 15.14
N ASP A 322 6.65 29.75 14.42
CA ASP A 322 7.51 28.67 14.91
C ASP A 322 8.98 29.08 14.77
N THR A 323 9.62 29.36 15.90
CA THR A 323 11.02 29.79 15.94
C THR A 323 12.01 28.66 15.57
N THR A 324 11.55 27.40 15.61
CA THR A 324 12.38 26.26 15.24
C THR A 324 12.31 25.93 13.74
N ALA A 325 11.40 26.59 13.00
CA ALA A 325 11.24 26.32 11.57
C ALA A 325 12.20 27.16 10.74
N VAL A 326 12.56 26.62 9.57
CA VAL A 326 13.53 27.24 8.65
C VAL A 326 13.00 27.17 7.23
N ASP A 327 13.16 28.27 6.49
CA ASP A 327 12.82 28.33 5.07
C ASP A 327 13.99 27.81 4.24
N PHE A 328 13.69 26.92 3.28
CA PHE A 328 14.70 26.32 2.43
C PHE A 328 14.31 26.45 0.96
N VAL A 329 15.32 26.58 0.11
CA VAL A 329 15.17 26.45 -1.33
C VAL A 329 16.09 25.30 -1.75
N THR A 330 15.58 24.41 -2.61
CA THR A 330 16.40 23.37 -3.23
C THR A 330 16.45 23.69 -4.72
N PHE A 331 17.59 23.43 -5.35
CA PHE A 331 17.78 23.82 -6.75
C PHE A 331 19.00 23.15 -7.37
N GLY A 332 18.88 22.84 -8.66
CA GLY A 332 20.02 22.39 -9.44
C GLY A 332 20.69 23.59 -10.08
N THR A 333 22.00 23.49 -10.28
CA THR A 333 22.73 24.53 -11.01
C THR A 333 23.49 23.91 -12.17
N GLU A 334 23.66 24.70 -13.24
CA GLU A 334 24.35 24.28 -14.44
C GLU A 334 25.62 25.08 -14.69
N GLN A 335 26.63 24.40 -15.25
CA GLN A 335 27.88 25.00 -15.71
C GLN A 335 28.72 25.62 -14.59
N GLY A 336 28.58 25.08 -13.38
CA GLY A 336 29.44 25.45 -12.25
C GLY A 336 30.29 24.28 -11.77
N ARG A 337 30.45 23.27 -12.61
CA ARG A 337 31.15 22.04 -12.21
C ARG A 337 31.86 21.42 -13.41
N ALA A 338 33.08 20.94 -13.18
CA ALA A 338 33.93 20.37 -14.25
C ALA A 338 33.53 18.96 -14.67
N ASP A 339 32.71 18.29 -13.86
CA ASP A 339 32.32 16.91 -14.07
C ASP A 339 30.87 16.76 -13.59
N HIS A 340 30.37 15.52 -13.47
CA HIS A 340 28.99 15.27 -13.07
C HIS A 340 27.99 16.00 -13.96
N GLN A 341 28.24 15.91 -15.26
CA GLN A 341 27.41 16.54 -16.29
C GLN A 341 27.19 18.04 -16.04
N ASN A 342 28.23 18.68 -15.50
CA ASN A 342 28.23 20.11 -15.12
C ASN A 342 27.10 20.51 -14.17
N HIS A 343 26.66 19.58 -13.32
CA HIS A 343 25.44 19.73 -12.52
C HIS A 343 25.67 19.57 -11.02
N TRP A 344 25.19 20.54 -10.24
CA TRP A 344 25.16 20.47 -8.78
C TRP A 344 23.70 20.47 -8.30
N PRO A 345 23.29 19.47 -7.50
CA PRO A 345 22.01 19.57 -6.79
C PRO A 345 22.23 20.15 -5.39
N LEU A 346 21.76 21.38 -5.20
CA LEU A 346 22.07 22.16 -4.00
C LEU A 346 20.81 22.47 -3.19
N TRP A 347 21.06 23.01 -2.00
CA TRP A 347 20.00 23.58 -1.17
C TRP A 347 20.57 24.77 -0.39
N ALA A 348 19.68 25.65 0.06
CA ALA A 348 20.06 26.79 0.89
C ALA A 348 18.97 27.09 1.91
N ALA A 349 19.38 27.39 3.14
CA ALA A 349 18.50 27.99 4.12
C ALA A 349 18.47 29.48 3.82
N VAL A 350 17.28 30.08 3.85
CA VAL A 350 17.10 31.48 3.46
C VAL A 350 16.32 32.26 4.49
N ASP A 351 16.60 33.57 4.55
CA ASP A 351 15.83 34.52 5.34
C ASP A 351 15.12 35.45 4.38
N TYR A 352 13.79 35.49 4.46
CA TYR A 352 12.99 36.32 3.56
C TYR A 352 12.97 37.78 4.00
N GLU A 353 13.13 38.69 3.04
CA GLU A 353 12.94 40.13 3.22
C GLU A 353 11.89 40.61 2.21
N VAL A 354 10.99 41.48 2.67
CA VAL A 354 9.93 42.03 1.81
C VAL A 354 10.44 43.30 1.13
N ARG A 355 10.35 43.33 -0.20
CA ARG A 355 10.75 44.50 -0.98
C ARG A 355 9.62 45.53 -1.03
N ASP A 356 9.99 46.77 -1.33
CA ASP A 356 9.01 47.87 -1.45
C ASP A 356 7.97 47.64 -2.56
N ASN A 357 8.33 46.91 -3.62
CA ASN A 357 7.38 46.60 -4.70
C ASN A 357 6.49 45.36 -4.47
N GLY A 358 6.45 44.85 -3.23
CA GLY A 358 5.57 43.73 -2.89
C GLY A 358 6.07 42.40 -3.38
N SER A 359 7.40 42.23 -3.35
CA SER A 359 8.05 40.97 -3.71
C SER A 359 8.96 40.54 -2.56
N ILE A 360 9.55 39.36 -2.69
CA ILE A 360 10.36 38.74 -1.64
C ILE A 360 11.78 38.52 -2.12
N GLU A 361 12.75 38.95 -1.32
CA GLU A 361 14.15 38.55 -1.50
C GLU A 361 14.47 37.44 -0.51
N ALA A 362 14.91 36.29 -1.02
CA ALA A 362 15.39 35.18 -0.19
C ALA A 362 16.89 35.29 -0.04
N VAL A 363 17.32 35.73 1.13
CA VAL A 363 18.73 35.95 1.42
C VAL A 363 19.34 34.65 1.96
N ILE A 364 20.37 34.15 1.30
CA ILE A 364 20.98 32.88 1.70
C ILE A 364 21.70 33.00 3.05
N ALA A 365 21.30 32.17 4.00
CA ALA A 365 21.87 32.13 5.36
C ALA A 365 23.01 31.12 5.47
N TYR A 366 22.77 29.93 4.92
CA TYR A 366 23.82 28.93 4.72
C TYR A 366 23.37 28.03 3.58
N SER A 367 24.33 27.29 3.01
CA SER A 367 24.13 26.68 1.70
C SER A 367 24.89 25.37 1.61
N GLY A 368 24.19 24.33 1.15
CA GLY A 368 24.75 22.99 1.09
C GLY A 368 24.45 22.24 -0.19
N VAL A 369 24.70 20.93 -0.14
CA VAL A 369 24.60 20.03 -1.28
C VAL A 369 23.59 18.94 -0.92
N GLN A 370 22.61 18.71 -1.80
CA GLN A 370 21.61 17.69 -1.56
C GLN A 370 22.14 16.27 -1.81
N ASP A 371 23.01 16.12 -2.81
CA ASP A 371 23.67 14.86 -3.12
C ASP A 371 24.98 15.16 -3.84
N TRP A 372 26.05 14.52 -3.41
CA TRP A 372 27.40 14.82 -3.90
C TRP A 372 27.82 14.02 -5.14
N GLY A 373 26.97 13.10 -5.59
CA GLY A 373 27.32 12.18 -6.67
C GLY A 373 26.56 12.38 -7.95
N ARG A 374 26.32 11.28 -8.66
CA ARG A 374 25.71 11.30 -10.00
C ARG A 374 24.18 11.38 -9.94
N SER A 375 23.67 12.42 -9.29
CA SER A 375 22.24 12.68 -9.23
C SER A 375 21.95 14.17 -9.38
N TYR A 376 20.70 14.46 -9.72
CA TYR A 376 20.27 15.81 -10.08
C TYR A 376 18.76 15.84 -10.12
N ALA A 377 18.20 17.04 -10.25
CA ALA A 377 16.77 17.24 -10.52
C ALA A 377 15.90 16.76 -9.38
N TYR A 378 16.28 17.15 -8.15
CA TYR A 378 15.51 16.81 -6.96
C TYR A 378 14.22 17.62 -6.92
N ALA A 379 13.11 16.91 -6.70
CA ALA A 379 11.80 17.50 -6.50
C ALA A 379 11.35 17.16 -5.09
N SER A 380 10.66 18.08 -4.42
CA SER A 380 10.05 17.78 -3.13
C SER A 380 8.56 18.09 -3.16
N PHE A 381 7.82 17.37 -2.31
CA PHE A 381 6.37 17.50 -2.27
C PHE A 381 5.82 17.17 -0.89
N PRO A 382 4.67 17.78 -0.53
CA PRO A 382 4.10 17.55 0.79
C PRO A 382 3.39 16.20 0.90
N VAL A 383 3.52 15.57 2.06
CA VAL A 383 2.90 14.29 2.35
C VAL A 383 2.21 14.40 3.70
N GLU A 384 1.07 13.71 3.83
CA GLU A 384 0.29 13.66 5.07
C GLU A 384 1.16 13.32 6.29
N GLY A 385 0.82 13.88 7.44
CA GLY A 385 1.62 13.73 8.66
C GLY A 385 2.75 14.75 8.81
N TYR A 386 2.62 15.87 8.11
CA TYR A 386 3.53 17.02 8.17
C TYR A 386 4.91 16.62 7.67
N ARG A 387 4.92 16.04 6.48
CA ARG A 387 6.17 15.59 5.85
C ARG A 387 6.40 16.35 4.55
N GLN A 388 7.67 16.54 4.23
CA GLN A 388 8.10 16.99 2.93
C GLN A 388 9.07 15.94 2.42
N VAL A 389 8.74 15.33 1.28
CA VAL A 389 9.50 14.21 0.74
C VAL A 389 10.18 14.63 -0.55
N SER A 390 11.46 14.25 -0.70
CA SER A 390 12.28 14.63 -1.83
C SER A 390 12.80 13.39 -2.56
N VAL A 391 12.91 13.51 -3.88
CA VAL A 391 13.44 12.43 -4.71
C VAL A 391 14.13 13.04 -5.93
N GLY A 392 15.20 12.40 -6.39
CA GLY A 392 15.97 12.88 -7.53
C GLY A 392 16.17 11.81 -8.58
N TRP A 393 16.98 12.17 -9.57
CA TRP A 393 17.30 11.30 -10.70
C TRP A 393 18.78 10.92 -10.63
N ILE A 394 19.06 9.62 -10.67
CA ILE A 394 20.43 9.11 -10.77
C ILE A 394 20.68 8.74 -12.24
N TYR A 395 21.61 9.45 -12.87
CA TYR A 395 22.00 9.15 -14.24
C TYR A 395 23.01 8.01 -14.26
N GLU A 396 23.27 7.45 -15.44
CA GLU A 396 24.25 6.38 -15.60
C GLU A 396 25.66 6.99 -15.57
N ASP A 397 26.68 6.15 -15.58
CA ASP A 397 28.05 6.62 -15.77
C ASP A 397 28.61 6.05 -17.07
N ASP A 398 27.95 6.43 -18.15
CA ASP A 398 28.29 6.02 -19.51
C ASP A 398 28.10 7.25 -20.41
N ASP A 399 28.83 8.31 -20.08
CA ASP A 399 28.65 9.62 -20.74
C ASP A 399 28.98 9.66 -22.23
N ASN A 400 29.84 8.74 -22.69
CA ASN A 400 30.12 8.60 -24.12
C ASN A 400 29.12 7.68 -24.86
N VAL A 401 28.12 7.17 -24.14
CA VAL A 401 26.99 6.43 -24.73
C VAL A 401 27.49 5.18 -25.48
N ILE A 402 28.38 4.44 -24.82
CA ILE A 402 29.04 3.28 -25.42
C ILE A 402 28.19 2.02 -25.32
N LEU A 403 27.51 1.82 -24.20
CA LEU A 403 26.69 0.63 -23.96
C LEU A 403 25.21 0.93 -23.67
N ALA A 404 24.78 2.16 -23.95
CA ALA A 404 23.39 2.55 -23.69
C ALA A 404 22.37 1.73 -24.48
N LYS A 405 22.63 1.51 -25.76
CA LYS A 405 21.73 0.67 -26.59
C LYS A 405 21.68 -0.77 -26.09
N GLN A 406 22.82 -1.27 -25.63
CA GLN A 406 22.93 -2.62 -25.09
C GLN A 406 22.14 -2.77 -23.78
N PHE A 407 22.15 -1.71 -22.95
CA PHE A 407 21.28 -1.64 -21.76
C PHE A 407 19.81 -1.68 -22.18
N GLY A 408 19.44 -0.83 -23.13
CA GLY A 408 18.04 -0.64 -23.51
C GLY A 408 17.27 0.30 -22.60
N TYR A 409 17.99 1.00 -21.72
CA TYR A 409 17.41 1.98 -20.81
C TYR A 409 18.52 2.89 -20.28
N GLN A 410 18.13 4.04 -19.74
CA GLN A 410 19.03 4.92 -19.00
C GLN A 410 18.29 5.57 -17.84
N GLY A 411 18.88 5.51 -16.66
CA GLY A 411 18.45 6.31 -15.51
C GLY A 411 17.58 5.59 -14.51
N ALA A 412 17.55 6.13 -13.30
CA ALA A 412 16.66 5.67 -12.23
C ALA A 412 16.41 6.83 -11.28
N PHE A 413 15.48 6.66 -10.35
CA PHE A 413 15.33 7.61 -9.24
C PHE A 413 16.32 7.27 -8.14
N THR A 414 16.54 8.26 -7.26
CA THR A 414 17.08 8.02 -5.94
C THR A 414 15.99 7.34 -5.09
N LEU A 415 16.31 7.04 -3.85
CA LEU A 415 15.27 6.69 -2.88
C LEU A 415 14.53 7.96 -2.47
N PHE A 416 13.33 7.78 -1.94
CA PHE A 416 12.52 8.89 -1.45
C PHE A 416 13.02 9.27 -0.06
N ARG A 417 13.18 10.56 0.18
CA ARG A 417 13.83 11.07 1.38
C ARG A 417 12.93 12.04 2.12
N ASP A 418 12.70 11.80 3.41
CA ASP A 418 12.06 12.80 4.27
C ASP A 418 13.05 13.93 4.53
N LEU A 419 12.60 15.17 4.33
CA LEU A 419 13.35 16.35 4.71
C LEU A 419 12.90 16.85 6.07
N PHE A 420 13.84 17.41 6.82
CA PHE A 420 13.57 17.96 8.14
C PHE A 420 14.73 18.86 8.53
N VAL A 421 14.55 19.61 9.61
CA VAL A 421 15.65 20.39 10.18
C VAL A 421 16.43 19.49 11.13
N LYS A 422 17.66 19.18 10.76
CA LYS A 422 18.56 18.40 11.62
C LYS A 422 19.12 19.34 12.68
N VAL A 423 18.92 18.97 13.96
CA VAL A 423 19.41 19.75 15.09
C VAL A 423 20.36 18.85 15.89
N VAL A 424 21.59 19.33 16.11
CA VAL A 424 22.56 18.63 16.95
C VAL A 424 22.83 19.49 18.17
N GLU A 425 22.53 18.96 19.35
CA GLU A 425 22.71 19.69 20.59
C GLU A 425 24.03 19.34 21.24
N ASN A 426 24.46 20.22 22.15
CA ASN A 426 25.65 20.00 22.97
C ASN A 426 26.92 19.79 22.16
N VAL A 427 27.07 20.56 21.08
CA VAL A 427 28.24 20.47 20.24
C VAL A 427 29.36 21.25 20.91
N SER A 428 30.55 20.64 20.92
CA SER A 428 31.75 21.27 21.47
C SER A 428 32.23 22.39 20.55
N PRO A 429 32.55 23.58 21.12
CA PRO A 429 33.16 24.65 20.33
C PRO A 429 34.54 24.33 19.74
N SER A 430 35.19 23.27 20.20
CA SER A 430 36.48 22.85 19.65
C SER A 430 36.36 21.98 18.39
N THR A 431 35.14 21.67 17.97
CA THR A 431 34.90 21.05 16.66
C THR A 431 35.60 21.90 15.58
N PRO A 432 36.58 21.32 14.86
CA PRO A 432 37.30 22.07 13.84
C PRO A 432 36.39 22.73 12.79
N GLY A 433 36.63 24.00 12.52
CA GLY A 433 35.89 24.75 11.51
C GLY A 433 34.44 25.02 11.80
N LEU A 434 33.99 24.85 13.05
CA LEU A 434 32.56 24.89 13.39
C LEU A 434 31.92 26.23 13.12
N PHE A 435 32.64 27.31 13.42
CA PHE A 435 32.03 28.64 13.37
C PHE A 435 32.07 29.29 12.00
N GLU A 436 32.64 28.58 11.01
CA GLU A 436 32.51 29.02 9.63
C GLU A 436 31.07 28.87 9.12
N GLN A 437 30.24 28.03 9.75
CA GLN A 437 28.79 27.99 9.48
C GLN A 437 28.46 27.94 7.97
N ALA A 438 29.13 27.03 7.28
CA ALA A 438 29.09 26.93 5.81
C ALA A 438 27.78 26.36 5.26
N SER A 439 27.47 25.11 5.61
CA SER A 439 26.19 24.48 5.31
C SER A 439 25.38 24.18 6.59
N TRP A 440 25.66 24.92 7.67
CA TRP A 440 24.93 24.81 8.92
C TRP A 440 24.95 26.15 9.63
N SER A 441 24.08 26.32 10.62
N SER A 441 24.07 26.33 10.61
CA SER A 441 24.11 27.48 11.51
CA SER A 441 24.13 27.49 11.51
C SER A 441 24.53 27.02 12.89
C SER A 441 24.53 27.02 12.89
N THR A 442 25.08 27.95 13.67
CA THR A 442 25.47 27.69 15.06
C THR A 442 24.78 28.70 15.96
N LYS A 443 24.31 28.23 17.12
CA LYS A 443 23.83 29.12 18.16
C LYS A 443 24.50 28.73 19.47
N ASN A 444 25.25 29.66 20.04
CA ASN A 444 25.89 29.47 21.33
C ASN A 444 24.90 29.33 22.47
N SER A 445 25.27 28.53 23.46
CA SER A 445 24.62 28.54 24.77
C SER A 445 24.90 29.88 25.45
N THR A 446 24.11 30.21 26.47
CA THR A 446 24.32 31.44 27.27
C THR A 446 25.77 31.58 27.75
N ASP A 447 26.34 30.48 28.26
CA ASP A 447 27.71 30.49 28.81
C ASP A 447 28.84 30.31 27.78
N GLY A 448 28.49 30.15 26.50
CA GLY A 448 29.48 30.01 25.43
C GLY A 448 30.22 28.69 25.36
N MET A 449 29.83 27.70 26.16
CA MET A 449 30.57 26.43 26.30
C MET A 449 30.00 25.28 25.48
N SER A 450 28.82 25.47 24.90
CA SER A 450 28.26 24.50 23.94
C SER A 450 27.50 25.24 22.85
N VAL A 451 27.23 24.51 21.78
CA VAL A 451 26.65 25.06 20.56
C VAL A 451 25.52 24.14 20.10
N THR A 452 24.46 24.74 19.57
CA THR A 452 23.42 24.00 18.87
C THR A 452 23.65 24.20 17.37
N VAL A 453 23.77 23.10 16.64
CA VAL A 453 23.97 23.12 15.19
C VAL A 453 22.66 22.80 14.49
N THR A 454 22.34 23.56 13.45
CA THR A 454 21.15 23.35 12.64
C THR A 454 21.58 23.22 11.18
N THR A 455 21.01 22.23 10.49
CA THR A 455 21.26 22.06 9.05
C THR A 455 20.08 21.32 8.42
N LEU A 456 20.15 21.07 7.11
CA LEU A 456 19.13 20.28 6.43
C LEU A 456 19.37 18.81 6.70
N GLY A 457 18.33 18.13 7.19
CA GLY A 457 18.36 16.69 7.38
C GLY A 457 17.70 15.99 6.21
N GLN A 458 18.25 14.83 5.85
CA GLN A 458 17.66 13.94 4.85
C GLN A 458 17.77 12.51 5.35
N ARG A 459 16.67 11.77 5.30
CA ARG A 459 16.68 10.34 5.64
C ARG A 459 15.72 9.61 4.74
N VAL A 460 16.05 8.36 4.41
CA VAL A 460 15.18 7.54 3.57
C VAL A 460 13.85 7.37 4.29
N VAL A 461 12.76 7.49 3.54
CA VAL A 461 11.42 7.37 4.12
C VAL A 461 11.28 6.03 4.86
N PRO A 462 10.68 6.04 6.07
CA PRO A 462 10.64 4.82 6.88
C PRO A 462 9.85 3.65 6.27
N GLU A 463 8.89 3.96 5.39
CA GLU A 463 8.14 2.92 4.67
C GLU A 463 9.07 2.03 3.84
N THR A 464 10.06 2.65 3.20
CA THR A 464 11.04 1.95 2.39
C THR A 464 11.99 1.13 3.26
N LEU A 465 12.50 1.73 4.33
CA LEU A 465 13.41 1.02 5.23
C LEU A 465 12.73 -0.20 5.86
N ALA A 466 11.48 -0.03 6.30
CA ALA A 466 10.71 -1.13 6.88
C ALA A 466 10.46 -2.26 5.88
N ALA A 467 10.09 -1.90 4.66
CA ALA A 467 9.85 -2.88 3.60
C ALA A 467 11.13 -3.62 3.18
N TYR A 468 12.22 -2.86 3.01
CA TYR A 468 13.53 -3.43 2.71
C TYR A 468 13.97 -4.44 3.76
N LYS A 469 13.93 -4.02 5.03
CA LYS A 469 14.38 -4.88 6.12
C LYS A 469 13.50 -6.11 6.27
N GLY A 470 12.17 -5.93 6.19
CA GLY A 470 11.23 -7.03 6.35
C GLY A 470 11.28 -8.09 5.27
N ASN A 471 11.60 -7.69 4.04
CA ASN A 471 11.68 -8.60 2.90
C ASN A 471 13.08 -9.23 2.72
N SER A 472 14.09 -8.64 3.36
CA SER A 472 15.47 -9.11 3.24
C SER A 472 15.80 -10.24 4.22
N THR A 473 16.87 -10.97 3.91
CA THR A 473 17.55 -11.81 4.89
C THR A 473 18.49 -10.89 5.66
N VAL A 474 18.19 -10.67 6.93
CA VAL A 474 18.93 -9.73 7.77
C VAL A 474 19.98 -10.47 8.57
N SER A 475 21.24 -10.04 8.46
CA SER A 475 22.32 -10.55 9.30
C SER A 475 22.82 -9.41 10.17
N THR A 476 22.67 -9.57 11.49
CA THR A 476 23.20 -8.63 12.47
C THR A 476 24.60 -9.10 12.82
N LEU A 477 25.59 -8.25 12.55
CA LEU A 477 27.00 -8.65 12.61
C LEU A 477 27.63 -8.17 13.91
N ALA A 478 28.61 -8.93 14.39
CA ALA A 478 29.31 -8.61 15.62
C ALA A 478 30.15 -7.34 15.44
N PRO A 479 30.25 -6.50 16.48
CA PRO A 479 31.08 -5.31 16.38
C PRO A 479 32.57 -5.67 16.25
N VAL A 480 33.33 -4.76 15.64
CA VAL A 480 34.73 -5.01 15.25
C VAL A 480 35.58 -3.83 15.71
N MET A 481 36.72 -4.12 16.33
CA MET A 481 37.76 -3.11 16.56
C MET A 481 38.79 -3.23 15.45
N LEU A 482 38.95 -2.17 14.67
CA LEU A 482 39.95 -2.11 13.62
C LEU A 482 41.20 -1.50 14.21
N ASN A 483 42.23 -2.31 14.39
CA ASN A 483 43.47 -1.90 15.06
C ASN A 483 44.68 -2.39 14.23
N GLU A 484 45.82 -2.63 14.87
CA GLU A 484 47.02 -3.14 14.17
C GLU A 484 46.80 -4.46 13.43
N SER A 485 45.85 -5.28 13.89
CA SER A 485 45.57 -6.59 13.27
C SER A 485 44.63 -6.53 12.06
N ALA A 486 44.06 -5.36 11.77
CA ALA A 486 43.05 -5.25 10.70
C ALA A 486 43.71 -5.38 9.33
N ALA A 487 43.15 -6.27 8.50
CA ALA A 487 43.52 -6.33 7.10
C ALA A 487 42.98 -5.10 6.39
N ALA A 488 43.48 -4.83 5.19
CA ALA A 488 43.01 -3.72 4.36
C ALA A 488 41.51 -3.89 4.07
N TYR A 489 41.12 -5.12 3.75
CA TYR A 489 39.73 -5.51 3.52
C TYR A 489 39.38 -6.77 4.33
N THR A 490 38.26 -6.70 5.07
CA THR A 490 37.74 -7.80 5.86
C THR A 490 36.30 -8.08 5.43
N PRO A 491 36.06 -9.18 4.68
CA PRO A 491 34.69 -9.54 4.33
C PRO A 491 33.79 -9.75 5.56
N PHE A 492 32.53 -9.32 5.46
CA PHE A 492 31.57 -9.59 6.53
C PHE A 492 31.38 -11.09 6.70
N SER A 493 31.05 -11.50 7.93
CA SER A 493 30.83 -12.90 8.26
C SER A 493 29.63 -13.52 7.51
N SER A 494 28.67 -12.68 7.13
CA SER A 494 27.60 -13.04 6.20
C SER A 494 27.75 -12.20 4.94
N GLN A 495 27.51 -12.83 3.78
CA GLN A 495 27.69 -12.17 2.49
C GLN A 495 26.37 -12.00 1.76
N PRO A 496 26.27 -10.96 0.90
CA PRO A 496 25.14 -10.84 -0.01
C PRO A 496 25.08 -12.02 -1.00
N THR A 497 23.90 -12.23 -1.58
CA THR A 497 23.71 -13.28 -2.58
C THR A 497 23.52 -12.73 -4.01
N ASP A 498 23.44 -11.41 -4.15
CA ASP A 498 23.22 -10.76 -5.44
C ASP A 498 23.55 -9.26 -5.27
N ARG A 499 23.20 -8.43 -6.25
CA ARG A 499 23.54 -7.00 -6.23
C ARG A 499 22.44 -6.11 -5.64
N PHE A 500 21.69 -6.64 -4.68
CA PHE A 500 20.55 -5.94 -4.08
C PHE A 500 20.62 -6.10 -2.59
N TYR A 501 21.22 -5.12 -1.93
CA TYR A 501 21.40 -5.17 -0.49
C TYR A 501 21.68 -3.82 0.14
N ALA A 502 21.53 -3.78 1.47
CA ALA A 502 21.82 -2.60 2.27
C ALA A 502 22.80 -2.95 3.38
N LEU A 503 23.68 -2.01 3.67
CA LEU A 503 24.62 -2.12 4.78
C LEU A 503 24.43 -0.93 5.69
N THR A 504 24.65 -1.14 6.98
CA THR A 504 24.72 -0.03 7.91
C THR A 504 25.80 -0.29 8.95
N GLY A 505 26.39 0.78 9.46
CA GLY A 505 27.38 0.69 10.52
C GLY A 505 27.71 2.03 11.15
N SER A 506 28.14 2.00 12.41
CA SER A 506 28.56 3.18 13.14
C SER A 506 30.05 3.09 13.37
N PHE A 507 30.79 4.04 12.81
CA PHE A 507 32.25 4.07 12.88
C PHE A 507 32.66 5.10 13.91
N GLU A 508 33.32 4.65 14.98
CA GLU A 508 33.74 5.51 16.07
C GLU A 508 35.23 5.78 15.94
N PHE A 509 35.59 7.05 15.80
CA PHE A 509 36.96 7.48 15.55
C PHE A 509 37.50 8.29 16.72
N GLY A 510 38.80 8.22 16.96
CA GLY A 510 39.47 9.14 17.88
C GLY A 510 39.39 10.58 17.35
N LEU A 511 39.34 11.55 18.25
CA LEU A 511 39.24 12.96 17.85
C LEU A 511 40.41 13.48 17.01
N ASN A 512 41.59 12.87 17.16
CA ASN A 512 42.77 13.26 16.38
C ASN A 512 43.25 12.11 15.47
N THR A 513 42.32 11.27 15.04
CA THR A 513 42.67 10.10 14.22
C THR A 513 43.23 10.54 12.87
N THR A 514 44.12 9.70 12.33
CA THR A 514 44.52 9.78 10.93
C THR A 514 44.19 8.48 10.20
N ALA A 515 43.38 7.63 10.83
CA ALA A 515 42.96 6.36 10.23
C ALA A 515 41.80 6.64 9.27
N LYS A 516 41.64 5.73 8.31
CA LYS A 516 40.51 5.76 7.39
C LYS A 516 39.78 4.43 7.54
N ALA A 517 38.48 4.45 7.36
CA ALA A 517 37.70 3.23 7.35
C ALA A 517 36.44 3.41 6.53
N GLY A 518 35.80 2.29 6.21
CA GLY A 518 34.54 2.32 5.49
C GLY A 518 34.08 0.96 5.03
N PHE A 519 33.39 0.94 3.89
CA PHE A 519 32.83 -0.29 3.34
C PHE A 519 33.32 -0.53 1.93
N ARG A 520 33.64 -1.79 1.64
CA ARG A 520 33.81 -2.25 0.27
C ARG A 520 32.53 -2.96 -0.14
N VAL A 521 32.05 -2.69 -1.36
CA VAL A 521 30.83 -3.32 -1.89
C VAL A 521 31.03 -3.79 -3.33
N LEU A 522 30.08 -4.61 -3.80
CA LEU A 522 30.12 -5.21 -5.16
C LEU A 522 31.49 -5.79 -5.48
N ALA A 523 31.94 -6.64 -4.56
CA ALA A 523 33.33 -7.06 -4.48
C ALA A 523 33.57 -8.54 -4.78
N SER A 524 34.47 -8.78 -5.72
CA SER A 524 35.14 -10.06 -5.88
C SER A 524 36.63 -9.76 -5.71
N GLU A 525 37.49 -10.72 -5.99
CA GLU A 525 38.94 -10.49 -5.96
C GLU A 525 39.36 -9.45 -6.99
N GLU A 526 38.69 -9.42 -8.15
CA GLU A 526 39.12 -8.60 -9.29
C GLU A 526 38.36 -7.30 -9.51
N GLU A 527 37.15 -7.20 -8.97
CA GLU A 527 36.33 -6.00 -9.08
C GLU A 527 35.76 -5.66 -7.71
N TYR A 528 35.77 -4.38 -7.36
CA TYR A 528 35.26 -3.91 -6.07
C TYR A 528 35.16 -2.40 -6.07
N THR A 529 34.27 -1.88 -5.22
CA THR A 529 34.05 -0.45 -5.06
C THR A 529 34.26 -0.10 -3.60
N ASP A 530 35.13 0.87 -3.34
CA ASP A 530 35.56 1.21 -1.98
C ASP A 530 35.00 2.54 -1.53
N ILE A 531 34.27 2.49 -0.41
CA ILE A 531 33.67 3.67 0.20
C ILE A 531 34.48 3.97 1.46
N TRP A 532 35.22 5.07 1.45
CA TRP A 532 36.13 5.45 2.52
C TRP A 532 35.65 6.72 3.21
N PHE A 533 35.81 6.78 4.53
CA PHE A 533 35.79 8.06 5.22
C PHE A 533 37.15 8.33 5.87
N ASP A 534 37.63 9.55 5.69
CA ASP A 534 38.92 10.01 6.18
C ASP A 534 38.65 11.22 7.08
N PRO A 535 38.45 10.99 8.40
CA PRO A 535 38.11 12.11 9.30
C PRO A 535 39.11 13.28 9.32
N ALA A 536 40.40 13.01 9.11
CA ALA A 536 41.42 14.07 9.11
C ALA A 536 41.21 15.09 7.97
N SER A 537 40.76 14.62 6.81
CA SER A 537 40.44 15.50 5.67
C SER A 537 38.96 15.88 5.57
N GLU A 538 38.11 15.21 6.34
CA GLU A 538 36.64 15.37 6.32
C GLU A 538 36.01 14.91 5.00
N ASN A 539 36.67 13.96 4.32
CA ASN A 539 36.27 13.51 3.00
C ASN A 539 35.69 12.10 3.03
N LEU A 540 34.47 11.97 2.52
CA LEU A 540 33.87 10.69 2.20
C LEU A 540 34.11 10.46 0.72
N THR A 541 34.81 9.40 0.36
CA THR A 541 35.13 9.11 -1.05
C THR A 541 34.59 7.75 -1.48
N VAL A 542 34.29 7.63 -2.78
CA VAL A 542 34.01 6.34 -3.41
C VAL A 542 35.04 6.15 -4.51
N VAL A 543 35.97 5.22 -4.27
CA VAL A 543 37.05 4.94 -5.22
C VAL A 543 36.57 3.83 -6.14
N ARG A 544 36.60 4.11 -7.44
CA ARG A 544 36.01 3.25 -8.45
C ARG A 544 37.02 2.80 -9.51
N THR A 545 38.31 2.87 -9.20
CA THR A 545 39.37 2.40 -10.10
C THR A 545 39.28 0.90 -10.44
N ALA A 546 38.74 0.12 -9.50
CA ALA A 546 38.55 -1.31 -9.70
C ALA A 546 37.08 -1.72 -9.77
N SER A 547 36.15 -0.76 -9.87
CA SER A 547 34.71 -1.08 -9.86
C SER A 547 34.28 -2.06 -10.94
N SER A 548 34.90 -1.98 -12.13
CA SER A 548 34.56 -2.85 -13.24
C SER A 548 35.74 -3.16 -14.16
N LEU A 549 35.74 -4.38 -14.70
CA LEU A 549 36.62 -4.76 -15.81
C LEU A 549 36.24 -4.07 -17.12
N ILE A 550 34.99 -3.59 -17.21
CA ILE A 550 34.51 -2.89 -18.40
C ILE A 550 35.00 -1.45 -18.33
N LYS A 551 35.87 -1.07 -19.26
CA LYS A 551 36.61 0.19 -19.16
C LYS A 551 35.88 1.43 -19.67
N SER A 552 34.75 1.26 -20.34
CA SER A 552 34.02 2.41 -20.90
C SER A 552 33.18 3.17 -19.86
N PHE A 553 32.87 2.54 -18.73
CA PHE A 553 32.16 3.21 -17.64
C PHE A 553 33.08 4.12 -16.85
N GLY A 554 32.51 5.16 -16.23
CA GLY A 554 33.27 6.10 -15.43
C GLY A 554 33.93 5.41 -14.24
N ASN A 555 35.16 5.82 -13.95
CA ASN A 555 35.94 5.28 -12.83
C ASN A 555 36.55 6.36 -11.93
N ASP A 556 36.08 7.59 -12.05
CA ASP A 556 36.56 8.72 -11.23
C ASP A 556 36.08 8.59 -9.79
N THR A 557 36.88 9.13 -8.87
CA THR A 557 36.58 9.07 -7.44
C THR A 557 35.49 10.08 -7.07
N GLU A 558 34.45 9.61 -6.40
CA GLU A 558 33.40 10.50 -5.88
C GLU A 558 33.89 11.09 -4.57
N LEU A 559 33.40 12.27 -4.23
CA LEU A 559 33.77 12.95 -2.98
C LEU A 559 32.61 13.73 -2.35
N ALA A 560 32.41 13.53 -1.05
CA ALA A 560 31.53 14.38 -0.25
C ALA A 560 32.27 14.88 0.97
N LYS A 561 31.95 16.10 1.39
CA LYS A 561 32.43 16.63 2.67
C LYS A 561 31.45 16.23 3.76
N VAL A 562 31.97 15.79 4.91
CA VAL A 562 31.14 15.43 6.07
C VAL A 562 31.73 16.08 7.31
N LYS A 563 30.92 16.89 7.99
CA LYS A 563 31.33 17.49 9.26
C LYS A 563 30.88 16.61 10.42
N LEU A 564 31.84 16.06 11.15
CA LEU A 564 31.55 15.32 12.38
C LEU A 564 31.51 16.30 13.55
N TYR A 565 30.29 16.65 13.97
CA TYR A 565 30.08 17.61 15.06
C TYR A 565 30.43 16.89 16.36
N GLU A 566 31.48 17.34 17.03
CA GLU A 566 31.97 16.70 18.24
C GLU A 566 31.12 17.14 19.42
N ILE A 567 30.76 16.20 20.27
CA ILE A 567 29.85 16.46 21.39
C ILE A 567 30.65 16.77 22.66
N VAL A 568 30.15 17.71 23.45
CA VAL A 568 30.80 18.12 24.70
C VAL A 568 31.00 16.89 25.59
N GLY A 569 32.24 16.67 26.03
CA GLY A 569 32.56 15.55 26.91
C GLY A 569 32.95 14.25 26.22
N ALA A 570 32.71 14.15 24.91
CA ALA A 570 33.03 12.94 24.17
C ALA A 570 34.52 12.90 23.84
N GLU A 571 35.09 11.69 23.84
CA GLU A 571 36.49 11.46 23.48
C GLU A 571 36.62 10.78 22.12
N SER A 572 35.55 10.83 21.33
CA SER A 572 35.49 10.22 20.02
C SER A 572 34.44 10.94 19.20
N LYS A 573 34.43 10.65 17.90
CA LYS A 573 33.47 11.21 16.97
C LYS A 573 32.98 10.09 16.05
N THR A 574 31.68 10.13 15.72
CA THR A 574 31.02 9.00 15.09
C THR A 574 30.45 9.33 13.71
N LEU A 575 30.66 8.39 12.77
CA LEU A 575 30.05 8.40 11.46
C LEU A 575 29.08 7.23 11.36
N ASN A 576 27.80 7.54 11.22
CA ASN A 576 26.78 6.54 10.92
C ASN A 576 26.60 6.49 9.41
N LEU A 577 26.92 5.35 8.83
CA LEU A 577 26.99 5.19 7.38
C LEU A 577 26.05 4.08 6.93
N THR A 578 25.13 4.41 6.03
CA THR A 578 24.23 3.43 5.41
C THR A 578 24.46 3.44 3.90
N VAL A 579 24.54 2.25 3.31
CA VAL A 579 24.78 2.08 1.88
C VAL A 579 23.73 1.17 1.29
N PHE A 580 23.09 1.63 0.20
CA PHE A 580 22.18 0.80 -0.59
C PHE A 580 22.86 0.45 -1.90
N VAL A 581 22.88 -0.85 -2.19
CA VAL A 581 23.43 -1.38 -3.43
C VAL A 581 22.24 -1.98 -4.18
N ASP A 582 22.02 -1.51 -5.39
CA ASP A 582 20.80 -1.84 -6.15
C ASP A 582 21.13 -1.91 -7.64
N GLY A 583 21.56 -3.08 -8.09
CA GLY A 583 22.03 -3.27 -9.45
C GLY A 583 23.35 -2.56 -9.62
N SER A 584 23.33 -1.43 -10.31
CA SER A 584 24.49 -0.57 -10.48
C SER A 584 24.49 0.67 -9.57
N VAL A 585 23.37 0.95 -8.91
CA VAL A 585 23.30 2.10 -8.00
C VAL A 585 23.97 1.78 -6.67
N ILE A 586 24.83 2.69 -6.24
CA ILE A 586 25.34 2.73 -4.87
C ILE A 586 24.88 4.07 -4.31
N GLU A 587 24.02 4.02 -3.28
CA GLU A 587 23.46 5.22 -2.68
C GLU A 587 23.81 5.25 -1.19
N ILE A 588 24.55 6.28 -0.80
CA ILE A 588 25.20 6.36 0.51
C ILE A 588 24.58 7.50 1.31
N TYR A 589 24.27 7.22 2.58
CA TYR A 589 23.75 8.22 3.51
C TYR A 589 24.64 8.26 4.75
N ALA A 590 25.04 9.46 5.16
CA ALA A 590 25.83 9.64 6.38
C ALA A 590 25.18 10.62 7.35
N ASN A 591 24.95 10.15 8.58
CA ASN A 591 24.44 10.97 9.68
C ASN A 591 23.12 11.72 9.36
N ASP A 592 22.27 11.11 8.54
CA ASP A 592 21.00 11.71 8.11
C ASP A 592 21.18 13.13 7.55
N GLU A 593 22.26 13.32 6.79
CA GLU A 593 22.71 14.66 6.39
C GLU A 593 23.34 14.66 5.02
N VAL A 594 24.36 13.81 4.83
CA VAL A 594 25.13 13.75 3.60
C VAL A 594 24.65 12.57 2.76
N ALA A 595 24.38 12.84 1.49
CA ALA A 595 23.98 11.80 0.55
C ALA A 595 24.92 11.79 -0.64
N LEU A 596 25.24 10.60 -1.14
CA LEU A 596 26.11 10.44 -2.31
C LEU A 596 25.62 9.24 -3.13
N SER A 597 25.12 9.52 -4.33
CA SER A 597 24.64 8.50 -5.27
C SER A 597 25.69 8.31 -6.35
N THR A 598 26.02 7.06 -6.67
CA THR A 598 26.97 6.78 -7.76
C THR A 598 26.64 5.47 -8.44
N ARG A 599 27.49 5.08 -9.40
CA ARG A 599 27.28 3.91 -10.22
C ARG A 599 28.52 3.02 -10.27
N ALA A 600 28.30 1.71 -10.23
CA ALA A 600 29.36 0.71 -10.45
C ALA A 600 28.79 -0.43 -11.28
N TYR A 601 29.54 -0.85 -12.29
CA TYR A 601 29.07 -1.87 -13.25
C TYR A 601 30.03 -3.06 -13.38
N PRO A 602 30.32 -3.77 -12.26
CA PRO A 602 31.19 -4.94 -12.38
C PRO A 602 30.61 -6.01 -13.28
N TRP A 603 31.46 -6.61 -14.11
CA TRP A 603 31.04 -7.66 -15.05
C TRP A 603 30.83 -9.02 -14.39
N LEU A 604 31.72 -9.42 -13.49
CA LEU A 604 31.73 -10.79 -12.99
C LEU A 604 30.53 -11.08 -12.09
N ALA A 605 29.96 -12.27 -12.27
CA ALA A 605 28.76 -12.69 -11.55
C ALA A 605 28.94 -12.69 -10.03
N ASN A 606 30.16 -12.95 -9.56
CA ASN A 606 30.43 -13.01 -8.13
C ASN A 606 31.01 -11.71 -7.53
N SER A 607 30.95 -10.59 -8.28
CA SER A 607 31.34 -9.29 -7.74
C SER A 607 30.16 -8.67 -6.97
N THR A 608 29.78 -9.35 -5.91
CA THR A 608 28.64 -8.99 -5.06
C THR A 608 29.00 -8.84 -3.58
N GLY A 609 30.23 -9.19 -3.20
CA GLY A 609 30.62 -9.25 -1.80
C GLY A 609 30.76 -7.90 -1.14
N ALA A 610 30.84 -7.92 0.18
CA ALA A 610 30.98 -6.71 0.97
C ALA A 610 31.70 -6.94 2.29
N GLY A 611 32.29 -5.88 2.81
CA GLY A 611 33.00 -5.94 4.09
C GLY A 611 33.58 -4.61 4.50
N LEU A 612 34.48 -4.66 5.47
CA LEU A 612 35.05 -3.48 6.09
C LEU A 612 36.40 -3.12 5.51
N LEU A 613 36.61 -1.81 5.35
CA LEU A 613 37.88 -1.26 4.89
C LEU A 613 38.58 -0.57 6.04
N ALA A 614 39.90 -0.72 6.10
CA ALA A 614 40.71 -0.11 7.15
C ALA A 614 42.05 0.33 6.56
N ASP A 615 42.45 1.56 6.88
CA ASP A 615 43.76 2.07 6.47
C ASP A 615 44.35 2.88 7.62
N GLY A 616 45.59 2.56 7.97
CA GLY A 616 46.29 3.25 9.04
C GLY A 616 45.75 3.04 10.44
N THR A 617 45.01 1.94 10.64
CA THR A 617 44.58 1.56 11.98
C THR A 617 45.72 0.84 12.69
N THR A 618 45.95 1.23 13.94
CA THR A 618 47.08 0.73 14.73
C THR A 618 46.59 0.39 16.12
N ALA A 619 47.50 -0.09 16.98
CA ALA A 619 47.19 -0.32 18.39
C ALA A 619 46.73 0.97 19.10
N GLY A 620 47.30 2.10 18.68
CA GLY A 620 46.99 3.41 19.25
C GLY A 620 45.84 4.13 18.57
N ASP A 621 45.73 3.99 17.24
CA ASP A 621 44.73 4.70 16.45
C ASP A 621 43.70 3.67 15.95
N VAL A 622 42.68 3.45 16.76
CA VAL A 622 41.72 2.37 16.57
C VAL A 622 40.42 2.95 16.03
N VAL A 623 39.74 2.21 15.16
CA VAL A 623 38.39 2.55 14.71
C VAL A 623 37.46 1.44 15.18
N GLY A 624 36.43 1.83 15.94
CA GLY A 624 35.44 0.90 16.42
C GLY A 624 34.26 0.91 15.46
N VAL A 625 33.77 -0.27 15.10
CA VAL A 625 32.62 -0.39 14.21
C VAL A 625 31.55 -1.22 14.92
N SER A 626 30.36 -0.64 15.07
CA SER A 626 29.22 -1.31 15.72
C SER A 626 27.92 -1.01 14.98
N GLY A 627 26.83 -1.62 15.44
CA GLY A 627 25.53 -1.50 14.77
C GLY A 627 25.55 -2.04 13.35
N LEU A 628 26.38 -3.05 13.09
CA LEU A 628 26.58 -3.57 11.74
C LEU A 628 25.45 -4.50 11.35
N GLU A 629 24.82 -4.22 10.20
CA GLU A 629 23.81 -5.11 9.64
C GLU A 629 23.91 -5.17 8.12
N LEU A 630 23.62 -6.36 7.60
CA LEU A 630 23.46 -6.59 6.17
C LEU A 630 22.01 -6.97 5.93
N TRP A 631 21.34 -6.25 5.02
CA TRP A 631 20.00 -6.64 4.56
C TRP A 631 20.15 -7.16 3.13
N ASP A 632 20.06 -8.47 2.95
CA ASP A 632 20.24 -9.09 1.64
C ASP A 632 18.90 -9.29 0.94
N GLY A 633 18.73 -8.64 -0.21
CA GLY A 633 17.58 -8.88 -1.09
C GLY A 633 16.74 -7.65 -1.39
N LEU A 634 16.51 -6.83 -0.37
CA LEU A 634 15.64 -5.65 -0.47
C LEU A 634 14.23 -6.05 -0.94
N VAL A 635 13.64 -5.30 -1.86
CA VAL A 635 12.26 -5.48 -2.29
C VAL A 635 12.22 -5.43 -3.81
N ASP A 636 11.32 -6.21 -4.41
CA ASP A 636 10.99 -6.10 -5.83
C ASP A 636 10.05 -4.90 -5.96
N ALA A 637 10.59 -3.76 -6.41
CA ALA A 637 9.81 -2.51 -6.47
C ALA A 637 8.72 -2.49 -7.54
N TRP A 638 8.81 -3.39 -8.52
CA TRP A 638 7.85 -3.46 -9.63
C TRP A 638 7.35 -4.88 -9.81
N PRO A 639 6.54 -5.37 -8.86
CA PRO A 639 6.14 -6.79 -8.87
C PRO A 639 5.39 -7.26 -10.12
N ALA A 640 4.62 -6.37 -10.75
CA ALA A 640 3.88 -6.74 -11.96
C ALA A 640 4.75 -6.79 -13.22
N ARG A 641 5.95 -6.21 -13.18
CA ARG A 641 6.84 -6.22 -14.34
C ARG A 641 7.63 -7.51 -14.41
N PRO A 642 7.77 -8.09 -15.62
CA PRO A 642 8.75 -9.17 -15.78
C PRO A 642 10.17 -8.61 -15.71
N ALA A 643 11.16 -9.51 -15.67
CA ALA A 643 12.57 -9.13 -15.59
C ALA A 643 13.00 -8.23 -16.76
N ASN A 644 12.58 -8.60 -17.96
CA ASN A 644 12.90 -7.84 -19.17
C ASN A 644 11.65 -7.15 -19.70
N THR A 645 11.54 -5.84 -19.43
CA THR A 645 10.46 -5.00 -19.94
C THR A 645 10.86 -4.14 -21.16
N SER A 646 11.98 -4.48 -21.81
CA SER A 646 12.33 -3.85 -23.08
C SER A 646 11.24 -4.08 -24.13
N GLN A 647 10.98 -3.05 -24.93
CA GLN A 647 10.13 -3.16 -26.11
C GLN A 647 10.93 -2.92 -27.39
N GLY A 648 12.25 -3.08 -27.30
CA GLY A 648 13.15 -2.74 -28.39
C GLY A 648 13.42 -1.26 -28.47
N LEU A 649 14.38 -0.89 -29.32
CA LEU A 649 14.75 0.50 -29.54
C LEU A 649 14.47 0.87 -30.99
N VAL A 650 14.22 2.16 -31.20
CA VAL A 650 13.91 2.68 -32.53
C VAL A 650 14.75 3.91 -32.86
N TRP A 651 14.89 4.15 -34.15
CA TRP A 651 15.57 5.32 -34.68
C TRP A 651 14.53 6.24 -35.32
N ASP A 652 14.65 7.55 -35.03
CA ASP A 652 13.73 8.57 -35.60
C ASP A 652 13.93 8.79 -37.10
N GLY A 653 15.08 8.36 -37.62
CA GLY A 653 15.36 8.43 -39.03
C GLY A 653 16.10 9.71 -39.39
N PRO A 654 16.32 9.94 -40.68
CA PRO A 654 17.05 11.11 -41.18
C PRO A 654 16.48 12.48 -40.80
N THR A 655 15.17 12.58 -40.52
CA THR A 655 14.58 13.87 -40.13
C THR A 655 15.00 14.35 -38.75
N ALA A 656 15.50 13.47 -37.87
CA ALA A 656 15.97 13.91 -36.55
C ALA A 656 17.05 14.99 -36.68
N ALA A 657 18.01 14.76 -37.56
CA ALA A 657 19.07 15.74 -37.84
C ALA A 657 18.55 17.00 -38.55
N MET A 658 17.53 16.85 -39.39
CA MET A 658 16.92 17.99 -40.08
C MET A 658 16.21 18.93 -39.11
N TYR A 659 15.45 18.37 -38.18
CA TYR A 659 14.74 19.18 -37.18
C TYR A 659 15.71 19.73 -36.13
N GLY A 660 16.73 18.95 -35.80
CA GLY A 660 17.80 19.39 -34.92
C GLY A 660 17.43 19.55 -33.45
N LEU A 661 16.38 18.85 -33.03
CA LEU A 661 15.85 18.95 -31.67
C LEU A 661 16.28 17.80 -30.76
N PHE A 662 16.27 16.58 -31.32
CA PHE A 662 16.54 15.36 -30.56
C PHE A 662 17.62 14.56 -31.26
N ALA A 663 18.44 13.84 -30.50
CA ALA A 663 19.48 12.97 -31.07
C ALA A 663 18.88 11.97 -32.07
N GLY A 664 17.71 11.44 -31.73
CA GLY A 664 16.97 10.55 -32.63
C GLY A 664 17.01 9.07 -32.26
N TYR A 665 17.74 8.73 -31.20
CA TYR A 665 17.87 7.34 -30.75
C TYR A 665 17.91 7.29 -29.23
N CYS B 42 -37.31 15.38 9.71
CA CYS B 42 -37.15 14.82 11.09
C CYS B 42 -36.05 15.49 11.88
N SER B 43 -36.03 15.25 13.18
CA SER B 43 -34.96 15.72 14.05
C SER B 43 -33.80 14.73 14.02
N LEU B 44 -32.59 15.28 13.85
CA LEU B 44 -31.35 14.51 13.93
C LEU B 44 -30.59 14.86 15.20
N ASP B 45 -31.33 15.30 16.23
CA ASP B 45 -30.73 15.65 17.50
C ASP B 45 -30.41 14.37 18.27
N GLN B 46 -29.13 14.03 18.33
CA GLN B 46 -28.66 12.85 19.05
C GLN B 46 -28.31 13.12 20.52
N THR B 47 -28.71 14.28 21.05
CA THR B 47 -28.61 14.55 22.50
C THR B 47 -29.91 14.26 23.25
N VAL B 48 -30.98 13.96 22.52
CA VAL B 48 -32.26 13.59 23.11
C VAL B 48 -32.75 12.30 22.47
N ALA B 49 -33.81 11.72 23.03
CA ALA B 49 -34.37 10.46 22.53
C ALA B 49 -34.80 10.59 21.07
N PRO B 50 -34.71 9.50 20.29
CA PRO B 50 -35.06 9.59 18.88
C PRO B 50 -36.57 9.74 18.70
N GLY B 51 -36.97 10.53 17.72
CA GLY B 51 -38.36 10.61 17.33
C GLY B 51 -38.70 9.49 16.37
N ASN B 52 -39.69 9.77 15.52
CA ASN B 52 -40.11 8.84 14.49
C ASN B 52 -39.18 9.03 13.30
N LEU B 53 -38.15 8.19 13.22
CA LEU B 53 -37.14 8.31 12.18
C LEU B 53 -37.61 7.87 10.78
N THR B 54 -38.78 7.23 10.69
CA THR B 54 -39.38 6.91 9.39
C THR B 54 -39.84 8.16 8.61
N LEU B 55 -40.00 9.27 9.32
CA LEU B 55 -40.30 10.58 8.70
C LEU B 55 -39.08 11.23 8.05
N CYS B 56 -37.88 10.73 8.35
CA CYS B 56 -36.65 11.25 7.75
C CYS B 56 -36.56 10.92 6.27
N GLY B 57 -35.90 11.80 5.52
CA GLY B 57 -35.72 11.63 4.09
C GLY B 57 -34.68 10.59 3.74
N ASN B 58 -34.55 10.33 2.44
CA ASN B 58 -33.59 9.35 1.94
C ASN B 58 -32.16 9.76 2.28
N ALA B 59 -31.39 8.80 2.81
CA ALA B 59 -29.97 9.01 3.14
C ALA B 59 -29.70 10.13 4.17
N THR B 60 -30.71 10.52 4.95
CA THR B 60 -30.52 11.52 6.00
C THR B 60 -29.79 10.92 7.20
N LEU B 61 -29.83 9.59 7.34
CA LEU B 61 -29.07 8.88 8.35
C LEU B 61 -27.83 8.18 7.77
N PHE B 62 -27.29 8.71 6.67
CA PHE B 62 -26.18 8.06 5.96
C PHE B 62 -24.94 7.86 6.85
N THR B 63 -24.55 8.91 7.57
CA THR B 63 -23.32 8.86 8.38
C THR B 63 -23.55 8.40 9.82
N THR B 64 -24.81 8.30 10.25
CA THR B 64 -25.15 8.10 11.66
C THR B 64 -24.58 6.81 12.26
N PHE B 65 -24.75 5.70 11.53
CA PHE B 65 -24.36 4.37 12.01
C PHE B 65 -23.32 3.70 11.12
N ARG B 66 -22.72 4.46 10.22
CA ARG B 66 -21.97 3.89 9.10
C ARG B 66 -20.55 3.50 9.50
N PRO B 67 -20.13 2.25 9.18
CA PRO B 67 -18.73 1.90 9.40
C PRO B 67 -17.77 2.78 8.61
N LYS B 68 -16.62 3.07 9.20
CA LYS B 68 -15.57 3.87 8.56
C LYS B 68 -14.24 3.14 8.34
N ALA B 69 -14.02 2.04 9.05
CA ALA B 69 -12.72 1.36 9.09
C ALA B 69 -12.67 0.03 8.34
N ARG B 70 -13.65 -0.23 7.47
CA ARG B 70 -13.74 -1.49 6.76
C ARG B 70 -14.23 -1.33 5.33
N PHE B 71 -14.22 -2.42 4.59
CA PHE B 71 -14.73 -2.45 3.23
C PHE B 71 -16.25 -2.30 3.23
N ILE B 72 -16.73 -1.34 2.45
CA ILE B 72 -18.15 -1.08 2.27
C ILE B 72 -18.32 -0.36 0.92
N ALA B 73 -19.44 -0.59 0.26
CA ALA B 73 -19.76 0.09 -1.00
C ALA B 73 -19.88 1.59 -0.78
N PRO B 74 -19.70 2.42 -1.84
CA PRO B 74 -19.93 3.85 -1.67
C PRO B 74 -21.34 4.21 -1.20
N GLU B 75 -22.33 3.45 -1.65
CA GLU B 75 -23.72 3.67 -1.27
C GLU B 75 -24.57 2.50 -1.75
N GLY B 76 -25.83 2.47 -1.30
CA GLY B 76 -26.78 1.49 -1.78
C GLY B 76 -26.57 0.10 -1.23
N TRP B 77 -27.12 -0.88 -1.94
CA TRP B 77 -27.14 -2.26 -1.49
C TRP B 77 -25.84 -2.97 -1.85
N MET B 78 -25.30 -3.73 -0.89
CA MET B 78 -24.28 -4.73 -1.18
C MET B 78 -24.57 -6.03 -0.46
N ASN B 79 -24.09 -7.15 -1.03
CA ASN B 79 -24.03 -8.40 -0.30
C ASN B 79 -22.68 -9.13 -0.48
N ALA B 80 -22.67 -10.34 -1.06
CA ALA B 80 -21.50 -11.22 -1.05
C ALA B 80 -20.24 -10.63 -1.68
N PRO B 81 -19.07 -10.84 -1.04
CA PRO B 81 -17.81 -10.67 -1.74
C PRO B 81 -17.74 -11.59 -2.96
N MET B 82 -17.01 -11.16 -3.98
CA MET B 82 -16.83 -11.94 -5.19
C MET B 82 -15.57 -11.50 -5.92
N GLY B 83 -15.10 -12.34 -6.85
CA GLY B 83 -13.99 -11.99 -7.73
C GLY B 83 -12.71 -11.58 -7.02
N LEU B 84 -12.45 -12.19 -5.86
CA LEU B 84 -11.31 -11.83 -5.04
C LEU B 84 -10.04 -12.40 -5.61
N TYR B 85 -9.04 -11.56 -5.85
CA TYR B 85 -7.71 -12.04 -6.22
C TYR B 85 -6.63 -11.02 -5.93
N GLN B 86 -5.44 -11.54 -5.66
CA GLN B 86 -4.25 -10.71 -5.56
C GLN B 86 -3.74 -10.50 -6.97
N ARG B 87 -3.60 -9.23 -7.36
CA ARG B 87 -3.18 -8.85 -8.69
C ARG B 87 -1.66 -8.98 -8.80
N ALA B 88 -1.16 -8.91 -10.02
CA ALA B 88 0.28 -9.09 -10.30
C ALA B 88 1.18 -8.06 -9.59
N ASP B 89 0.66 -6.86 -9.34
CA ASP B 89 1.40 -5.83 -8.59
C ASP B 89 1.36 -6.01 -7.06
N GLY B 90 0.73 -7.09 -6.58
CA GLY B 90 0.65 -7.38 -5.16
C GLY B 90 -0.60 -6.85 -4.47
N SER B 91 -1.34 -5.96 -5.13
CA SER B 91 -2.56 -5.39 -4.56
C SER B 91 -3.69 -6.41 -4.59
N ILE B 92 -4.71 -6.16 -3.76
CA ILE B 92 -5.86 -7.03 -3.63
C ILE B 92 -7.02 -6.41 -4.39
N HIS B 93 -7.60 -7.18 -5.31
CA HIS B 93 -8.84 -6.80 -5.99
C HIS B 93 -9.99 -7.46 -5.24
N ALA B 94 -10.96 -6.66 -4.81
CA ALA B 94 -12.17 -7.17 -4.16
C ALA B 94 -13.40 -6.71 -4.92
N GLY B 95 -14.19 -7.68 -5.36
CA GLY B 95 -15.51 -7.42 -5.93
C GLY B 95 -16.58 -7.66 -4.90
N TYR B 96 -17.78 -7.18 -5.18
CA TYR B 96 -18.94 -7.44 -4.33
C TYR B 96 -20.24 -7.33 -5.09
N GLN B 97 -21.21 -8.13 -4.67
CA GLN B 97 -22.56 -8.05 -5.20
C GLN B 97 -23.13 -6.68 -4.83
N SER B 98 -23.59 -5.94 -5.85
CA SER B 98 -23.90 -4.51 -5.72
C SER B 98 -25.17 -4.11 -6.45
N HIS B 99 -25.99 -3.26 -5.80
CA HIS B 99 -27.13 -2.60 -6.44
C HIS B 99 -27.14 -1.11 -6.03
N PRO B 100 -26.41 -0.26 -6.77
CA PRO B 100 -26.34 1.18 -6.47
C PRO B 100 -27.71 1.86 -6.49
N LYS B 101 -27.88 2.86 -5.63
CA LYS B 101 -29.07 3.73 -5.61
C LYS B 101 -30.36 3.00 -5.25
N HIS B 102 -30.21 1.83 -4.61
CA HIS B 102 -31.31 1.02 -4.11
C HIS B 102 -30.87 0.51 -2.74
N ILE B 103 -31.84 0.15 -1.91
CA ILE B 103 -31.53 -0.46 -0.61
C ILE B 103 -32.07 -1.90 -0.44
N GLN B 104 -32.55 -2.48 -1.54
CA GLN B 104 -32.80 -3.91 -1.63
C GLN B 104 -32.08 -4.47 -2.85
N TRP B 105 -31.92 -5.79 -2.84
CA TRP B 105 -31.23 -6.54 -3.89
C TRP B 105 -31.91 -6.40 -5.24
N GLY B 106 -31.10 -6.44 -6.30
CA GLY B 106 -31.62 -6.43 -7.67
C GLY B 106 -30.56 -6.04 -8.67
N ASN B 107 -30.83 -6.31 -9.94
CA ASN B 107 -29.90 -6.07 -11.05
C ASN B 107 -28.46 -6.35 -10.66
N ILE B 108 -28.25 -7.46 -9.97
CA ILE B 108 -27.07 -7.57 -9.15
C ILE B 108 -25.81 -7.60 -10.03
N SER B 109 -24.84 -6.79 -9.62
CA SER B 109 -23.65 -6.48 -10.41
C SER B 109 -22.41 -6.63 -9.53
N GLN B 110 -21.23 -6.65 -10.15
CA GLN B 110 -19.98 -6.59 -9.40
C GLN B 110 -19.55 -5.13 -9.25
N GLY B 111 -19.59 -4.63 -8.02
CA GLY B 111 -18.86 -3.42 -7.64
C GLY B 111 -17.45 -3.84 -7.30
N ALA B 112 -16.48 -2.94 -7.39
CA ALA B 112 -15.10 -3.33 -7.14
C ALA B 112 -14.21 -2.22 -6.61
N ALA B 113 -13.15 -2.63 -5.92
CA ALA B 113 -12.14 -1.73 -5.38
C ALA B 113 -10.84 -2.49 -5.18
N TYR B 114 -9.77 -1.76 -4.91
CA TYR B 114 -8.46 -2.38 -4.67
C TYR B 114 -7.72 -1.76 -3.49
N SER B 115 -6.78 -2.54 -2.94
CA SER B 115 -6.01 -2.15 -1.78
C SER B 115 -4.66 -2.81 -1.78
N SER B 116 -3.65 -2.10 -1.30
N SER B 116 -3.65 -2.10 -1.30
CA SER B 116 -2.30 -2.68 -1.13
CA SER B 116 -2.31 -2.67 -1.12
C SER B 116 -2.12 -3.40 0.20
C SER B 116 -2.13 -3.42 0.20
N ASP B 117 -3.05 -3.25 1.15
CA ASP B 117 -2.88 -3.78 2.52
C ASP B 117 -4.15 -4.33 3.19
N PHE B 118 -5.16 -4.70 2.41
CA PHE B 118 -6.49 -5.12 2.89
C PHE B 118 -7.30 -4.06 3.65
N THR B 119 -6.73 -2.87 3.86
CA THR B 119 -7.19 -1.96 4.92
C THR B 119 -7.66 -0.62 4.39
N SER B 120 -6.81 0.05 3.62
CA SER B 120 -7.15 1.29 2.93
C SER B 120 -7.48 0.93 1.49
N TRP B 121 -8.64 1.37 1.00
CA TRP B 121 -9.16 0.96 -0.31
C TRP B 121 -9.37 2.15 -1.26
N THR B 122 -9.41 1.83 -2.55
CA THR B 122 -9.69 2.79 -3.61
C THR B 122 -10.72 2.18 -4.56
N ASP B 123 -11.80 2.92 -4.81
CA ASP B 123 -12.83 2.48 -5.73
C ASP B 123 -12.32 2.51 -7.17
N PHE B 124 -12.73 1.53 -7.97
CA PHE B 124 -12.66 1.67 -9.43
C PHE B 124 -13.69 2.74 -9.84
N ASN B 125 -13.46 3.36 -10.97
CA ASN B 125 -14.30 4.44 -11.48
C ASN B 125 -14.21 4.38 -13.01
N GLY B 126 -15.27 3.88 -13.62
CA GLY B 126 -15.34 3.73 -15.06
C GLY B 126 -16.66 4.27 -15.57
N SER B 127 -17.09 3.77 -16.72
CA SER B 127 -18.32 4.22 -17.36
C SER B 127 -19.57 3.93 -16.51
N GLU B 128 -19.51 2.88 -15.68
CA GLU B 128 -20.59 2.53 -14.75
C GLU B 128 -20.21 2.81 -13.29
N GLY B 129 -19.50 3.91 -13.06
CA GLY B 129 -19.05 4.27 -11.72
C GLY B 129 -18.14 3.21 -11.14
N TYR B 130 -18.52 2.67 -9.98
CA TYR B 130 -17.73 1.66 -9.30
C TYR B 130 -18.10 0.21 -9.68
N LYS B 131 -19.10 0.04 -10.56
CA LYS B 131 -19.38 -1.27 -11.13
C LYS B 131 -18.36 -1.63 -12.19
N THR B 132 -18.05 -2.92 -12.28
CA THR B 132 -17.19 -3.45 -13.36
C THR B 132 -17.78 -4.61 -14.16
N ILE B 133 -18.81 -5.28 -13.63
CA ILE B 133 -19.59 -6.26 -14.39
C ILE B 133 -21.06 -6.06 -14.02
N TRP B 134 -21.93 -6.11 -15.03
CA TRP B 134 -23.36 -5.89 -14.83
C TRP B 134 -24.17 -6.75 -15.81
N PRO B 135 -25.44 -7.01 -15.47
CA PRO B 135 -26.34 -7.70 -16.41
C PRO B 135 -26.39 -6.98 -17.77
N SER B 136 -26.15 -7.72 -18.84
CA SER B 136 -26.11 -7.16 -20.21
C SER B 136 -26.49 -8.09 -21.36
N GLN B 137 -26.69 -9.38 -21.08
CA GLN B 137 -26.91 -10.40 -22.09
C GLN B 137 -28.08 -11.26 -21.64
N ILE B 138 -28.74 -11.93 -22.58
CA ILE B 138 -29.88 -12.79 -22.23
C ILE B 138 -29.53 -13.80 -21.12
N TYR B 139 -28.30 -14.31 -21.15
CA TYR B 139 -27.86 -15.32 -20.20
C TYR B 139 -27.58 -14.81 -18.78
N ASP B 140 -27.31 -13.51 -18.61
CA ASP B 140 -27.07 -12.91 -17.29
C ASP B 140 -27.92 -11.67 -16.95
N ILE B 141 -28.98 -11.42 -17.71
CA ILE B 141 -29.78 -10.20 -17.54
C ILE B 141 -30.50 -10.11 -16.18
N ARG B 142 -30.76 -11.26 -15.56
CA ARG B 142 -31.44 -11.30 -14.26
C ARG B 142 -30.47 -11.05 -13.08
N GLY B 143 -29.17 -11.08 -13.35
CA GLY B 143 -28.17 -10.84 -12.31
C GLY B 143 -26.83 -11.50 -12.61
N VAL B 144 -25.76 -10.76 -12.32
CA VAL B 144 -24.40 -11.26 -12.33
C VAL B 144 -24.13 -11.67 -10.88
N PHE B 145 -24.32 -12.96 -10.62
CA PHE B 145 -24.17 -13.52 -9.27
C PHE B 145 -22.68 -13.72 -8.95
N ASP B 146 -22.41 -14.34 -7.80
CA ASP B 146 -21.05 -14.62 -7.34
C ASP B 146 -20.18 -15.35 -8.39
N GLY B 147 -18.89 -15.06 -8.35
CA GLY B 147 -17.91 -15.71 -9.21
C GLY B 147 -16.51 -15.62 -8.60
N SER B 148 -15.59 -16.35 -9.20
CA SER B 148 -14.21 -16.43 -8.69
C SER B 148 -13.22 -16.40 -9.85
N ILE B 149 -11.95 -16.21 -9.51
CA ILE B 149 -10.93 -15.82 -10.47
C ILE B 149 -9.99 -16.97 -10.87
N ILE B 150 -9.85 -17.12 -12.19
CA ILE B 150 -8.77 -17.89 -12.81
C ILE B 150 -7.68 -16.86 -13.09
N LYS B 151 -6.56 -16.95 -12.37
CA LYS B 151 -5.54 -15.90 -12.44
C LYS B 151 -4.83 -15.82 -13.80
N GLU B 152 -4.62 -16.96 -14.44
CA GLU B 152 -4.06 -17.00 -15.79
C GLU B 152 -5.04 -17.73 -16.70
N GLY B 153 -5.97 -16.97 -17.26
CA GLY B 153 -7.12 -17.52 -17.98
C GLY B 153 -7.07 -17.24 -19.47
N ILE B 154 -8.15 -16.65 -19.98
CA ILE B 154 -8.32 -16.40 -21.42
C ILE B 154 -7.21 -15.48 -21.91
N ASP B 155 -6.47 -15.94 -22.92
CA ASP B 155 -5.31 -15.22 -23.46
C ASP B 155 -4.28 -14.80 -22.39
N GLY B 156 -4.19 -15.57 -21.32
CA GLY B 156 -3.30 -15.27 -20.19
C GLY B 156 -3.79 -14.24 -19.18
N TYR B 157 -5.00 -13.69 -19.38
CA TYR B 157 -5.52 -12.63 -18.53
C TYR B 157 -6.30 -13.18 -17.34
N PRO B 158 -6.39 -12.40 -16.24
CA PRO B 158 -7.29 -12.82 -15.17
C PRO B 158 -8.70 -12.95 -15.69
N THR B 159 -9.36 -14.03 -15.31
CA THR B 159 -10.63 -14.44 -15.89
C THR B 159 -11.57 -14.82 -14.76
N ILE B 160 -12.79 -14.29 -14.80
CA ILE B 160 -13.81 -14.62 -13.80
C ILE B 160 -14.76 -15.66 -14.36
N LEU B 161 -15.03 -16.69 -13.57
CA LEU B 161 -16.11 -17.64 -13.83
C LEU B 161 -17.20 -17.27 -12.84
N TYR B 162 -18.37 -16.88 -13.34
CA TYR B 162 -19.46 -16.36 -12.51
C TYR B 162 -20.80 -16.97 -12.88
N THR B 163 -21.74 -16.92 -11.93
CA THR B 163 -23.09 -17.37 -12.20
C THR B 163 -23.86 -16.29 -12.95
N SER B 164 -24.21 -16.62 -14.19
CA SER B 164 -25.03 -15.79 -15.05
C SER B 164 -26.47 -16.25 -14.91
N THR B 165 -27.37 -15.35 -14.50
CA THR B 165 -28.77 -15.73 -14.27
C THR B 165 -29.72 -15.11 -15.29
N SER B 166 -30.72 -15.88 -15.69
CA SER B 166 -31.75 -15.42 -16.61
C SER B 166 -33.12 -15.60 -15.95
N PHE B 167 -34.17 -15.61 -16.76
CA PHE B 167 -35.54 -15.60 -16.26
C PHE B 167 -35.95 -16.93 -15.63
N GLY B 168 -37.01 -16.86 -14.83
CA GLY B 168 -37.64 -18.05 -14.22
C GLY B 168 -37.54 -18.04 -12.70
N PRO B 169 -38.33 -18.90 -12.03
CA PRO B 169 -38.20 -19.01 -10.58
C PRO B 169 -36.76 -19.39 -10.19
N LEU B 170 -36.23 -18.69 -9.19
CA LEU B 170 -34.84 -18.90 -8.76
C LEU B 170 -34.82 -18.92 -7.24
N GLY B 171 -34.52 -20.09 -6.69
CA GLY B 171 -34.38 -20.25 -5.25
C GLY B 171 -34.56 -21.68 -4.79
N ALA B 172 -33.98 -21.98 -3.63
CA ALA B 172 -34.01 -23.33 -3.06
C ALA B 172 -35.40 -23.81 -2.67
N THR B 173 -36.31 -22.88 -2.37
CA THR B 173 -37.71 -23.22 -2.03
C THR B 173 -38.68 -23.13 -3.21
N LEU B 174 -38.18 -22.78 -4.40
CA LEU B 174 -39.00 -22.65 -5.61
C LEU B 174 -38.70 -23.77 -6.60
N ASN B 175 -39.52 -23.85 -7.64
CA ASN B 175 -39.35 -24.86 -8.68
C ASN B 175 -38.47 -24.28 -9.80
N GLU B 176 -37.17 -24.22 -9.53
CA GLU B 176 -36.21 -23.70 -10.50
C GLU B 176 -36.02 -24.69 -11.64
N ALA B 177 -35.80 -24.16 -12.83
CA ALA B 177 -35.54 -24.95 -14.03
C ALA B 177 -34.12 -24.72 -14.53
N GLU B 178 -33.64 -25.71 -15.26
CA GLU B 178 -32.35 -25.65 -15.94
C GLU B 178 -32.30 -24.46 -16.90
N GLY B 179 -31.18 -23.74 -16.89
CA GLY B 179 -31.01 -22.53 -17.70
C GLY B 179 -31.10 -21.22 -16.92
N THR B 180 -31.91 -21.20 -15.86
CA THR B 180 -32.08 -19.99 -15.05
C THR B 180 -30.76 -19.57 -14.41
N GLU B 181 -29.98 -20.53 -13.92
CA GLU B 181 -28.62 -20.30 -13.45
C GLU B 181 -27.64 -21.07 -14.31
N THR B 182 -26.74 -20.34 -14.96
CA THR B 182 -25.65 -20.93 -15.73
C THR B 182 -24.34 -20.29 -15.28
N GLN B 183 -23.22 -20.77 -15.81
CA GLN B 183 -21.91 -20.24 -15.45
C GLN B 183 -21.19 -19.74 -16.70
N SER B 184 -20.64 -18.52 -16.60
CA SER B 184 -20.09 -17.80 -17.74
C SER B 184 -18.72 -17.22 -17.42
N LEU B 185 -17.95 -16.93 -18.47
CA LEU B 185 -16.61 -16.35 -18.36
C LEU B 185 -16.53 -14.90 -18.84
N ALA B 186 -15.69 -14.13 -18.15
CA ALA B 186 -15.26 -12.81 -18.63
C ALA B 186 -13.80 -12.63 -18.22
N TYR B 187 -13.06 -11.83 -18.99
CA TYR B 187 -11.64 -11.59 -18.70
C TYR B 187 -11.34 -10.11 -18.69
N THR B 188 -10.27 -9.73 -17.99
CA THR B 188 -9.87 -8.32 -17.89
C THR B 188 -8.48 -8.10 -18.49
N THR B 189 -8.38 -7.09 -19.35
CA THR B 189 -7.11 -6.67 -19.92
C THR B 189 -6.53 -5.44 -19.21
N ASP B 190 -7.21 -4.97 -18.16
CA ASP B 190 -6.80 -3.76 -17.45
C ASP B 190 -6.85 -3.93 -15.93
N ASP B 191 -6.50 -5.13 -15.47
CA ASP B 191 -6.36 -5.45 -14.05
C ASP B 191 -7.62 -5.17 -13.22
N GLY B 192 -8.78 -5.42 -13.82
CA GLY B 192 -10.06 -5.31 -13.11
C GLY B 192 -10.83 -4.01 -13.27
N ALA B 193 -10.29 -3.04 -14.02
CA ALA B 193 -11.06 -1.82 -14.32
C ALA B 193 -12.27 -2.12 -15.20
N SER B 194 -12.16 -3.13 -16.06
CA SER B 194 -13.27 -3.59 -16.89
C SER B 194 -13.12 -5.07 -17.21
N TRP B 195 -14.23 -5.70 -17.60
CA TRP B 195 -14.23 -7.11 -17.99
C TRP B 195 -14.94 -7.28 -19.32
N ILE B 196 -14.40 -8.18 -20.15
CA ILE B 196 -14.97 -8.51 -21.44
C ILE B 196 -15.54 -9.93 -21.33
N LYS B 197 -16.84 -10.05 -21.53
CA LYS B 197 -17.51 -11.35 -21.53
C LYS B 197 -17.24 -12.05 -22.85
N LEU B 198 -17.11 -13.37 -22.81
CA LEU B 198 -17.15 -14.17 -24.02
C LEU B 198 -18.51 -13.97 -24.67
N GLY B 199 -18.55 -14.16 -25.99
CA GLY B 199 -19.79 -14.08 -26.75
C GLY B 199 -20.83 -15.09 -26.30
N TYR B 200 -22.09 -14.78 -26.57
CA TYR B 200 -23.17 -15.74 -26.34
C TYR B 200 -23.19 -16.76 -27.46
N GLY B 201 -23.24 -18.04 -27.10
CA GLY B 201 -23.52 -19.09 -28.08
C GLY B 201 -22.83 -20.40 -27.85
N ALA B 202 -22.99 -21.28 -28.85
CA ALA B 202 -22.38 -22.62 -28.82
C ALA B 202 -20.86 -22.52 -28.78
N GLY B 203 -20.26 -23.22 -27.83
CA GLY B 203 -18.82 -23.18 -27.60
C GLY B 203 -18.30 -21.92 -26.92
N GLN B 204 -19.21 -21.05 -26.47
CA GLN B 204 -18.86 -19.80 -25.80
C GLN B 204 -19.73 -19.70 -24.53
N ASN B 205 -20.16 -18.50 -24.14
CA ASN B 205 -20.99 -18.35 -22.94
C ASN B 205 -22.45 -18.74 -23.17
N PRO B 206 -23.12 -19.30 -22.15
CA PRO B 206 -22.50 -19.75 -20.90
C PRO B 206 -21.74 -21.06 -21.12
N VAL B 207 -20.67 -21.25 -20.36
CA VAL B 207 -19.79 -22.42 -20.52
C VAL B 207 -20.23 -23.65 -19.73
N ILE B 208 -20.97 -23.44 -18.63
CA ILE B 208 -21.59 -24.53 -17.87
C ILE B 208 -23.08 -24.22 -17.73
N TYR B 209 -23.92 -25.11 -18.25
CA TYR B 209 -25.38 -24.93 -18.22
C TYR B 209 -26.19 -26.19 -17.91
N GLU B 210 -25.64 -27.37 -18.21
CA GLU B 210 -26.32 -28.63 -17.92
C GLU B 210 -26.25 -28.92 -16.43
N TRP B 211 -27.41 -29.16 -15.83
CA TRP B 211 -27.47 -29.60 -14.44
C TRP B 211 -26.86 -30.98 -14.32
N PRO B 212 -25.90 -31.16 -13.39
CA PRO B 212 -25.23 -32.45 -13.25
C PRO B 212 -26.09 -33.55 -12.60
N GLU B 213 -27.11 -33.14 -11.84
CA GLU B 213 -28.07 -34.07 -11.25
C GLU B 213 -29.46 -33.40 -11.37
N THR B 214 -30.53 -34.18 -11.32
CA THR B 214 -31.88 -33.62 -11.51
C THR B 214 -32.41 -32.94 -10.25
N ASN B 215 -33.43 -32.10 -10.45
CA ASN B 215 -34.18 -31.46 -9.35
C ASN B 215 -33.33 -30.67 -8.36
N LEU B 216 -32.46 -29.83 -8.89
CA LEU B 216 -31.59 -28.99 -8.08
C LEU B 216 -32.35 -27.89 -7.35
N THR B 217 -31.91 -27.62 -6.12
CA THR B 217 -32.36 -26.47 -5.34
C THR B 217 -31.60 -25.20 -5.74
N GLY B 218 -30.39 -25.38 -6.26
CA GLY B 218 -29.55 -24.26 -6.68
C GLY B 218 -28.37 -24.75 -7.51
N PHE B 219 -27.73 -23.82 -8.21
CA PHE B 219 -26.65 -24.17 -9.14
C PHE B 219 -25.83 -22.91 -9.41
N ARG B 220 -25.03 -22.52 -8.43
CA ARG B 220 -24.34 -21.23 -8.50
C ARG B 220 -23.04 -21.17 -7.69
N ASP B 221 -22.36 -20.04 -7.84
CA ASP B 221 -21.19 -19.65 -7.05
C ASP B 221 -19.99 -20.53 -7.38
N PRO B 222 -19.57 -20.53 -8.66
CA PRO B 222 -18.43 -21.35 -9.06
C PRO B 222 -17.15 -20.90 -8.38
N TYR B 223 -16.47 -21.84 -7.72
CA TYR B 223 -15.25 -21.56 -6.99
C TYR B 223 -14.10 -22.25 -7.69
N VAL B 224 -13.26 -21.47 -8.36
CA VAL B 224 -12.13 -22.01 -9.10
C VAL B 224 -10.91 -22.10 -8.20
N PHE B 225 -10.20 -23.22 -8.27
CA PHE B 225 -8.99 -23.42 -7.49
C PHE B 225 -8.06 -24.44 -8.13
N GLN B 226 -6.79 -24.35 -7.76
CA GLN B 226 -5.79 -25.33 -8.12
C GLN B 226 -5.51 -26.17 -6.88
N SER B 227 -5.19 -27.43 -7.09
CA SER B 227 -5.02 -28.38 -6.01
C SER B 227 -4.07 -29.49 -6.39
N PRO B 228 -2.78 -29.37 -6.02
CA PRO B 228 -1.85 -30.50 -6.14
C PRO B 228 -2.36 -31.77 -5.46
N ARG B 229 -3.04 -31.61 -4.32
CA ARG B 229 -3.70 -32.71 -3.61
C ARG B 229 -4.68 -33.47 -4.50
N LEU B 230 -5.65 -32.77 -5.08
CA LEU B 230 -6.65 -33.42 -5.94
C LEU B 230 -6.07 -33.97 -7.24
N GLU B 231 -5.09 -33.28 -7.82
CA GLU B 231 -4.40 -33.80 -9.02
C GLU B 231 -3.71 -35.13 -8.73
N ALA B 232 -3.01 -35.21 -7.60
CA ALA B 232 -2.32 -36.44 -7.19
C ALA B 232 -3.31 -37.58 -6.96
N LEU B 233 -4.42 -37.26 -6.28
CA LEU B 233 -5.47 -38.25 -6.00
C LEU B 233 -6.17 -38.78 -7.25
N LEU B 234 -6.37 -37.92 -8.25
CA LEU B 234 -7.06 -38.31 -9.48
C LEU B 234 -6.15 -38.80 -10.61
N ALA B 235 -4.84 -38.75 -10.42
CA ALA B 235 -3.87 -39.03 -11.49
C ALA B 235 -4.04 -40.40 -12.17
N ASN B 236 -4.44 -41.42 -11.39
CA ASN B 236 -4.64 -42.77 -11.96
C ASN B 236 -6.06 -43.02 -12.47
N THR B 237 -6.91 -41.99 -12.45
CA THR B 237 -8.27 -42.08 -12.97
C THR B 237 -8.48 -41.23 -14.22
N THR B 238 -7.46 -40.51 -14.70
CA THR B 238 -7.67 -39.57 -15.80
C THR B 238 -8.01 -40.24 -17.13
N SER B 239 -7.66 -41.52 -17.31
CA SER B 239 -8.13 -42.28 -18.47
C SER B 239 -9.65 -42.55 -18.48
N ILE B 240 -10.26 -42.54 -17.29
CA ILE B 240 -11.70 -42.78 -17.16
C ILE B 240 -12.51 -41.56 -17.62
N THR B 241 -12.10 -40.37 -17.17
CA THR B 241 -12.83 -39.13 -17.40
C THR B 241 -12.28 -38.25 -18.53
N ASN B 242 -11.00 -38.43 -18.86
CA ASN B 242 -10.25 -37.55 -19.78
C ASN B 242 -10.07 -36.10 -19.31
N ALA B 243 -10.36 -35.82 -18.04
CA ALA B 243 -10.20 -34.47 -17.49
C ALA B 243 -8.81 -34.38 -16.85
N THR B 244 -7.94 -33.57 -17.44
CA THR B 244 -6.54 -33.46 -17.03
C THR B 244 -6.06 -32.04 -16.72
N GLY B 245 -6.98 -31.07 -16.69
CA GLY B 245 -6.60 -29.68 -16.45
C GLY B 245 -6.09 -29.43 -15.04
N ASP B 246 -5.40 -28.30 -14.88
CA ASP B 246 -4.82 -27.91 -13.59
C ASP B 246 -5.73 -27.01 -12.75
N HIS B 247 -6.96 -26.76 -13.22
CA HIS B 247 -7.98 -26.05 -12.42
C HIS B 247 -9.18 -26.94 -12.12
N PHE B 248 -9.68 -26.81 -10.90
CA PHE B 248 -10.94 -27.42 -10.49
C PHE B 248 -11.93 -26.30 -10.22
N ALA B 249 -13.21 -26.64 -10.23
CA ALA B 249 -14.26 -25.71 -9.84
C ALA B 249 -15.38 -26.43 -9.12
N THR B 250 -15.82 -25.89 -8.00
CA THR B 250 -17.04 -26.39 -7.35
C THR B 250 -18.21 -25.47 -7.66
N ILE B 251 -19.40 -26.06 -7.75
CA ILE B 251 -20.64 -25.30 -7.89
C ILE B 251 -21.56 -25.72 -6.74
N SER B 252 -22.16 -24.71 -6.10
CA SER B 252 -22.94 -24.90 -4.88
C SER B 252 -24.42 -25.11 -5.18
N GLY B 253 -25.04 -26.05 -4.49
CA GLY B 253 -26.45 -26.30 -4.68
C GLY B 253 -27.00 -27.35 -3.73
N GLY B 254 -27.83 -28.23 -4.27
CA GLY B 254 -28.54 -29.23 -3.48
C GLY B 254 -29.57 -29.91 -4.34
N VAL B 255 -30.32 -30.84 -3.74
CA VAL B 255 -31.35 -31.60 -4.44
C VAL B 255 -32.62 -31.49 -3.62
N HIS B 256 -33.75 -31.21 -4.29
CA HIS B 256 -35.02 -31.00 -3.59
C HIS B 256 -35.40 -32.19 -2.71
N GLY B 257 -35.69 -31.89 -1.45
CA GLY B 257 -36.04 -32.90 -0.46
C GLY B 257 -34.92 -33.78 0.07
N ASP B 258 -33.68 -33.59 -0.41
CA ASP B 258 -32.59 -34.53 -0.09
C ASP B 258 -31.25 -33.87 0.29
N GLY B 259 -31.28 -32.59 0.66
CA GLY B 259 -30.11 -31.93 1.23
C GLY B 259 -29.23 -31.21 0.23
N ALA B 260 -28.21 -30.55 0.77
CA ALA B 260 -27.28 -29.74 0.00
C ALA B 260 -26.23 -30.60 -0.71
N ARG B 261 -25.64 -30.02 -1.76
CA ARG B 261 -24.61 -30.67 -2.56
C ARG B 261 -23.57 -29.64 -2.97
N LEU B 262 -22.31 -30.06 -2.97
CA LEU B 262 -21.24 -29.31 -3.60
C LEU B 262 -20.73 -30.15 -4.75
N PHE B 263 -20.89 -29.65 -5.98
CA PHE B 263 -20.56 -30.41 -7.19
C PHE B 263 -19.15 -30.07 -7.65
N LEU B 264 -18.32 -31.08 -7.90
CA LEU B 264 -16.93 -30.86 -8.34
C LEU B 264 -16.78 -31.03 -9.85
N TYR B 265 -16.18 -30.02 -10.47
CA TYR B 265 -15.80 -30.04 -11.87
C TYR B 265 -14.28 -29.95 -11.98
N ARG B 266 -13.74 -30.50 -13.07
CA ARG B 266 -12.34 -30.30 -13.42
C ARG B 266 -12.25 -29.76 -14.84
N GLN B 267 -11.39 -28.76 -15.00
CA GLN B 267 -11.01 -28.23 -16.31
C GLN B 267 -10.56 -29.39 -17.18
N HIS B 268 -11.14 -29.53 -18.36
CA HIS B 268 -10.89 -30.71 -19.19
C HIS B 268 -9.44 -30.78 -19.69
N THR B 269 -8.91 -29.65 -20.13
CA THR B 269 -7.56 -29.57 -20.69
C THR B 269 -6.87 -28.31 -20.19
N THR B 270 -5.62 -28.46 -19.75
CA THR B 270 -4.79 -27.33 -19.31
C THR B 270 -4.70 -26.28 -20.41
N GLY B 271 -4.81 -25.01 -20.01
CA GLY B 271 -4.76 -23.89 -20.94
C GLY B 271 -6.00 -23.63 -21.78
N GLU B 272 -7.07 -24.38 -21.53
CA GLU B 272 -8.34 -24.24 -22.24
C GLU B 272 -9.46 -24.09 -21.21
N PHE B 273 -10.33 -23.10 -21.39
CA PHE B 273 -11.26 -22.69 -20.32
C PHE B 273 -12.76 -22.80 -20.64
N ILE B 274 -13.09 -23.33 -21.82
CA ILE B 274 -14.48 -23.51 -22.23
C ILE B 274 -15.07 -24.78 -21.62
N LYS B 275 -14.31 -25.88 -21.71
CA LYS B 275 -14.81 -27.20 -21.31
C LYS B 275 -14.42 -27.57 -19.88
N TRP B 276 -15.45 -27.76 -19.04
CA TRP B 276 -15.31 -28.18 -17.65
C TRP B 276 -16.08 -29.49 -17.51
N THR B 277 -15.42 -30.51 -16.97
CA THR B 277 -15.99 -31.85 -16.88
C THR B 277 -16.49 -32.11 -15.46
N TYR B 278 -17.78 -32.44 -15.34
CA TYR B 278 -18.36 -32.81 -14.06
C TYR B 278 -17.81 -34.17 -13.62
N LEU B 279 -17.22 -34.21 -12.44
CA LEU B 279 -16.69 -35.45 -11.88
C LEU B 279 -17.73 -36.12 -11.00
N GLY B 280 -18.23 -35.37 -10.02
CA GLY B 280 -19.24 -35.90 -9.10
C GLY B 280 -19.47 -34.98 -7.91
N PRO B 281 -20.41 -35.36 -7.02
CA PRO B 281 -20.62 -34.58 -5.79
C PRO B 281 -19.43 -34.71 -4.85
N LEU B 282 -18.91 -33.58 -4.39
CA LEU B 282 -17.79 -33.55 -3.47
C LEU B 282 -18.29 -33.65 -2.03
N VAL B 283 -19.26 -32.81 -1.68
CA VAL B 283 -19.88 -32.82 -0.36
C VAL B 283 -21.37 -33.09 -0.52
N THR B 284 -21.86 -34.05 0.25
CA THR B 284 -23.26 -34.43 0.29
C THR B 284 -23.69 -34.43 1.75
N THR B 285 -24.71 -33.64 2.07
CA THR B 285 -25.28 -33.59 3.41
C THR B 285 -26.79 -33.78 3.33
N GLY B 286 -27.39 -34.21 4.43
CA GLY B 286 -28.82 -34.52 4.49
C GLY B 286 -29.71 -33.30 4.67
N TYR B 287 -30.98 -33.47 4.32
CA TYR B 287 -32.00 -32.42 4.46
C TYR B 287 -32.14 -31.96 5.91
N LYS B 288 -31.71 -30.71 6.16
CA LYS B 288 -31.68 -30.11 7.50
C LYS B 288 -30.94 -30.95 8.56
N GLU B 289 -29.92 -31.68 8.10
CA GLU B 289 -29.05 -32.46 8.97
C GLU B 289 -28.16 -31.50 9.74
N SER B 290 -27.90 -31.83 11.01
CA SER B 290 -26.91 -31.11 11.81
C SER B 290 -25.86 -32.09 12.34
N TYR B 291 -24.60 -31.67 12.25
CA TYR B 291 -23.48 -32.39 12.84
C TYR B 291 -23.41 -32.22 14.37
N GLY B 292 -24.12 -31.21 14.90
CA GLY B 292 -24.23 -31.01 16.34
C GLY B 292 -24.26 -29.55 16.77
N GLU B 293 -24.27 -29.35 18.09
CA GLU B 293 -24.41 -28.03 18.73
C GLU B 293 -23.31 -27.04 18.35
N TRP B 294 -22.12 -27.58 18.04
CA TRP B 294 -20.95 -26.78 17.68
C TRP B 294 -20.82 -26.54 16.17
N SER B 295 -21.82 -26.95 15.38
CA SER B 295 -21.66 -27.10 13.93
C SER B 295 -22.80 -26.52 13.07
N GLY B 296 -23.70 -25.74 13.66
CA GLY B 296 -24.84 -25.18 12.93
C GLY B 296 -25.74 -26.27 12.36
N ASN B 297 -26.21 -26.05 11.13
CA ASN B 297 -27.12 -26.97 10.45
C ASN B 297 -26.86 -26.88 8.95
N TYR B 298 -26.85 -28.03 8.28
CA TYR B 298 -26.51 -28.09 6.86
C TYR B 298 -27.65 -27.66 5.92
N GLY B 299 -28.84 -27.41 6.45
CA GLY B 299 -29.94 -26.81 5.69
C GLY B 299 -30.36 -27.64 4.48
N ILE B 300 -30.78 -26.96 3.42
CA ILE B 300 -31.29 -27.62 2.21
C ILE B 300 -30.48 -27.33 0.94
N ASN B 301 -29.55 -26.38 1.02
CA ASN B 301 -28.88 -25.85 -0.17
C ASN B 301 -27.62 -25.14 0.27
N PHE B 302 -26.52 -25.33 -0.46
CA PHE B 302 -25.27 -24.61 -0.20
C PHE B 302 -25.20 -23.36 -1.06
N GLU B 303 -24.50 -22.35 -0.53
CA GLU B 303 -24.12 -21.16 -1.28
C GLU B 303 -22.68 -20.78 -0.96
N THR B 304 -22.04 -20.13 -1.94
CA THR B 304 -20.68 -19.58 -1.83
C THR B 304 -19.65 -20.55 -1.23
N ALA B 305 -19.72 -21.82 -1.63
CA ALA B 305 -18.81 -22.82 -1.09
C ALA B 305 -17.42 -22.72 -1.75
N GLY B 306 -16.39 -22.99 -0.97
CA GLY B 306 -15.01 -23.02 -1.45
C GLY B 306 -14.25 -24.18 -0.85
N VAL B 307 -13.12 -24.50 -1.46
CA VAL B 307 -12.26 -25.61 -1.07
C VAL B 307 -10.85 -25.06 -0.88
N THR B 308 -10.20 -25.43 0.21
CA THR B 308 -8.82 -25.05 0.43
C THR B 308 -8.06 -26.13 1.18
N ARG B 309 -6.76 -25.93 1.33
CA ARG B 309 -5.90 -26.81 2.11
C ARG B 309 -4.99 -25.92 2.94
N LEU B 310 -4.93 -26.19 4.23
CA LEU B 310 -4.21 -25.36 5.19
C LEU B 310 -3.25 -26.19 6.00
N ASN B 311 -2.26 -25.51 6.57
CA ASN B 311 -1.35 -26.10 7.55
C ASN B 311 -1.23 -25.10 8.70
N PRO B 312 -0.43 -25.41 9.75
CA PRO B 312 -0.38 -24.47 10.87
C PRO B 312 0.10 -23.04 10.56
N ALA B 313 0.86 -22.83 9.49
CA ALA B 313 1.34 -21.48 9.13
C ALA B 313 0.38 -20.69 8.23
N GLY B 314 -0.53 -21.38 7.55
CA GLY B 314 -1.42 -20.73 6.57
C GLY B 314 -1.87 -21.69 5.49
N ALA B 315 -1.68 -21.30 4.23
CA ALA B 315 -2.08 -22.11 3.09
C ALA B 315 -1.07 -23.23 2.84
N ALA B 316 -1.58 -24.38 2.42
CA ALA B 316 -0.78 -25.55 2.14
C ALA B 316 -0.90 -25.89 0.65
N TRP B 317 0.24 -26.04 0.00
CA TRP B 317 0.31 -26.36 -1.43
C TRP B 317 0.92 -27.74 -1.72
N ASP B 318 1.01 -28.59 -0.71
CA ASP B 318 1.52 -29.96 -0.87
C ASP B 318 0.47 -30.88 -1.49
N ASN B 319 0.92 -32.05 -1.94
CA ASN B 319 0.05 -33.05 -2.58
C ASN B 319 -0.60 -34.07 -1.64
N GLY B 320 -0.45 -33.89 -0.33
CA GLY B 320 -0.82 -34.90 0.66
C GLY B 320 0.36 -35.29 1.54
N SER B 321 1.58 -34.98 1.09
CA SER B 321 2.81 -35.35 1.79
C SER B 321 3.03 -34.65 3.14
N ASP B 322 2.51 -33.43 3.29
CA ASP B 322 2.56 -32.72 4.58
C ASP B 322 1.51 -33.30 5.52
N THR B 323 1.97 -34.03 6.54
CA THR B 323 1.09 -34.67 7.52
C THR B 323 0.40 -33.68 8.47
N THR B 324 0.91 -32.45 8.53
CA THR B 324 0.31 -31.40 9.35
C THR B 324 -0.79 -30.61 8.61
N ALA B 325 -0.93 -30.83 7.31
CA ALA B 325 -1.92 -30.10 6.50
C ALA B 325 -3.30 -30.78 6.54
N VAL B 326 -4.34 -29.96 6.38
CA VAL B 326 -5.73 -30.42 6.45
C VAL B 326 -6.53 -29.81 5.31
N ASP B 327 -7.38 -30.62 4.68
CA ASP B 327 -8.31 -30.16 3.64
C ASP B 327 -9.58 -29.61 4.28
N PHE B 328 -10.00 -28.44 3.83
CA PHE B 328 -11.20 -27.76 4.36
C PHE B 328 -12.13 -27.37 3.22
N VAL B 329 -13.43 -27.40 3.52
CA VAL B 329 -14.45 -26.79 2.68
C VAL B 329 -15.16 -25.75 3.53
N THR B 330 -15.41 -24.56 2.96
CA THR B 330 -16.22 -23.53 3.61
C THR B 330 -17.47 -23.37 2.76
N PHE B 331 -18.60 -23.11 3.40
CA PHE B 331 -19.89 -23.06 2.70
C PHE B 331 -20.97 -22.43 3.54
N GLY B 332 -21.87 -21.70 2.88
CA GLY B 332 -23.09 -21.20 3.51
C GLY B 332 -24.19 -22.22 3.31
N THR B 333 -25.11 -22.29 4.27
CA THR B 333 -26.29 -23.15 4.13
C THR B 333 -27.56 -22.33 4.30
N GLU B 334 -28.63 -22.75 3.62
CA GLU B 334 -29.92 -22.08 3.66
C GLU B 334 -30.99 -22.96 4.27
N GLN B 335 -31.93 -22.32 4.98
CA GLN B 335 -33.13 -22.95 5.54
C GLN B 335 -32.85 -24.02 6.60
N GLY B 336 -31.72 -23.88 7.29
CA GLY B 336 -31.41 -24.71 8.45
C GLY B 336 -31.34 -23.90 9.74
N ARG B 337 -31.95 -22.71 9.75
CA ARG B 337 -31.85 -21.81 10.90
C ARG B 337 -33.12 -20.98 11.03
N ALA B 338 -33.59 -20.80 12.27
CA ALA B 338 -34.83 -20.08 12.54
C ALA B 338 -34.69 -18.55 12.48
N ASP B 339 -33.46 -18.06 12.46
CA ASP B 339 -33.16 -16.64 12.50
C ASP B 339 -31.91 -16.40 11.65
N HIS B 340 -31.31 -15.21 11.72
CA HIS B 340 -30.13 -14.87 10.93
C HIS B 340 -30.36 -15.11 9.43
N GLN B 341 -31.52 -14.65 8.97
CA GLN B 341 -31.92 -14.77 7.57
C GLN B 341 -31.86 -16.22 7.05
N ASN B 342 -32.14 -17.17 7.95
CA ASN B 342 -32.08 -18.61 7.70
C ASN B 342 -30.72 -19.11 7.18
N HIS B 343 -29.64 -18.43 7.58
CA HIS B 343 -28.32 -18.63 6.99
C HIS B 343 -27.24 -18.99 8.01
N TRP B 344 -26.50 -20.07 7.74
CA TRP B 344 -25.32 -20.46 8.51
C TRP B 344 -24.07 -20.38 7.62
N PRO B 345 -23.03 -19.63 8.04
CA PRO B 345 -21.74 -19.73 7.36
C PRO B 345 -20.86 -20.76 8.08
N LEU B 346 -20.64 -21.89 7.43
CA LEU B 346 -20.00 -23.06 8.04
C LEU B 346 -18.67 -23.40 7.39
N TRP B 347 -17.97 -24.34 8.02
CA TRP B 347 -16.78 -24.95 7.45
C TRP B 347 -16.69 -26.39 7.93
N ALA B 348 -15.94 -27.21 7.21
CA ALA B 348 -15.68 -28.59 7.59
C ALA B 348 -14.29 -29.02 7.18
N ALA B 349 -13.61 -29.75 8.07
CA ALA B 349 -12.40 -30.48 7.69
C ALA B 349 -12.85 -31.77 7.05
N VAL B 350 -12.20 -32.14 5.94
CA VAL B 350 -12.61 -33.31 5.16
C VAL B 350 -11.44 -34.24 4.85
N ASP B 351 -11.76 -35.53 4.69
CA ASP B 351 -10.82 -36.52 4.19
C ASP B 351 -11.30 -36.98 2.83
N TYR B 352 -10.48 -36.80 1.80
CA TYR B 352 -10.86 -37.17 0.44
C TYR B 352 -10.73 -38.68 0.19
N GLU B 353 -11.74 -39.24 -0.49
CA GLU B 353 -11.71 -40.61 -0.99
C GLU B 353 -11.97 -40.59 -2.50
N VAL B 354 -11.24 -41.39 -3.25
CA VAL B 354 -11.38 -41.45 -4.71
C VAL B 354 -12.42 -42.50 -5.08
N ARG B 355 -13.42 -42.10 -5.86
CA ARG B 355 -14.46 -43.02 -6.35
C ARG B 355 -13.98 -43.76 -7.59
N ASP B 356 -14.64 -44.89 -7.87
CA ASP B 356 -14.31 -45.71 -9.05
C ASP B 356 -14.52 -44.97 -10.38
N ASN B 357 -15.46 -44.02 -10.42
CA ASN B 357 -15.68 -43.23 -11.65
C ASN B 357 -14.77 -41.99 -11.81
N GLY B 358 -13.69 -41.91 -11.03
CA GLY B 358 -12.72 -40.83 -11.18
C GLY B 358 -13.21 -39.50 -10.60
N SER B 359 -13.96 -39.58 -9.50
CA SER B 359 -14.42 -38.40 -8.77
C SER B 359 -13.99 -38.51 -7.31
N ILE B 360 -14.26 -37.46 -6.53
CA ILE B 360 -13.80 -37.36 -5.15
C ILE B 360 -14.98 -37.22 -4.21
N GLU B 361 -14.99 -38.04 -3.15
CA GLU B 361 -15.90 -37.85 -2.02
C GLU B 361 -15.13 -37.17 -0.90
N ALA B 362 -15.62 -36.01 -0.45
CA ALA B 362 -15.06 -35.33 0.72
C ALA B 362 -15.85 -35.74 1.96
N VAL B 363 -15.23 -36.60 2.77
CA VAL B 363 -15.88 -37.15 3.96
C VAL B 363 -15.60 -36.21 5.13
N ILE B 364 -16.66 -35.70 5.75
CA ILE B 364 -16.52 -34.73 6.83
C ILE B 364 -15.92 -35.38 8.08
N ALA B 365 -14.79 -34.82 8.54
CA ALA B 365 -14.05 -35.28 9.72
C ALA B 365 -14.51 -34.56 10.98
N TYR B 366 -14.64 -33.25 10.87
CA TYR B 366 -15.26 -32.41 11.91
C TYR B 366 -15.76 -31.14 11.24
N SER B 367 -16.64 -30.42 11.93
CA SER B 367 -17.46 -29.41 11.26
C SER B 367 -17.75 -28.26 12.20
N GLY B 368 -17.55 -27.03 11.73
CA GLY B 368 -17.72 -25.85 12.57
C GLY B 368 -18.43 -24.70 11.90
N VAL B 369 -18.32 -23.55 12.55
CA VAL B 369 -19.01 -22.33 12.17
C VAL B 369 -17.95 -21.27 11.90
N GLN B 370 -18.03 -20.60 10.75
CA GLN B 370 -17.08 -19.56 10.41
C GLN B 370 -17.36 -18.24 11.16
N ASP B 371 -18.64 -17.94 11.37
CA ASP B 371 -19.05 -16.78 12.14
C ASP B 371 -20.44 -17.05 12.69
N TRP B 372 -20.64 -16.76 13.97
CA TRP B 372 -21.89 -17.12 14.66
C TRP B 372 -22.98 -16.04 14.60
N GLY B 373 -22.67 -14.89 13.99
CA GLY B 373 -23.58 -13.75 14.00
C GLY B 373 -24.17 -13.40 12.65
N ARG B 374 -24.41 -12.11 12.44
CA ARG B 374 -25.11 -11.61 11.24
C ARG B 374 -24.15 -11.44 10.06
N SER B 375 -23.51 -12.54 9.67
CA SER B 375 -22.66 -12.57 8.49
C SER B 375 -22.85 -13.86 7.71
N TYR B 376 -22.42 -13.82 6.45
CA TYR B 376 -22.68 -14.90 5.49
C TYR B 376 -21.81 -14.66 4.27
N ALA B 377 -21.78 -15.65 3.37
CA ALA B 377 -21.17 -15.51 2.05
C ALA B 377 -19.66 -15.30 2.13
N TYR B 378 -19.01 -16.11 2.95
CA TYR B 378 -17.55 -16.04 3.08
C TYR B 378 -16.88 -16.60 1.83
N ALA B 379 -15.92 -15.83 1.31
CA ALA B 379 -15.07 -16.24 0.21
C ALA B 379 -13.64 -16.29 0.72
N SER B 380 -12.85 -17.24 0.24
CA SER B 380 -11.43 -17.28 0.54
C SER B 380 -10.60 -17.30 -0.74
N PHE B 381 -9.39 -16.78 -0.66
CA PHE B 381 -8.52 -16.66 -1.82
C PHE B 381 -7.05 -16.71 -1.41
N PRO B 382 -6.17 -17.19 -2.31
CA PRO B 382 -4.76 -17.30 -1.99
C PRO B 382 -4.03 -15.97 -2.06
N VAL B 383 -3.09 -15.77 -1.14
CA VAL B 383 -2.29 -14.56 -1.07
C VAL B 383 -0.84 -14.98 -0.93
N GLU B 384 0.05 -14.19 -1.53
CA GLU B 384 1.50 -14.40 -1.48
C GLU B 384 2.01 -14.61 -0.05
N GLY B 385 3.03 -15.44 0.10
CA GLY B 385 3.54 -15.83 1.43
C GLY B 385 2.82 -17.02 2.07
N TYR B 386 2.16 -17.82 1.24
CA TYR B 386 1.49 -19.07 1.62
C TYR B 386 0.34 -18.76 2.57
N ARG B 387 -0.52 -17.84 2.15
CA ARG B 387 -1.67 -17.43 2.93
C ARG B 387 -2.96 -17.76 2.20
N GLN B 388 -4.00 -18.04 2.97
CA GLN B 388 -5.36 -18.12 2.45
C GLN B 388 -6.17 -17.14 3.29
N VAL B 389 -6.77 -16.16 2.63
CA VAL B 389 -7.47 -15.06 3.30
C VAL B 389 -8.96 -15.18 3.02
N SER B 390 -9.77 -14.98 4.06
CA SER B 390 -11.22 -15.11 3.98
C SER B 390 -11.90 -13.81 4.39
N VAL B 391 -13.02 -13.51 3.74
CA VAL B 391 -13.83 -12.33 4.07
C VAL B 391 -15.29 -12.63 3.75
N GLY B 392 -16.18 -12.06 4.56
CA GLY B 392 -17.61 -12.27 4.41
C GLY B 392 -18.39 -10.97 4.36
N TRP B 393 -19.71 -11.11 4.35
CA TRP B 393 -20.64 -9.99 4.28
C TRP B 393 -21.41 -9.91 5.60
N ILE B 394 -21.40 -8.72 6.22
CA ILE B 394 -22.21 -8.44 7.40
C ILE B 394 -23.45 -7.68 6.94
N TYR B 395 -24.62 -8.29 7.11
CA TYR B 395 -25.89 -7.63 6.79
C TYR B 395 -26.31 -6.74 7.95
N GLU B 396 -27.30 -5.88 7.70
CA GLU B 396 -27.83 -4.99 8.74
C GLU B 396 -28.76 -5.80 9.64
N ASP B 397 -29.25 -5.18 10.72
CA ASP B 397 -30.28 -5.80 11.56
C ASP B 397 -31.54 -4.95 11.50
N ASP B 398 -32.06 -4.84 10.28
CA ASP B 398 -33.27 -4.08 9.96
C ASP B 398 -34.07 -4.90 8.94
N ASP B 399 -34.41 -6.12 9.34
CA ASP B 399 -35.04 -7.10 8.43
C ASP B 399 -36.41 -6.72 7.90
N ASN B 400 -37.13 -5.87 8.62
CA ASN B 400 -38.42 -5.31 8.15
C ASN B 400 -38.25 -4.06 7.26
N VAL B 401 -37.00 -3.64 7.00
CA VAL B 401 -36.68 -2.57 6.05
C VAL B 401 -37.36 -1.26 6.45
N ILE B 402 -37.25 -0.92 7.73
CA ILE B 402 -37.92 0.24 8.32
C ILE B 402 -37.13 1.53 8.09
N LEU B 403 -35.81 1.46 8.21
CA LEU B 403 -34.94 2.64 8.08
C LEU B 403 -33.88 2.51 6.98
N ALA B 404 -34.04 1.53 6.09
CA ALA B 404 -33.07 1.30 5.01
C ALA B 404 -32.95 2.50 4.06
N LYS B 405 -34.07 3.07 3.66
CA LYS B 405 -34.05 4.26 2.80
C LYS B 405 -33.41 5.47 3.49
N GLN B 406 -33.64 5.59 4.79
CA GLN B 406 -33.05 6.66 5.59
C GLN B 406 -31.53 6.50 5.70
N PHE B 407 -31.05 5.26 5.80
CA PHE B 407 -29.61 4.96 5.72
C PHE B 407 -29.06 5.38 4.35
N GLY B 408 -29.73 4.95 3.29
CA GLY B 408 -29.23 5.13 1.92
C GLY B 408 -28.19 4.08 1.50
N TYR B 409 -28.05 3.03 2.31
CA TYR B 409 -27.15 1.92 2.02
C TYR B 409 -27.54 0.71 2.88
N GLN B 410 -27.07 -0.46 2.49
CA GLN B 410 -27.18 -1.68 3.30
C GLN B 410 -25.93 -2.53 3.12
N GLY B 411 -25.33 -2.95 4.23
CA GLY B 411 -24.31 -3.99 4.23
C GLY B 411 -22.88 -3.49 4.32
N ALA B 412 -22.00 -4.38 4.76
CA ALA B 412 -20.55 -4.15 4.78
C ALA B 412 -19.85 -5.50 4.71
N PHE B 413 -18.54 -5.48 4.52
CA PHE B 413 -17.73 -6.69 4.68
C PHE B 413 -17.38 -6.90 6.16
N THR B 414 -16.99 -8.12 6.47
CA THR B 414 -16.23 -8.42 7.68
C THR B 414 -14.81 -7.88 7.48
N LEU B 415 -13.96 -8.04 8.49
CA LEU B 415 -12.54 -7.86 8.30
C LEU B 415 -11.98 -9.06 7.53
N PHE B 416 -10.82 -8.86 6.93
CA PHE B 416 -10.13 -9.93 6.20
C PHE B 416 -9.38 -10.79 7.21
N ARG B 417 -9.51 -12.10 7.05
CA ARG B 417 -9.03 -13.07 8.04
C ARG B 417 -8.07 -14.07 7.41
N ASP B 418 -6.88 -14.21 7.99
CA ASP B 418 -5.98 -15.30 7.62
C ASP B 418 -6.55 -16.61 8.17
N LEU B 419 -6.63 -17.63 7.31
CA LEU B 419 -6.97 -18.98 7.73
C LEU B 419 -5.70 -19.80 7.94
N PHE B 420 -5.77 -20.72 8.89
CA PHE B 420 -4.66 -21.61 9.20
C PHE B 420 -5.19 -22.77 10.05
N VAL B 421 -4.36 -23.80 10.23
CA VAL B 421 -4.70 -24.89 11.13
C VAL B 421 -4.26 -24.49 12.53
N LYS B 422 -5.24 -24.29 13.41
CA LYS B 422 -4.96 -24.02 14.81
C LYS B 422 -4.64 -25.35 15.51
N VAL B 423 -3.48 -25.43 16.16
CA VAL B 423 -3.05 -26.65 16.87
C VAL B 423 -2.83 -26.29 18.34
N VAL B 424 -3.49 -27.00 19.25
CA VAL B 424 -3.32 -26.78 20.69
C VAL B 424 -2.71 -28.06 21.27
N GLU B 425 -1.53 -27.92 21.84
CA GLU B 425 -0.82 -29.07 22.41
C GLU B 425 -1.08 -29.20 23.90
N ASN B 426 -0.85 -30.40 24.42
CA ASN B 426 -0.89 -30.66 25.86
C ASN B 426 -2.23 -30.34 26.50
N VAL B 427 -3.31 -30.68 25.80
CA VAL B 427 -4.65 -30.45 26.32
C VAL B 427 -4.98 -31.56 27.33
N SER B 428 -5.53 -31.16 28.47
CA SER B 428 -5.94 -32.08 29.52
C SER B 428 -7.19 -32.86 29.09
N PRO B 429 -7.19 -34.20 29.29
CA PRO B 429 -8.40 -35.00 29.07
C PRO B 429 -9.61 -34.64 29.94
N SER B 430 -9.40 -33.89 31.02
CA SER B 430 -10.50 -33.45 31.88
C SER B 430 -11.24 -32.22 31.34
N THR B 431 -10.79 -31.65 30.22
CA THR B 431 -11.52 -30.61 29.52
C THR B 431 -12.94 -31.12 29.25
N PRO B 432 -13.97 -30.44 29.81
CA PRO B 432 -15.35 -30.91 29.61
C PRO B 432 -15.74 -31.00 28.15
N GLY B 433 -16.36 -32.11 27.76
CA GLY B 433 -16.88 -32.29 26.39
C GLY B 433 -15.84 -32.32 25.28
N LEU B 434 -14.60 -32.67 25.64
CA LEU B 434 -13.49 -32.66 24.68
C LEU B 434 -13.68 -33.65 23.53
N PHE B 435 -14.32 -34.79 23.82
CA PHE B 435 -14.53 -35.88 22.85
C PHE B 435 -15.95 -35.94 22.26
N GLU B 436 -16.70 -34.86 22.41
CA GLU B 436 -17.97 -34.70 21.68
C GLU B 436 -17.75 -34.49 20.17
N GLN B 437 -18.72 -34.94 19.37
CA GLN B 437 -18.70 -34.70 17.92
C GLN B 437 -18.90 -33.21 17.67
N ALA B 438 -17.82 -32.50 17.33
CA ALA B 438 -17.83 -31.05 17.32
C ALA B 438 -16.93 -30.51 16.20
N SER B 439 -16.20 -29.42 16.48
CA SER B 439 -15.50 -28.65 15.46
C SER B 439 -13.97 -28.73 15.58
N TRP B 440 -13.48 -29.82 16.14
CA TRP B 440 -12.05 -30.05 16.28
C TRP B 440 -11.79 -31.55 16.24
N SER B 441 -10.52 -31.92 16.02
CA SER B 441 -10.10 -33.31 16.15
C SER B 441 -9.23 -33.43 17.38
N THR B 442 -9.20 -34.64 17.92
CA THR B 442 -8.35 -34.97 19.05
C THR B 442 -7.45 -36.12 18.64
N LYS B 443 -6.19 -36.02 19.05
CA LYS B 443 -5.26 -37.12 18.94
C LYS B 443 -4.64 -37.32 20.32
N ASN B 444 -4.93 -38.47 20.91
CA ASN B 444 -4.37 -38.83 22.21
C ASN B 444 -2.87 -39.04 22.11
N SER B 445 -2.17 -38.68 23.19
CA SER B 445 -0.78 -39.08 23.37
C SER B 445 -0.73 -40.60 23.55
N THR B 446 0.45 -41.21 23.35
CA THR B 446 0.61 -42.65 23.52
C THR B 446 0.13 -43.13 24.89
N ASP B 447 0.47 -42.36 25.93
CA ASP B 447 0.13 -42.71 27.32
C ASP B 447 -1.28 -42.32 27.78
N GLY B 448 -2.06 -41.66 26.90
CA GLY B 448 -3.43 -41.29 27.21
C GLY B 448 -3.62 -40.13 28.18
N MET B 449 -2.54 -39.43 28.55
CA MET B 449 -2.57 -38.39 29.57
C MET B 449 -2.69 -36.97 29.01
N SER B 450 -2.52 -36.80 27.70
CA SER B 450 -2.71 -35.51 27.05
C SER B 450 -3.27 -35.71 25.65
N VAL B 451 -3.75 -34.61 25.07
CA VAL B 451 -4.43 -34.61 23.78
C VAL B 451 -3.88 -33.46 22.95
N THR B 452 -3.72 -33.67 21.65
CA THR B 452 -3.45 -32.59 20.71
C THR B 452 -4.76 -32.28 19.99
N VAL B 453 -5.16 -31.01 20.04
CA VAL B 453 -6.39 -30.54 19.42
C VAL B 453 -6.04 -29.80 18.13
N THR B 454 -6.80 -30.09 17.07
CA THR B 454 -6.64 -29.41 15.79
C THR B 454 -7.99 -28.85 15.37
N THR B 455 -8.01 -27.60 14.88
CA THR B 455 -9.24 -26.98 14.38
C THR B 455 -8.89 -25.91 13.34
N LEU B 456 -9.92 -25.27 12.78
CA LEU B 456 -9.72 -24.14 11.87
C LEU B 456 -9.40 -22.90 12.69
N GLY B 457 -8.28 -22.26 12.37
CA GLY B 457 -7.91 -20.98 12.95
C GLY B 457 -8.32 -19.84 12.03
N GLN B 458 -8.75 -18.73 12.65
CA GLN B 458 -9.04 -17.48 11.95
C GLN B 458 -8.47 -16.33 12.76
N ARG B 459 -7.75 -15.43 12.10
CA ARG B 459 -7.26 -14.22 12.76
C ARG B 459 -7.27 -13.08 11.75
N VAL B 460 -7.54 -11.86 12.24
CA VAL B 460 -7.55 -10.68 11.39
C VAL B 460 -6.16 -10.54 10.77
N VAL B 461 -6.11 -10.23 9.48
CA VAL B 461 -4.84 -10.07 8.78
C VAL B 461 -3.96 -9.04 9.49
N PRO B 462 -2.65 -9.35 9.66
CA PRO B 462 -1.79 -8.45 10.45
C PRO B 462 -1.61 -7.04 9.88
N GLU B 463 -1.77 -6.89 8.56
CA GLU B 463 -1.74 -5.56 7.92
C GLU B 463 -2.79 -4.62 8.50
N THR B 464 -3.99 -5.16 8.74
CA THR B 464 -5.10 -4.41 9.30
C THR B 464 -4.85 -4.07 10.77
N LEU B 465 -4.39 -5.06 11.55
CA LEU B 465 -4.11 -4.84 12.97
C LEU B 465 -3.03 -3.79 13.16
N ALA B 466 -1.97 -3.87 12.35
CA ALA B 466 -0.86 -2.91 12.41
C ALA B 466 -1.31 -1.50 12.04
N ALA B 467 -2.11 -1.38 10.98
CA ALA B 467 -2.64 -0.09 10.55
C ALA B 467 -3.61 0.51 11.57
N TYR B 468 -4.52 -0.31 12.09
CA TYR B 468 -5.45 0.10 13.14
C TYR B 468 -4.71 0.63 14.37
N LYS B 469 -3.77 -0.14 14.87
CA LYS B 469 -3.03 0.23 16.07
C LYS B 469 -2.18 1.48 15.86
N GLY B 470 -1.49 1.55 14.72
CA GLY B 470 -0.62 2.68 14.41
C GLY B 470 -1.33 4.01 14.22
N ASN B 471 -2.55 3.97 13.69
CA ASN B 471 -3.35 5.16 13.45
C ASN B 471 -4.22 5.58 14.64
N SER B 472 -4.41 4.66 15.60
CA SER B 472 -5.25 4.92 16.76
C SER B 472 -4.49 5.60 17.89
N THR B 473 -5.26 6.21 18.81
CA THR B 473 -4.74 6.57 20.13
C THR B 473 -4.85 5.31 20.98
N VAL B 474 -3.71 4.74 21.34
CA VAL B 474 -3.65 3.48 22.06
C VAL B 474 -3.51 3.75 23.56
N SER B 475 -4.43 3.18 24.34
CA SER B 475 -4.34 3.21 25.80
C SER B 475 -4.12 1.79 26.30
N THR B 476 -2.97 1.54 26.92
CA THR B 476 -2.67 0.26 27.55
C THR B 476 -3.15 0.35 28.99
N LEU B 477 -4.08 -0.52 29.35
CA LEU B 477 -4.80 -0.41 30.62
C LEU B 477 -4.23 -1.37 31.64
N ALA B 478 -4.32 -0.99 32.91
CA ALA B 478 -3.79 -1.81 34.00
C ALA B 478 -4.61 -3.08 34.15
N PRO B 479 -3.96 -4.21 34.50
CA PRO B 479 -4.72 -5.43 34.71
C PRO B 479 -5.63 -5.34 35.95
N VAL B 480 -6.69 -6.13 35.94
CA VAL B 480 -7.78 -6.03 36.91
C VAL B 480 -8.09 -7.42 37.45
N MET B 481 -8.22 -7.55 38.77
CA MET B 481 -8.81 -8.74 39.38
C MET B 481 -10.27 -8.42 39.64
N LEU B 482 -11.16 -9.20 39.02
CA LEU B 482 -12.59 -9.07 39.24
C LEU B 482 -12.95 -10.04 40.35
N ASN B 483 -13.28 -9.49 41.52
CA ASN B 483 -13.55 -10.28 42.72
C ASN B 483 -14.83 -9.76 43.39
N GLU B 484 -14.95 -9.93 44.71
CA GLU B 484 -16.12 -9.43 45.45
C GLU B 484 -16.36 -7.91 45.32
N SER B 485 -15.29 -7.15 45.08
CA SER B 485 -15.39 -5.68 44.94
C SER B 485 -15.81 -5.19 43.55
N ALA B 486 -15.91 -6.08 42.57
CA ALA B 486 -16.17 -5.68 41.18
C ALA B 486 -17.60 -5.22 41.00
N ALA B 487 -17.79 -4.04 40.41
CA ALA B 487 -19.11 -3.61 39.97
C ALA B 487 -19.55 -4.45 38.78
N ALA B 488 -20.83 -4.41 38.48
CA ALA B 488 -21.38 -5.14 37.33
C ALA B 488 -20.77 -4.60 36.04
N TYR B 489 -20.62 -3.28 35.96
CA TYR B 489 -19.95 -2.59 34.85
C TYR B 489 -18.91 -1.60 35.39
N THR B 490 -17.69 -1.72 34.86
CA THR B 490 -16.58 -0.83 35.23
C THR B 490 -16.03 -0.19 33.95
N PRO B 491 -16.32 1.12 33.73
CA PRO B 491 -15.73 1.82 32.58
C PRO B 491 -14.20 1.78 32.58
N PHE B 492 -13.60 1.63 31.40
CA PHE B 492 -12.15 1.69 31.29
C PHE B 492 -11.65 3.07 31.72
N SER B 493 -10.42 3.12 32.24
CA SER B 493 -9.80 4.36 32.69
C SER B 493 -9.57 5.36 31.55
N SER B 494 -9.44 4.87 30.33
CA SER B 494 -9.48 5.68 29.12
C SER B 494 -10.70 5.28 28.30
N GLN B 495 -11.37 6.26 27.69
CA GLN B 495 -12.59 6.02 26.94
C GLN B 495 -12.43 6.31 25.45
N PRO B 496 -13.21 5.62 24.61
CA PRO B 496 -13.29 5.99 23.18
C PRO B 496 -13.84 7.39 22.99
N THR B 497 -13.56 7.99 21.83
CA THR B 497 -14.07 9.32 21.48
C THR B 497 -15.15 9.29 20.40
N ASP B 498 -15.42 8.10 19.84
CA ASP B 498 -16.42 7.94 18.77
C ASP B 498 -16.71 6.43 18.65
N ARG B 499 -17.42 6.03 17.59
CA ARG B 499 -17.84 4.63 17.41
C ARG B 499 -16.86 3.79 16.58
N PHE B 500 -15.58 4.10 16.66
CA PHE B 500 -14.55 3.44 15.85
C PHE B 500 -13.39 3.11 16.76
N TYR B 501 -13.39 1.89 17.28
CA TYR B 501 -12.36 1.44 18.21
C TYR B 501 -12.25 -0.06 18.32
N ALA B 502 -11.12 -0.49 18.89
CA ALA B 502 -10.87 -1.90 19.16
C ALA B 502 -10.51 -2.09 20.62
N LEU B 503 -10.95 -3.21 21.18
CA LEU B 503 -10.63 -3.63 22.53
C LEU B 503 -9.99 -4.98 22.47
N THR B 504 -9.06 -5.23 23.39
CA THR B 504 -8.54 -6.57 23.56
C THR B 504 -8.31 -6.85 25.04
N GLY B 505 -8.42 -8.11 25.43
CA GLY B 505 -8.16 -8.53 26.80
C GLY B 505 -8.03 -10.04 26.92
N SER B 506 -7.29 -10.48 27.94
CA SER B 506 -7.17 -11.90 28.27
C SER B 506 -7.85 -12.13 29.61
N PHE B 507 -8.90 -12.97 29.59
CA PHE B 507 -9.71 -13.26 30.76
C PHE B 507 -9.30 -14.62 31.28
N GLU B 508 -8.78 -14.66 32.50
CA GLU B 508 -8.32 -15.90 33.12
C GLU B 508 -9.34 -16.35 34.15
N PHE B 509 -9.88 -17.55 33.94
CA PHE B 509 -10.96 -18.09 34.77
C PHE B 509 -10.48 -19.31 35.55
N GLY B 510 -11.06 -19.53 36.73
CA GLY B 510 -10.87 -20.78 37.45
C GLY B 510 -11.49 -21.94 36.68
N LEU B 511 -10.90 -23.13 36.81
CA LEU B 511 -11.39 -24.30 36.08
C LEU B 511 -12.84 -24.70 36.39
N ASN B 512 -13.32 -24.39 37.61
CA ASN B 512 -14.70 -24.67 38.01
C ASN B 512 -15.50 -23.40 38.27
N THR B 513 -15.16 -22.33 37.56
CA THR B 513 -15.81 -21.05 37.76
C THR B 513 -17.29 -21.10 37.37
N THR B 514 -18.09 -20.30 38.06
CA THR B 514 -19.44 -19.99 37.62
C THR B 514 -19.59 -18.47 37.39
N ALA B 515 -18.47 -17.76 37.35
CA ALA B 515 -18.47 -16.33 37.08
C ALA B 515 -18.58 -16.10 35.58
N LYS B 516 -19.08 -14.91 35.22
CA LYS B 516 -19.14 -14.45 33.84
C LYS B 516 -18.37 -13.15 33.77
N ALA B 517 -17.77 -12.88 32.62
CA ALA B 517 -17.12 -11.60 32.38
C ALA B 517 -17.07 -11.28 30.91
N GLY B 518 -16.77 -10.03 30.59
CA GLY B 518 -16.60 -9.61 29.21
C GLY B 518 -16.49 -8.11 29.06
N PHE B 519 -16.99 -7.59 27.94
CA PHE B 519 -16.89 -6.18 27.61
C PHE B 519 -18.25 -5.59 27.33
N ARG B 520 -18.48 -4.38 27.84
CA ARG B 520 -19.60 -3.54 27.41
C ARG B 520 -19.04 -2.53 26.40
N VAL B 521 -19.78 -2.31 25.31
CA VAL B 521 -19.38 -1.35 24.28
C VAL B 521 -20.56 -0.49 23.83
N LEU B 522 -20.23 0.59 23.10
CA LEU B 522 -21.21 1.56 22.59
C LEU B 522 -22.20 1.98 23.68
N ALA B 523 -21.61 2.42 24.80
CA ALA B 523 -22.31 2.55 26.06
C ALA B 523 -22.45 3.99 26.55
N SER B 524 -23.69 4.38 26.84
CA SER B 524 -24.01 5.52 27.67
C SER B 524 -24.83 4.95 28.84
N GLU B 525 -25.42 5.80 29.66
CA GLU B 525 -26.32 5.34 30.72
C GLU B 525 -27.55 4.63 30.16
N GLU B 526 -28.03 5.08 29.00
CA GLU B 526 -29.32 4.62 28.44
C GLU B 526 -29.24 3.58 27.33
N GLU B 527 -28.08 3.48 26.67
CA GLU B 527 -27.88 2.51 25.61
C GLU B 527 -26.53 1.86 25.81
N TYR B 528 -26.46 0.55 25.60
CA TYR B 528 -25.21 -0.21 25.72
C TYR B 528 -25.39 -1.62 25.16
N THR B 529 -24.28 -2.21 24.74
CA THR B 529 -24.25 -3.56 24.20
C THR B 529 -23.27 -4.39 25.04
N ASP B 530 -23.74 -5.52 25.55
CA ASP B 530 -22.98 -6.35 26.49
C ASP B 530 -22.48 -7.63 25.86
N ILE B 531 -21.16 -7.82 25.87
CA ILE B 531 -20.52 -9.01 25.35
C ILE B 531 -20.05 -9.83 26.55
N TRP B 532 -20.69 -10.98 26.76
CA TRP B 532 -20.41 -11.84 27.91
C TRP B 532 -19.80 -13.16 27.49
N PHE B 533 -18.86 -13.67 28.27
CA PHE B 533 -18.52 -15.08 28.22
C PHE B 533 -18.87 -15.76 29.55
N ASP B 534 -19.51 -16.93 29.44
CA ASP B 534 -19.96 -17.72 30.59
C ASP B 534 -19.30 -19.09 30.46
N PRO B 535 -18.11 -19.28 31.07
CA PRO B 535 -17.39 -20.55 30.93
C PRO B 535 -18.17 -21.82 31.33
N ALA B 536 -19.05 -21.70 32.34
CA ALA B 536 -19.84 -22.86 32.79
C ALA B 536 -20.79 -23.41 31.70
N SER B 537 -21.36 -22.51 30.89
CA SER B 537 -22.23 -22.90 29.76
C SER B 537 -21.49 -22.99 28.42
N GLU B 538 -20.26 -22.46 28.36
CA GLU B 538 -19.44 -22.37 27.15
C GLU B 538 -20.03 -21.42 26.11
N ASN B 539 -20.79 -20.43 26.57
CA ASN B 539 -21.51 -19.52 25.69
C ASN B 539 -20.89 -18.12 25.71
N LEU B 540 -20.55 -17.64 24.51
CA LEU B 540 -20.22 -16.24 24.29
C LEU B 540 -21.48 -15.60 23.76
N THR B 541 -22.01 -14.60 24.47
CA THR B 541 -23.25 -13.93 24.08
C THR B 541 -23.04 -12.44 23.85
N VAL B 542 -23.87 -11.87 22.97
CA VAL B 542 -23.99 -10.42 22.83
C VAL B 542 -25.44 -10.07 23.13
N VAL B 543 -25.66 -9.42 24.28
CA VAL B 543 -26.99 -9.05 24.72
C VAL B 543 -27.27 -7.64 24.22
N ARG B 544 -28.36 -7.50 23.46
CA ARG B 544 -28.68 -6.29 22.75
C ARG B 544 -30.05 -5.71 23.11
N THR B 545 -30.56 -6.09 24.28
CA THR B 545 -31.82 -5.55 24.80
C THR B 545 -31.79 -4.05 25.04
N ALA B 546 -30.61 -3.50 25.35
CA ALA B 546 -30.44 -2.06 25.56
C ALA B 546 -29.55 -1.41 24.48
N SER B 547 -29.25 -2.11 23.40
CA SER B 547 -28.32 -1.59 22.37
C SER B 547 -28.76 -0.25 21.77
N SER B 548 -30.07 -0.06 21.61
CA SER B 548 -30.60 1.17 21.03
C SER B 548 -31.98 1.55 21.57
N LEU B 549 -32.20 2.85 21.69
CA LEU B 549 -33.52 3.41 21.92
C LEU B 549 -34.44 3.29 20.70
N ILE B 550 -33.84 3.07 19.51
CA ILE B 550 -34.61 2.89 18.28
C ILE B 550 -35.10 1.45 18.24
N LYS B 551 -36.42 1.27 18.30
CA LYS B 551 -37.01 -0.04 18.54
C LYS B 551 -37.16 -0.96 17.33
N SER B 552 -36.99 -0.42 16.13
CA SER B 552 -37.17 -1.20 14.90
C SER B 552 -36.00 -2.11 14.57
N PHE B 553 -34.81 -1.84 15.13
CA PHE B 553 -33.65 -2.70 14.91
C PHE B 553 -33.73 -3.97 15.75
N GLY B 554 -33.07 -5.03 15.29
CA GLY B 554 -33.05 -6.30 16.02
C GLY B 554 -32.39 -6.16 17.38
N ASN B 555 -32.95 -6.85 18.37
CA ASN B 555 -32.43 -6.83 19.74
C ASN B 555 -32.23 -8.22 20.35
N ASP B 556 -32.23 -9.26 19.51
CA ASP B 556 -32.06 -10.64 19.96
C ASP B 556 -30.62 -10.89 20.39
N THR B 557 -30.46 -11.82 21.33
CA THR B 557 -29.15 -12.15 21.88
C THR B 557 -28.38 -13.03 20.89
N GLU B 558 -27.15 -12.62 20.57
CA GLU B 558 -26.26 -13.42 19.73
C GLU B 558 -25.61 -14.47 20.61
N LEU B 559 -25.25 -15.60 20.02
CA LEU B 559 -24.61 -16.69 20.76
C LEU B 559 -23.57 -17.44 19.93
N ALA B 560 -22.39 -17.63 20.52
CA ALA B 560 -21.39 -18.53 19.98
C ALA B 560 -20.96 -19.50 21.05
N LYS B 561 -20.63 -20.73 20.64
CA LYS B 561 -20.00 -21.71 21.51
C LYS B 561 -18.49 -21.51 21.45
N VAL B 562 -17.83 -21.52 22.61
CA VAL B 562 -16.36 -21.43 22.68
C VAL B 562 -15.85 -22.53 23.60
N LYS B 563 -14.95 -23.36 23.07
CA LYS B 563 -14.29 -24.38 23.87
C LYS B 563 -12.98 -23.84 24.42
N LEU B 564 -12.89 -23.72 25.74
CA LEU B 564 -11.62 -23.40 26.40
C LEU B 564 -10.90 -24.71 26.67
N TYR B 565 -9.90 -25.01 25.84
CA TYR B 565 -9.12 -26.24 25.95
C TYR B 565 -8.19 -26.06 27.15
N GLU B 566 -8.39 -26.87 28.18
CA GLU B 566 -7.62 -26.76 29.42
C GLU B 566 -6.29 -27.46 29.22
N ILE B 567 -5.20 -26.83 29.66
CA ILE B 567 -3.85 -27.34 29.43
C ILE B 567 -3.40 -28.16 30.63
N VAL B 568 -2.68 -29.25 30.36
CA VAL B 568 -2.15 -30.14 31.41
C VAL B 568 -1.31 -29.31 32.37
N GLY B 569 -1.62 -29.40 33.67
CA GLY B 569 -0.89 -28.69 34.71
C GLY B 569 -1.39 -27.29 35.04
N ALA B 570 -2.26 -26.72 34.20
CA ALA B 570 -2.80 -25.39 34.44
C ALA B 570 -3.94 -25.47 35.47
N GLU B 571 -4.05 -24.43 36.28
CA GLU B 571 -5.11 -24.30 37.28
C GLU B 571 -6.11 -23.21 36.88
N SER B 572 -6.10 -22.83 35.61
CA SER B 572 -7.00 -21.83 35.07
C SER B 572 -7.16 -22.07 33.58
N LYS B 573 -8.13 -21.38 32.99
CA LYS B 573 -8.40 -21.46 31.55
C LYS B 573 -8.63 -20.04 31.05
N THR B 574 -8.13 -19.75 29.86
CA THR B 574 -8.05 -18.37 29.37
C THR B 574 -8.85 -18.13 28.08
N LEU B 575 -9.56 -16.99 28.06
CA LEU B 575 -10.24 -16.48 26.89
C LEU B 575 -9.56 -15.19 26.45
N ASN B 576 -8.95 -15.23 25.27
CA ASN B 576 -8.41 -14.04 24.63
C ASN B 576 -9.48 -13.47 23.71
N LEU B 577 -9.94 -12.26 24.02
CA LEU B 577 -11.11 -11.68 23.38
C LEU B 577 -10.74 -10.33 22.77
N THR B 578 -10.97 -10.20 21.46
CA THR B 578 -10.78 -8.93 20.75
C THR B 578 -12.12 -8.51 20.14
N VAL B 579 -12.43 -7.22 20.28
CA VAL B 579 -13.68 -6.65 19.76
C VAL B 579 -13.38 -5.43 18.92
N PHE B 580 -13.93 -5.39 17.70
CA PHE B 580 -13.88 -4.22 16.84
C PHE B 580 -15.26 -3.59 16.80
N VAL B 581 -15.29 -2.29 17.08
CA VAL B 581 -16.51 -1.48 17.03
C VAL B 581 -16.28 -0.50 15.89
N ASP B 582 -17.19 -0.51 14.92
CA ASP B 582 -17.00 0.24 13.67
C ASP B 582 -18.35 0.72 13.15
N GLY B 583 -18.77 1.89 13.63
CA GLY B 583 -20.09 2.43 13.34
C GLY B 583 -21.13 1.60 14.05
N SER B 584 -21.85 0.77 13.30
CA SER B 584 -22.82 -0.18 13.84
C SER B 584 -22.30 -1.61 13.93
N VAL B 585 -21.15 -1.91 13.31
CA VAL B 585 -20.58 -3.26 13.36
C VAL B 585 -19.89 -3.49 14.70
N ILE B 586 -20.21 -4.63 15.31
CA ILE B 586 -19.44 -5.18 16.42
C ILE B 586 -18.94 -6.53 15.94
N GLU B 587 -17.62 -6.68 15.82
CA GLU B 587 -17.00 -7.90 15.32
C GLU B 587 -16.04 -8.46 16.36
N ILE B 588 -16.34 -9.67 16.81
CA ILE B 588 -15.71 -10.26 17.99
C ILE B 588 -14.90 -11.48 17.57
N TYR B 589 -13.67 -11.59 18.08
CA TYR B 589 -12.79 -12.72 17.85
C TYR B 589 -12.33 -13.30 19.17
N ALA B 590 -12.43 -14.62 19.31
CA ALA B 590 -11.98 -15.31 20.52
C ALA B 590 -11.00 -16.44 20.21
N ASN B 591 -9.82 -16.37 20.83
CA ASN B 591 -8.78 -17.40 20.74
C ASN B 591 -8.38 -17.79 19.31
N ASP B 592 -8.41 -16.81 18.40
CA ASP B 592 -8.08 -17.03 16.98
C ASP B 592 -8.87 -18.21 16.39
N GLU B 593 -10.14 -18.31 16.77
CA GLU B 593 -10.95 -19.49 16.47
C GLU B 593 -12.42 -19.15 16.24
N VAL B 594 -13.02 -18.46 17.21
CA VAL B 594 -14.43 -18.14 17.19
C VAL B 594 -14.62 -16.70 16.75
N ALA B 595 -15.50 -16.48 15.77
CA ALA B 595 -15.85 -15.14 15.30
C ALA B 595 -17.34 -14.92 15.42
N LEU B 596 -17.73 -13.70 15.80
CA LEU B 596 -19.14 -13.32 15.90
C LEU B 596 -19.29 -11.86 15.47
N SER B 597 -19.99 -11.65 14.36
CA SER B 597 -20.28 -10.33 13.82
C SER B 597 -21.72 -9.97 14.12
N THR B 598 -21.96 -8.76 14.61
CA THR B 598 -23.33 -8.31 14.87
C THR B 598 -23.47 -6.80 14.68
N ARG B 599 -24.67 -6.29 14.95
CA ARG B 599 -25.00 -4.89 14.73
C ARG B 599 -25.64 -4.26 15.97
N ALA B 600 -25.25 -3.02 16.24
CA ALA B 600 -25.89 -2.19 17.27
C ALA B 600 -26.02 -0.77 16.76
N TYR B 601 -27.19 -0.17 16.95
CA TYR B 601 -27.50 1.16 16.39
C TYR B 601 -27.96 2.15 17.46
N PRO B 602 -27.14 2.41 18.50
CA PRO B 602 -27.57 3.40 19.49
C PRO B 602 -27.75 4.79 18.89
N TRP B 603 -28.80 5.47 19.30
CA TRP B 603 -29.10 6.82 18.82
C TRP B 603 -28.21 7.92 19.42
N LEU B 604 -27.96 7.85 20.73
CA LEU B 604 -27.37 8.98 21.42
C LEU B 604 -25.90 9.16 21.05
N ALA B 605 -25.50 10.41 20.87
CA ALA B 605 -24.14 10.78 20.47
C ALA B 605 -23.08 10.27 21.43
N ASN B 606 -23.42 10.19 22.72
CA ASN B 606 -22.46 9.75 23.74
C ASN B 606 -22.54 8.25 24.08
N SER B 607 -23.27 7.45 23.28
CA SER B 607 -23.30 5.99 23.46
C SER B 607 -22.10 5.36 22.76
N THR B 608 -20.91 5.73 23.24
CA THR B 608 -19.63 5.30 22.68
C THR B 608 -18.72 4.64 23.72
N GLY B 609 -19.10 4.64 24.99
CA GLY B 609 -18.23 4.19 26.06
C GLY B 609 -18.02 2.69 26.10
N ALA B 610 -17.01 2.29 26.87
CA ALA B 610 -16.66 0.88 27.00
C ALA B 610 -16.01 0.55 28.33
N GLY B 611 -16.10 -0.71 28.71
CA GLY B 611 -15.51 -1.18 29.96
C GLY B 611 -15.72 -2.65 30.20
N LEU B 612 -15.44 -3.07 31.43
CA LEU B 612 -15.48 -4.47 31.82
C LEU B 612 -16.80 -4.86 32.45
N LEU B 613 -17.27 -6.06 32.12
CA LEU B 613 -18.46 -6.65 32.70
C LEU B 613 -18.04 -7.79 33.64
N ALA B 614 -18.74 -7.91 34.76
CA ALA B 614 -18.48 -8.95 35.75
C ALA B 614 -19.80 -9.40 36.36
N ASP B 615 -19.99 -10.72 36.45
CA ASP B 615 -21.15 -11.29 37.12
C ASP B 615 -20.73 -12.50 37.94
N GLY B 616 -21.12 -12.53 39.20
CA GLY B 616 -20.81 -13.66 40.07
C GLY B 616 -19.36 -13.77 40.48
N THR B 617 -18.59 -12.68 40.38
CA THR B 617 -17.21 -12.68 40.86
C THR B 617 -17.20 -12.43 42.36
N THR B 618 -16.42 -13.24 43.07
CA THR B 618 -16.38 -13.22 44.54
C THR B 618 -14.92 -13.27 44.98
N ALA B 619 -14.67 -13.26 46.29
CA ALA B 619 -13.32 -13.47 46.83
C ALA B 619 -12.75 -14.83 46.42
N GLY B 620 -13.63 -15.83 46.33
CA GLY B 620 -13.26 -17.20 45.96
C GLY B 620 -13.26 -17.47 44.46
N ASP B 621 -14.20 -16.87 43.73
CA ASP B 621 -14.35 -17.09 42.30
C ASP B 621 -13.94 -15.82 41.56
N VAL B 622 -12.66 -15.72 41.25
CA VAL B 622 -12.05 -14.50 40.72
C VAL B 622 -11.84 -14.65 39.21
N VAL B 623 -12.00 -13.55 38.48
CA VAL B 623 -11.61 -13.48 37.06
C VAL B 623 -10.50 -12.46 36.93
N GLY B 624 -9.37 -12.90 36.39
CA GLY B 624 -8.23 -12.02 36.15
C GLY B 624 -8.29 -11.52 34.72
N VAL B 625 -8.11 -10.21 34.54
CA VAL B 625 -8.12 -9.61 33.20
C VAL B 625 -6.80 -8.88 33.00
N SER B 626 -6.08 -9.26 31.94
CA SER B 626 -4.79 -8.65 31.60
C SER B 626 -4.66 -8.47 30.09
N GLY B 627 -3.56 -7.83 29.67
CA GLY B 627 -3.34 -7.48 28.28
C GLY B 627 -4.40 -6.56 27.72
N LEU B 628 -4.95 -5.69 28.57
CA LEU B 628 -6.05 -4.80 28.19
C LEU B 628 -5.54 -3.61 27.39
N GLU B 629 -6.11 -3.41 26.20
CA GLU B 629 -5.82 -2.22 25.40
C GLU B 629 -7.06 -1.71 24.71
N LEU B 630 -7.13 -0.38 24.59
CA LEU B 630 -8.11 0.31 23.78
C LEU B 630 -7.37 0.99 22.64
N TRP B 631 -7.81 0.72 21.40
CA TRP B 631 -7.33 1.45 20.23
C TRP B 631 -8.45 2.37 19.76
N ASP B 632 -8.32 3.66 20.02
CA ASP B 632 -9.35 4.63 19.66
C ASP B 632 -9.07 5.27 18.30
N GLY B 633 -9.98 5.05 17.34
CA GLY B 633 -9.94 5.74 16.05
C GLY B 633 -9.90 4.82 14.84
N LEU B 634 -9.08 3.76 14.95
CA LEU B 634 -8.84 2.83 13.84
C LEU B 634 -8.30 3.59 12.61
N VAL B 635 -8.79 3.27 11.42
CA VAL B 635 -8.28 3.81 10.16
C VAL B 635 -9.47 4.26 9.31
N ASP B 636 -9.27 5.32 8.53
CA ASP B 636 -10.21 5.72 7.50
C ASP B 636 -9.95 4.80 6.30
N ALA B 637 -10.81 3.80 6.12
CA ALA B 637 -10.61 2.77 5.08
C ALA B 637 -10.81 3.28 3.65
N TRP B 638 -11.48 4.42 3.49
CA TRP B 638 -11.76 4.98 2.17
C TRP B 638 -11.37 6.46 2.13
N PRO B 639 -10.05 6.74 2.16
CA PRO B 639 -9.59 8.14 2.30
C PRO B 639 -10.04 9.10 1.19
N ALA B 640 -10.23 8.59 -0.03
CA ALA B 640 -10.69 9.43 -1.14
C ALA B 640 -12.18 9.76 -1.10
N ARG B 641 -12.96 9.00 -0.33
CA ARG B 641 -14.40 9.24 -0.24
C ARG B 641 -14.71 10.34 0.75
N PRO B 642 -15.65 11.25 0.42
CA PRO B 642 -16.19 12.14 1.45
C PRO B 642 -17.07 11.36 2.43
N ALA B 643 -17.48 12.02 3.50
CA ALA B 643 -18.31 11.40 4.54
C ALA B 643 -19.63 10.86 3.97
N ASN B 644 -20.28 11.67 3.14
CA ASN B 644 -21.54 11.31 2.50
C ASN B 644 -21.33 11.03 1.01
N THR B 645 -21.28 9.75 0.65
CA THR B 645 -21.17 9.30 -0.74
C THR B 645 -22.51 8.83 -1.34
N SER B 646 -23.63 9.18 -0.70
CA SER B 646 -24.95 8.93 -1.29
C SER B 646 -25.09 9.65 -2.63
N GLN B 647 -25.74 8.98 -3.58
CA GLN B 647 -26.13 9.58 -4.86
C GLN B 647 -27.65 9.64 -4.99
N GLY B 648 -28.35 9.55 -3.85
CA GLY B 648 -29.80 9.44 -3.84
C GLY B 648 -30.27 8.04 -4.14
N LEU B 649 -31.56 7.81 -3.94
CA LEU B 649 -32.19 6.53 -4.21
C LEU B 649 -33.22 6.67 -5.30
N VAL B 650 -33.45 5.59 -6.03
CA VAL B 650 -34.39 5.59 -7.14
C VAL B 650 -35.35 4.41 -7.05
N TRP B 651 -36.50 4.58 -7.70
CA TRP B 651 -37.51 3.54 -7.83
C TRP B 651 -37.53 3.06 -9.28
N ASP B 652 -37.59 1.73 -9.47
CA ASP B 652 -37.65 1.13 -10.81
C ASP B 652 -38.99 1.38 -11.53
N GLY B 653 -40.01 1.74 -10.77
CA GLY B 653 -41.30 2.09 -11.32
C GLY B 653 -42.22 0.88 -11.35
N PRO B 654 -43.41 1.05 -11.95
CA PRO B 654 -44.43 0.00 -12.01
C PRO B 654 -44.01 -1.32 -12.70
N THR B 655 -43.03 -1.28 -13.60
CA THR B 655 -42.58 -2.49 -14.28
C THR B 655 -41.83 -3.48 -13.36
N ALA B 656 -41.31 -3.02 -12.23
CA ALA B 656 -40.62 -3.93 -11.30
C ALA B 656 -41.54 -5.08 -10.87
N ALA B 657 -42.78 -4.73 -10.50
CA ALA B 657 -43.80 -5.73 -10.15
C ALA B 657 -44.23 -6.59 -11.33
N MET B 658 -44.24 -6.01 -12.53
CA MET B 658 -44.61 -6.75 -13.76
C MET B 658 -43.58 -7.83 -14.09
N TYR B 659 -42.30 -7.47 -14.01
CA TYR B 659 -41.22 -8.42 -14.30
C TYR B 659 -41.07 -9.44 -13.16
N GLY B 660 -41.30 -8.98 -11.92
CA GLY B 660 -41.34 -9.86 -10.76
C GLY B 660 -39.98 -10.40 -10.31
N LEU B 661 -38.90 -9.72 -10.70
CA LEU B 661 -37.53 -10.17 -10.41
C LEU B 661 -36.89 -9.47 -9.23
N PHE B 662 -37.10 -8.15 -9.13
CA PHE B 662 -36.47 -7.30 -8.14
C PHE B 662 -37.55 -6.50 -7.40
N ALA B 663 -37.32 -6.21 -6.12
CA ALA B 663 -38.25 -5.38 -5.33
C ALA B 663 -38.51 -4.03 -6.02
N GLY B 664 -37.45 -3.46 -6.58
CA GLY B 664 -37.56 -2.22 -7.36
C GLY B 664 -37.06 -0.98 -6.66
N TYR B 665 -36.61 -1.12 -5.41
CA TYR B 665 -36.11 0.01 -4.61
C TYR B 665 -34.93 -0.45 -3.76
C1 NAG C . 18.58 -1.35 -32.37
C2 NAG C . 17.68 -1.84 -33.49
C3 NAG C . 17.85 -0.92 -34.69
C4 NAG C . 17.49 0.50 -34.28
C5 NAG C . 18.31 0.95 -33.07
C6 NAG C . 17.82 2.29 -32.52
C7 NAG C . 17.09 -4.19 -33.91
C8 NAG C . 17.61 -5.52 -34.37
N2 NAG C . 18.00 -3.21 -33.89
O3 NAG C . 17.00 -1.37 -35.77
O4 NAG C . 17.58 1.38 -35.42
O5 NAG C . 18.19 -0.02 -32.03
O6 NAG C . 18.87 2.95 -31.81
O7 NAG C . 15.92 -4.06 -33.60
C1 NAG C . 18.90 1.79 -35.83
C2 NAG C . 18.88 2.14 -37.31
C3 NAG C . 20.24 2.65 -37.76
C4 NAG C . 20.74 3.75 -36.83
C5 NAG C . 20.65 3.33 -35.36
C6 NAG C . 20.98 4.45 -34.39
C7 NAG C . 17.28 0.70 -38.55
C8 NAG C . 16.17 1.64 -38.21
N2 NAG C . 18.50 0.98 -38.11
O3 NAG C . 20.12 3.14 -39.10
O4 NAG C . 22.12 4.01 -37.09
O5 NAG C . 19.31 2.93 -35.09
O6 NAG C . 21.07 3.91 -33.07
O7 NAG C . 17.05 -0.30 -39.22
C1 BMA C . 22.30 5.21 -37.83
C2 BMA C . 23.73 5.67 -37.65
C3 BMA C . 24.03 6.88 -38.51
C4 BMA C . 23.61 6.64 -39.95
C5 BMA C . 22.16 6.19 -39.97
C6 BMA C . 21.60 5.97 -41.36
O2 BMA C . 24.60 4.59 -38.01
O3 BMA C . 25.42 7.21 -38.50
O4 BMA C . 23.77 7.87 -40.66
O5 BMA C . 22.03 4.99 -39.21
O6 BMA C . 22.42 5.07 -42.10
C1 MAN C . 22.11 5.19 -43.51
C2 MAN C . 23.02 4.21 -44.24
C3 MAN C . 24.46 4.69 -44.20
C4 MAN C . 24.57 6.14 -44.70
C5 MAN C . 23.62 7.02 -43.91
C6 MAN C . 23.67 8.48 -44.32
O2 MAN C . 22.58 4.05 -45.59
O3 MAN C . 25.28 3.86 -45.03
O4 MAN C . 25.92 6.58 -44.56
O5 MAN C . 22.29 6.50 -44.06
O6 MAN C . 23.21 8.60 -45.67
C1 MAN C . 23.63 9.83 -46.30
C2 MAN C . 22.93 9.93 -47.65
C3 MAN C . 23.49 8.89 -48.63
C4 MAN C . 25.01 8.90 -48.69
C5 MAN C . 25.63 8.91 -47.29
C6 MAN C . 27.16 9.09 -47.32
O2 MAN C . 23.12 11.24 -48.19
O3 MAN C . 22.96 9.12 -49.94
O4 MAN C . 25.45 7.73 -49.40
O5 MAN C . 25.04 9.95 -46.49
O6 MAN C . 27.52 10.47 -47.26
C1 MAN C . 22.00 12.14 -48.06
C2 MAN C . 22.15 13.20 -49.15
C3 MAN C . 23.30 14.15 -48.81
C4 MAN C . 23.18 14.71 -47.40
C5 MAN C . 23.00 13.59 -46.38
C6 MAN C . 22.77 14.14 -44.97
O2 MAN C . 20.97 13.97 -49.38
O3 MAN C . 23.35 15.23 -49.75
O4 MAN C . 24.36 15.46 -47.10
O5 MAN C . 21.90 12.74 -46.76
O6 MAN C . 22.79 13.07 -44.02
C1 MAN C . 26.24 3.12 -44.27
C2 MAN C . 27.17 2.47 -45.31
C3 MAN C . 26.47 1.33 -46.02
C4 MAN C . 25.84 0.35 -45.03
C5 MAN C . 24.91 1.10 -44.07
C6 MAN C . 24.25 0.17 -43.05
O2 MAN C . 28.36 2.02 -44.66
O3 MAN C . 27.39 0.64 -46.86
O4 MAN C . 25.12 -0.64 -45.77
O5 MAN C . 25.65 2.13 -43.41
O6 MAN C . 25.16 -0.13 -41.97
C1 MAN C . 25.81 8.00 -37.37
C2 MAN C . 27.07 8.77 -37.72
C3 MAN C . 28.21 7.83 -38.02
C4 MAN C . 28.41 6.83 -36.88
C5 MAN C . 27.11 6.23 -36.35
C6 MAN C . 27.31 5.55 -35.01
O2 MAN C . 27.38 9.60 -36.57
O3 MAN C . 29.42 8.57 -38.22
O4 MAN C . 29.27 5.77 -37.34
O5 MAN C . 26.08 7.22 -36.19
O6 MAN C . 27.47 6.52 -33.96
C1 MAN C . 26.67 10.78 -36.61
C2 MAN C . 26.69 11.65 -37.84
C3 MAN C . 27.75 12.72 -37.79
C4 MAN C . 27.50 13.46 -36.50
C5 MAN C . 27.85 12.47 -35.39
C6 MAN C . 27.96 13.16 -34.04
O2 MAN C . 25.44 12.31 -37.84
O3 MAN C . 27.58 13.59 -38.90
O4 MAN C . 28.25 14.66 -36.44
O5 MAN C . 26.81 11.50 -35.39
O6 MAN C . 27.52 12.29 -32.99
C1 NAG D . 6.09 11.73 -28.98
C2 NAG D . 6.26 11.14 -30.39
C3 NAG D . 4.92 10.83 -31.06
C4 NAG D . 4.07 10.00 -30.11
C5 NAG D . 3.95 10.73 -28.77
C6 NAG D . 3.07 9.98 -27.77
C7 NAG D . 8.38 11.86 -31.46
C8 NAG D . 9.06 12.94 -32.25
N2 NAG D . 7.07 12.06 -31.19
O3 NAG D . 5.16 10.13 -32.28
O4 NAG D . 2.78 9.83 -30.72
O5 NAG D . 5.26 10.88 -28.20
O6 NAG D . 3.66 8.73 -27.41
O7 NAG D . 9.01 10.90 -31.07
C1 NAG D . 2.35 8.47 -30.71
C2 NAG D . 0.89 8.40 -31.16
C3 NAG D . 0.42 6.95 -31.23
C4 NAG D . 1.40 6.07 -31.98
C5 NAG D . 2.82 6.28 -31.46
C6 NAG D . 3.86 5.43 -32.19
C7 NAG D . -0.24 10.43 -30.27
C8 NAG D . -1.17 10.91 -29.20
N2 NAG D . 0.03 9.12 -30.23
O3 NAG D . -0.86 6.91 -31.87
O4 NAG D . 1.06 4.70 -31.75
O5 NAG D . 3.16 7.66 -31.56
O6 NAG D . 3.87 5.74 -33.59
O7 NAG D . 0.23 11.19 -31.10
C1 BMA D . 0.32 4.09 -32.82
C2 BMA D . 0.70 2.61 -32.87
C3 BMA D . -0.09 1.87 -33.95
C4 BMA D . -1.58 2.15 -33.80
C5 BMA D . -1.84 3.65 -33.71
C6 BMA D . -3.30 3.95 -33.44
O2 BMA D . 0.42 2.00 -31.61
O3 BMA D . 0.17 0.48 -33.77
O4 BMA D . -2.28 1.61 -34.92
O5 BMA D . -1.08 4.22 -32.63
O6 BMA D . -3.46 5.37 -33.47
C1 MAN D . 0.48 -0.18 -35.01
C2 MAN D . 0.38 -1.68 -34.76
C3 MAN D . 1.45 -2.14 -33.78
C4 MAN D . 2.81 -1.81 -34.34
C5 MAN D . 2.91 -0.36 -34.81
C6 MAN D . 4.14 -0.23 -35.70
O2 MAN D . 0.59 -2.31 -36.02
O3 MAN D . 1.35 -3.55 -33.55
O4 MAN D . 3.80 -2.06 -33.33
O5 MAN D . 1.77 0.12 -35.54
O6 MAN D . 4.72 1.08 -35.54
C1 MAN D . -0.36 -3.36 -36.27
C2 MAN D . 0.13 -4.19 -37.45
C3 MAN D . 0.10 -3.36 -38.73
C4 MAN D . -1.30 -2.77 -38.92
C5 MAN D . -1.76 -2.02 -37.68
C6 MAN D . -3.20 -1.49 -37.78
O2 MAN D . -0.72 -5.34 -37.59
O3 MAN D . 0.47 -4.17 -39.84
O4 MAN D . -1.34 -1.92 -40.07
O5 MAN D . -1.67 -2.87 -36.53
O6 MAN D . -4.12 -2.58 -37.72
C1 MAN D . -0.29 -6.44 -36.77
C2 MAN D . 0.62 -7.34 -37.60
C3 MAN D . -0.17 -8.06 -38.68
C4 MAN D . -1.37 -8.78 -38.09
C5 MAN D . -2.22 -7.86 -37.20
C6 MAN D . -3.30 -8.63 -36.46
O2 MAN D . 1.26 -8.29 -36.74
O3 MAN D . 0.67 -8.99 -39.36
O4 MAN D . -2.18 -9.29 -39.17
O5 MAN D . -1.38 -7.21 -36.23
O6 MAN D . -4.26 -7.72 -35.93
C1 MAN D . -4.84 5.72 -33.30
C2 MAN D . -4.98 7.23 -33.34
C3 MAN D . -4.44 7.87 -32.07
C4 MAN D . -5.05 7.20 -30.84
C5 MAN D . -4.76 5.71 -30.91
C6 MAN D . -5.30 4.93 -29.71
O2 MAN D . -6.37 7.57 -33.50
O3 MAN D . -4.74 9.26 -32.03
O4 MAN D . -4.52 7.79 -29.65
O5 MAN D . -5.39 5.20 -32.09
O6 MAN D . -6.74 4.95 -29.78
C1 MAN D . -3.59 10.09 -32.25
C2 MAN D . -3.94 11.51 -31.82
C3 MAN D . -4.96 12.12 -32.79
C4 MAN D . -4.44 12.04 -34.23
C5 MAN D . -4.06 10.60 -34.56
C6 MAN D . -3.45 10.48 -35.94
O2 MAN D . -2.75 12.29 -31.81
O3 MAN D . -5.21 13.49 -32.43
O4 MAN D . -5.44 12.51 -35.14
O5 MAN D . -3.13 10.08 -33.61
O6 MAN D . -3.13 9.11 -36.19
C1 MAN D . -7.35 4.56 -28.55
C2 MAN D . -8.82 4.28 -28.82
C3 MAN D . -9.56 5.58 -29.16
C4 MAN D . -9.23 6.69 -28.15
C5 MAN D . -7.74 6.81 -27.83
C6 MAN D . -7.44 7.78 -26.69
O2 MAN D . -9.43 3.65 -27.68
O3 MAN D . -10.97 5.36 -29.18
O4 MAN D . -9.67 7.93 -28.72
O5 MAN D . -7.23 5.51 -27.49
O6 MAN D . -8.03 7.31 -25.47
C1 NAG E . 24.37 7.26 15.16
C2 NAG E . 24.10 8.60 15.83
C3 NAG E . 23.80 8.39 17.30
C4 NAG E . 22.69 7.35 17.49
C5 NAG E . 23.02 6.07 16.74
C6 NAG E . 21.93 5.00 16.79
C7 NAG E . 25.33 10.50 14.82
C8 NAG E . 26.61 11.29 14.88
N2 NAG E . 25.24 9.50 15.70
O3 NAG E . 23.41 9.64 17.89
O4 NAG E . 22.61 7.08 18.90
O5 NAG E . 23.25 6.40 15.37
O6 NAG E . 20.71 5.50 16.23
O7 NAG E . 24.46 10.76 14.00
C1 NAG E . 21.42 7.63 19.51
C2 NAG E . 21.28 7.03 20.91
C3 NAG E . 20.07 7.65 21.62
C4 NAG E . 20.09 9.19 21.53
C5 NAG E . 20.22 9.60 20.07
C6 NAG E . 20.17 11.11 19.82
C7 NAG E . 22.10 4.65 20.81
C8 NAG E . 23.53 5.01 21.12
N2 NAG E . 21.13 5.59 20.74
O3 NAG E . 20.05 7.24 22.98
O4 NAG E . 18.90 9.71 22.13
O5 NAG E . 21.44 9.06 19.56
O6 NAG E . 19.25 11.40 18.76
O7 NAG E . 21.81 3.47 20.63
C1 NAG F . -36.40 8.51 -2.09
C2 NAG F . -36.68 9.49 -3.23
C3 NAG F . -37.86 9.00 -4.05
C4 NAG F . -37.55 7.59 -4.57
C5 NAG F . -37.16 6.65 -3.43
C6 NAG F . -36.67 5.31 -3.96
C7 NAG F . -36.28 11.91 -3.05
C8 NAG F . -36.77 13.19 -2.43
N2 NAG F . -36.97 10.82 -2.72
O3 NAG F . -38.09 9.88 -5.15
O4 NAG F . -38.63 7.13 -5.41
O5 NAG F . -36.11 7.22 -2.66
O6 NAG F . -36.81 4.30 -2.96
O7 NAG F . -35.33 11.91 -3.81
C1 NAG F . -39.81 6.67 -4.73
C2 NAG F . -41.01 6.83 -5.66
C3 NAG F . -42.27 6.30 -4.97
C4 NAG F . -42.04 4.89 -4.42
C5 NAG F . -40.76 4.80 -3.59
C6 NAG F . -40.40 3.38 -3.18
C7 NAG F . -40.71 8.77 -7.18
C8 NAG F . -40.97 10.24 -7.37
N2 NAG F . -41.17 8.24 -6.03
O3 NAG F . -43.34 6.28 -5.92
O4 NAG F . -43.12 4.49 -3.55
O5 NAG F . -39.69 5.30 -4.36
O6 NAG F . -39.31 3.41 -2.25
O7 NAG F . -40.13 8.13 -8.04
C1 BMA F . -44.00 3.55 -4.17
C2 BMA F . -44.77 2.78 -3.11
C3 BMA F . -45.78 1.84 -3.77
C4 BMA F . -46.65 2.60 -4.75
C5 BMA F . -45.74 3.30 -5.75
C6 BMA F . -46.51 4.07 -6.81
O2 BMA F . -45.44 3.72 -2.25
O3 BMA F . -46.66 1.22 -2.83
O4 BMA F . -47.50 1.65 -5.43
O5 BMA F . -44.89 4.21 -5.07
O6 BMA F . -47.39 5.02 -6.17
C1 MAN F . -48.32 5.54 -7.12
C2 MAN F . -49.21 6.56 -6.40
C3 MAN F . -50.18 5.85 -5.45
C4 MAN F . -50.93 4.72 -6.16
C5 MAN F . -49.94 3.78 -6.84
C6 MAN F . -50.61 2.56 -7.50
O2 MAN F . -49.93 7.34 -7.36
O3 MAN F . -51.11 6.80 -4.92
O4 MAN F . -51.73 4.03 -5.19
O5 MAN F . -49.16 4.55 -7.76
O6 MAN F . -51.41 2.93 -8.64
C1 MAN F . -52.12 1.79 -9.22
C2 MAN F . -52.92 2.25 -10.43
C3 MAN F . -53.91 3.32 -9.99
C4 MAN F . -54.84 2.79 -8.90
C5 MAN F . -54.17 1.88 -7.86
C6 MAN F . -55.21 0.88 -7.34
O2 MAN F . -53.66 1.14 -11.01
O3 MAN F . -54.69 3.74 -11.12
O4 MAN F . -55.42 3.91 -8.21
O5 MAN F . -53.04 1.12 -8.33
O6 MAN F . -54.79 0.35 -6.08
C1 MAN F . -52.99 0.44 -12.08
C2 MAN F . -54.00 -0.28 -12.97
C3 MAN F . -54.58 -1.52 -12.30
C4 MAN F . -53.50 -2.43 -11.73
C5 MAN F . -52.47 -1.65 -10.90
C6 MAN F . -51.29 -2.53 -10.52
O2 MAN F . -53.37 -0.64 -14.20
O3 MAN F . -55.38 -2.26 -13.24
O4 MAN F . -54.12 -3.43 -10.91
O5 MAN F . -52.00 -0.50 -11.63
O6 MAN F . -50.51 -1.87 -9.51
C1 MAN F . -46.08 0.10 -2.15
C2 MAN F . -47.20 -0.88 -1.82
C3 MAN F . -48.15 -0.26 -0.79
C4 MAN F . -47.40 0.38 0.39
C5 MAN F . -46.21 1.24 -0.05
C6 MAN F . -45.35 1.71 1.12
O2 MAN F . -46.63 -2.10 -1.31
O3 MAN F . -49.04 -1.26 -0.28
O4 MAN F . -48.33 1.20 1.13
O5 MAN F . -45.39 0.50 -0.96
O6 MAN F . -44.61 0.61 1.68
C1 NAG G . -28.42 -2.68 -14.33
C2 NAG G . -29.53 -1.71 -14.76
C3 NAG G . -29.21 -1.01 -16.07
C4 NAG G . -27.81 -0.40 -15.97
C5 NAG G . -26.80 -1.46 -15.58
C6 NAG G . -25.37 -0.94 -15.49
C7 NAG G . -31.73 -2.41 -13.88
C8 NAG G . -32.94 -3.25 -14.12
N2 NAG G . -30.80 -2.44 -14.84
O3 NAG G . -30.18 0.03 -16.31
O4 NAG G . -27.51 0.17 -17.25
O5 NAG G . -27.17 -2.00 -14.30
O6 NAG G . -25.26 0.02 -14.43
O7 NAG G . -31.62 -1.75 -12.85
C1 NAG G . -27.01 1.52 -17.13
C2 NAG G . -26.47 1.96 -18.49
C3 NAG G . -26.01 3.42 -18.44
C4 NAG G . -27.04 4.32 -17.77
C5 NAG G . -27.51 3.73 -16.45
C6 NAG G . -28.57 4.58 -15.75
C7 NAG G . -25.44 -0.03 -19.57
C8 NAG G . -24.12 -0.68 -19.88
N2 NAG G . -25.35 1.12 -18.90
O3 NAG G . -25.74 3.87 -19.77
O4 NAG G . -26.43 5.59 -17.46
O5 NAG G . -28.02 2.43 -16.69
O6 NAG G . -29.70 4.77 -16.60
O7 NAG G . -26.50 -0.53 -19.93
C1 BMA G . -26.74 6.63 -18.41
C2 BMA G . -26.70 7.96 -17.66
C3 BMA G . -26.95 9.12 -18.61
C4 BMA G . -26.00 9.03 -19.80
C5 BMA G . -26.08 7.65 -20.45
C6 BMA G . -25.06 7.54 -21.56
O2 BMA G . -25.43 8.13 -17.03
O3 BMA G . -26.71 10.34 -17.90
O4 BMA G . -26.34 10.05 -20.76
O5 BMA G . -25.80 6.64 -19.48
O6 BMA G . -25.15 6.22 -22.13
C1 MAN G . -27.78 11.28 -18.10
C2 MAN G . -27.34 12.64 -17.57
C3 MAN G . -27.17 12.59 -16.06
C4 MAN G . -28.47 12.14 -15.40
C5 MAN G . -29.02 10.86 -16.04
C6 MAN G . -30.46 10.61 -15.59
O2 MAN G . -28.41 13.54 -17.87
O3 MAN G . -26.80 13.88 -15.57
O4 MAN G . -28.24 11.92 -14.01
O5 MAN G . -29.01 10.90 -17.48
O6 MAN G . -30.70 9.20 -15.52
C1 MAN G . -27.94 14.76 -18.46
C2 MAN G . -29.11 15.75 -18.42
C3 MAN G . -30.21 15.31 -19.38
C4 MAN G . -29.66 15.05 -20.77
C5 MAN G . -28.46 14.11 -20.73
C6 MAN G . -27.79 13.95 -22.10
O2 MAN G . -28.65 17.06 -18.78
O3 MAN G . -31.23 16.31 -19.43
O4 MAN G . -30.70 14.49 -21.58
O5 MAN G . -27.48 14.59 -19.81
O6 MAN G . -26.96 15.08 -22.39
C1 MAN G . -28.68 17.96 -17.65
C2 MAN G . -28.58 19.40 -18.17
C3 MAN G . -27.18 19.70 -18.72
C4 MAN G . -26.08 19.30 -17.74
C5 MAN G . -26.29 17.88 -17.21
C6 MAN G . -25.30 17.53 -16.10
O2 MAN G . -28.88 20.31 -17.10
O3 MAN G . -27.07 21.08 -19.04
O4 MAN G . -24.82 19.39 -18.40
O5 MAN G . -27.63 17.71 -16.72
O6 MAN G . -25.65 18.20 -14.89
C1 MAN G . -24.26 6.10 -23.24
C2 MAN G . -24.46 4.73 -23.88
C3 MAN G . -23.88 3.63 -22.98
C4 MAN G . -22.45 3.95 -22.59
C5 MAN G . -22.42 5.32 -21.93
C6 MAN G . -21.02 5.73 -21.45
O2 MAN G . -23.81 4.71 -25.15
O3 MAN G . -23.91 2.36 -23.66
O4 MAN G . -21.95 2.92 -21.73
O5 MAN G . -22.88 6.28 -22.88
O6 MAN G . -20.23 6.01 -22.61
C1 MAN G . -24.90 1.47 -23.12
C2 MAN G . -24.60 0.06 -23.63
C3 MAN G . -24.87 -0.05 -25.14
C4 MAN G . -26.28 0.41 -25.46
C5 MAN G . -26.50 1.81 -24.88
C6 MAN G . -27.92 2.30 -25.13
O2 MAN G . -25.44 -0.87 -22.93
O3 MAN G . -24.65 -1.40 -25.58
O4 MAN G . -26.50 0.40 -26.87
O5 MAN G . -26.23 1.84 -23.47
O6 MAN G . -28.08 3.59 -24.54
C1 MAN G . -18.82 6.09 -22.28
C2 MAN G . -18.10 6.64 -23.50
C3 MAN G . -18.17 5.65 -24.66
C4 MAN G . -17.80 4.23 -24.23
C5 MAN G . -18.44 3.81 -22.90
C6 MAN G . -17.92 2.48 -22.38
O2 MAN G . -16.73 6.92 -23.18
O3 MAN G . -17.30 6.07 -25.72
O4 MAN G . -18.22 3.33 -25.25
O5 MAN G . -18.24 4.83 -21.93
O6 MAN G . -16.53 2.59 -22.01
C1 NAG H . -3.78 -15.69 24.82
C2 NAG H . -3.28 -17.09 24.48
C3 NAG H . -1.88 -17.33 25.06
C4 NAG H . -0.94 -16.17 24.77
C5 NAG H . -1.57 -14.82 25.12
C6 NAG H . -0.69 -13.63 24.73
C7 NAG H . -5.18 -18.64 24.29
C8 NAG H . -6.10 -19.57 25.04
N2 NAG H . -4.24 -18.04 25.02
O3 NAG H . -1.35 -18.53 24.51
O4 NAG H . 0.26 -16.34 25.57
O5 NAG H . -2.82 -14.71 24.43
O6 NAG H . -0.61 -13.52 23.31
O7 NAG H . -5.34 -18.47 23.09
C1 NAG H . 1.42 -16.57 24.75
C2 NAG H . 2.65 -16.35 25.62
C3 NAG H . 3.89 -16.98 24.98
C4 NAG H . 3.70 -18.45 24.63
C5 NAG H . 2.24 -18.91 24.51
C6 NAG H . 1.70 -19.56 25.79
C7 NAG H . 2.41 -14.19 26.82
C8 NAG H . 2.69 -12.72 26.74
N2 NAG H . 2.82 -14.91 25.77
O3 NAG H . 4.99 -16.83 25.87
O4 NAG H . 4.36 -18.71 23.38
O5 NAG H . 1.37 -17.85 24.09
O6 NAG H . 1.62 -20.99 25.63
O7 NAG H . 1.85 -14.68 27.80
C1 NAG I . 34.60 -3.48 -30.72
C2 NAG I . 35.92 -3.29 -31.43
C3 NAG I . 35.89 -2.05 -32.33
C4 NAG I . 34.67 -2.07 -33.25
C5 NAG I . 33.40 -2.33 -32.43
C6 NAG I . 32.14 -2.43 -33.27
C7 NAG I . 38.10 -3.95 -30.39
C8 NAG I . 38.38 -4.94 -31.47
N2 NAG I . 36.97 -3.21 -30.42
O3 NAG I . 37.09 -2.02 -33.12
O4 NAG I . 34.58 -0.80 -33.91
O5 NAG I . 33.55 -3.55 -31.69
O6 NAG I . 30.99 -2.35 -32.40
O7 NAG I . 38.90 -3.80 -29.48
C1 NAG J . 19.48 40.54 -25.33
C2 NAG J . 19.97 40.08 -26.66
C3 NAG J . 19.68 41.17 -27.69
C4 NAG J . 18.20 41.47 -27.68
C5 NAG J . 17.83 41.90 -26.30
C6 NAG J . 16.36 42.29 -26.20
C7 NAG J . 21.86 38.83 -27.27
C8 NAG J . 23.30 38.52 -27.06
N2 NAG J . 21.37 39.84 -26.59
O3 NAG J . 20.05 40.68 -28.96
O4 NAG J . 17.89 42.55 -28.56
O5 NAG J . 18.12 40.83 -25.43
O6 NAG J . 16.19 42.75 -24.87
O7 NAG J . 21.19 38.21 -28.05
C1 NAG K . 1.55 44.27 8.47
C2 NAG K . 2.76 43.86 9.28
C3 NAG K . 2.32 43.50 10.70
C4 NAG K . 1.50 44.65 11.31
C5 NAG K . 0.36 45.08 10.39
C6 NAG K . -0.39 46.31 10.92
C7 NAG K . 4.55 42.87 7.90
C8 NAG K . 5.14 41.60 7.36
N2 NAG K . 3.45 42.74 8.67
O3 NAG K . 3.48 43.26 11.49
O4 NAG K . 0.97 44.20 12.56
O5 NAG K . 0.88 45.37 9.10
O6 NAG K . 0.43 47.48 10.80
O7 NAG K . 5.04 43.94 7.63
C1 NAG L . -4.18 47.21 -8.98
C2 NAG L . -3.36 47.79 -10.13
C3 NAG L . -3.61 49.28 -10.23
C4 NAG L . -5.10 49.58 -10.36
C5 NAG L . -5.91 48.87 -9.28
C6 NAG L . -7.40 48.98 -9.59
C7 NAG L . -1.13 47.06 -10.92
C8 NAG L . 0.31 46.86 -10.56
N2 NAG L . -1.93 47.53 -9.96
O3 NAG L . -2.92 49.81 -11.38
O4 NAG L . -5.31 50.99 -10.29
O5 NAG L . -5.57 47.48 -9.19
O6 NAG L . -8.16 48.36 -8.54
O7 NAG L . -1.52 46.78 -12.05
C1 NAG M . 0.52 33.60 12.79
C2 NAG M . -0.51 34.71 12.96
C3 NAG M . -0.84 34.87 14.44
C4 NAG M . -1.37 33.54 14.98
C5 NAG M . -0.37 32.40 14.76
C6 NAG M . -1.02 31.04 15.04
C7 NAG M . -0.29 36.47 11.23
C8 NAG M . 0.39 37.78 10.91
N2 NAG M . 0.02 35.96 12.43
O3 NAG M . -1.80 35.89 14.63
O4 NAG M . -1.64 33.68 16.38
O5 NAG M . 0.09 32.37 13.41
O6 NAG M . -0.10 30.20 15.75
O7 NAG M . -1.05 35.94 10.43
C1 NAG N . 10.57 44.30 -7.81
C2 NAG N . 10.51 44.06 -9.31
C3 NAG N . 11.64 43.14 -9.77
C4 NAG N . 12.98 43.67 -9.28
C5 NAG N . 12.92 43.91 -7.76
C6 NAG N . 14.21 44.48 -7.19
C7 NAG N . 8.40 43.86 -10.64
C8 NAG N . 8.77 45.03 -11.50
N2 NAG N . 9.23 43.47 -9.66
O3 NAG N . 11.64 43.06 -11.20
O4 NAG N . 14.03 42.75 -9.58
O5 NAG N . 11.87 44.80 -7.47
O6 NAG N . 14.57 45.68 -7.87
O7 NAG N . 7.35 43.27 -10.83
C1 NAG O . 30.30 31.59 20.69
C2 NAG O . 30.80 33.02 20.77
C3 NAG O . 32.27 33.08 20.35
C4 NAG O . 33.10 32.08 21.16
C5 NAG O . 32.49 30.68 21.10
C6 NAG O . 33.18 29.68 22.04
C7 NAG O . 29.10 34.77 20.46
C8 NAG O . 28.28 35.54 19.45
N2 NAG O . 29.95 33.87 19.95
O3 NAG O . 32.75 34.42 20.57
O4 NAG O . 34.44 32.02 20.66
O5 NAG O . 31.12 30.73 21.49
O6 NAG O . 32.99 30.08 23.41
O7 NAG O . 28.95 34.97 21.65
C1 NAG P . 7.81 -6.28 1.83
C2 NAG P . 7.17 -5.95 3.17
C3 NAG P . 5.75 -5.41 3.00
C4 NAG P . 5.73 -4.27 1.97
C5 NAG P . 6.32 -4.79 0.67
C6 NAG P . 6.30 -3.77 -0.47
C7 NAG P . 7.50 -7.17 5.33
C8 NAG P . 7.92 -5.90 6.02
N2 NAG P . 7.17 -7.13 4.03
O3 NAG P . 5.23 -4.92 4.24
O4 NAG P . 4.40 -3.78 1.79
O5 NAG P . 7.67 -5.20 0.91
O6 NAG P . 6.96 -2.56 -0.06
O7 NAG P . 7.47 -8.23 5.95
C1 NAG Q . 42.43 -5.75 17.95
C2 NAG Q . 41.93 -6.06 19.36
C3 NAG Q . 41.60 -7.53 19.51
C4 NAG Q . 40.66 -7.99 18.40
C5 NAG Q . 41.23 -7.61 17.03
C6 NAG Q . 40.29 -7.97 15.89
C7 NAG Q . 42.68 -5.04 21.47
C8 NAG Q . 43.87 -4.75 22.33
N2 NAG Q . 42.95 -5.68 20.33
O3 NAG Q . 40.98 -7.75 20.79
O4 NAG Q . 40.48 -9.41 18.48
O5 NAG Q . 41.46 -6.20 17.00
O6 NAG Q . 39.05 -7.25 16.00
O7 NAG Q . 41.56 -4.69 21.82
C1 NAG R . 43.10 17.25 18.25
C2 NAG R . 43.78 18.45 17.61
C3 NAG R . 43.39 19.67 18.43
C4 NAG R . 41.90 19.90 18.19
C5 NAG R . 41.04 18.65 18.44
C6 NAG R . 39.80 18.67 17.54
C7 NAG R . 45.88 17.85 16.39
C8 NAG R . 45.12 17.61 15.11
N2 NAG R . 45.22 18.24 17.50
O3 NAG R . 44.15 20.81 18.02
O4 NAG R . 41.44 20.96 19.05
O5 NAG R . 41.68 17.39 18.17
O6 NAG R . 38.80 17.83 18.13
O7 NAG R . 47.09 17.69 16.42
C1 NAG S . 39.71 16.29 0.68
C2 NAG S . 41.05 16.05 -0.01
C3 NAG S . 41.67 17.39 -0.40
C4 NAG S . 40.72 18.17 -1.29
C5 NAG S . 39.34 18.32 -0.64
C6 NAG S . 38.35 18.94 -1.63
C7 NAG S . 42.10 13.93 0.73
C8 NAG S . 43.22 13.33 1.54
N2 NAG S . 42.05 15.27 0.73
O3 NAG S . 42.89 17.17 -1.11
O4 NAG S . 41.29 19.47 -1.53
O5 NAG S . 38.85 17.04 -0.20
O6 NAG S . 37.11 19.20 -0.96
O7 NAG S . 41.31 13.21 0.13
C1 NAG T . 39.92 4.66 -15.78
C2 NAG T . 41.06 3.65 -15.98
C3 NAG T . 42.08 4.24 -16.93
C4 NAG T . 41.44 4.76 -18.23
C5 NAG T . 40.14 5.53 -17.99
C6 NAG T . 39.35 5.73 -19.29
C7 NAG T . 41.81 2.12 -14.15
C8 NAG T . 41.22 0.92 -14.85
N2 NAG T . 41.70 3.34 -14.71
O3 NAG T . 43.05 3.23 -17.25
O4 NAG T . 42.38 5.63 -18.88
O5 NAG T . 39.31 4.86 -17.04
O6 NAG T . 38.75 4.49 -19.70
O7 NAG T . 42.38 1.97 -13.07
C1 NAG U . 34.77 -15.29 -8.92
C2 NAG U . 35.66 -16.30 -8.20
C3 NAG U . 37.07 -16.30 -8.79
C4 NAG U . 37.05 -16.32 -10.32
C5 NAG U . 36.09 -15.27 -10.89
C6 NAG U . 35.98 -15.36 -12.40
C7 NAG U . 36.02 -15.11 -5.99
C8 NAG U . 36.72 -13.92 -6.56
N2 NAG U . 35.58 -16.12 -6.75
O3 NAG U . 37.77 -17.47 -8.32
O4 NAG U . 38.37 -16.07 -10.80
O5 NAG U . 34.79 -15.47 -10.33
O6 NAG U . 35.35 -16.60 -12.77
O7 NAG U . 35.85 -15.15 -4.77
C1 NAG V . 14.86 -8.15 -23.73
C2 NAG V . 15.94 -9.01 -24.37
C3 NAG V . 16.32 -8.46 -25.74
C4 NAG V . 15.07 -8.24 -26.60
C5 NAG V . 14.08 -7.35 -25.84
C6 NAG V . 12.80 -7.09 -26.64
C7 NAG V . 17.31 -9.96 -22.54
C8 NAG V . 18.53 -9.78 -21.69
N2 NAG V . 17.09 -9.02 -23.46
O3 NAG V . 17.20 -9.38 -26.40
O4 NAG V . 15.44 -7.64 -27.84
O5 NAG V . 13.74 -7.98 -24.61
O6 NAG V . 12.06 -8.30 -26.82
O7 NAG V . 16.58 -10.93 -22.37
C1 FRU W . 16.59 18.91 -15.32
C2 FRU W . 15.85 19.33 -16.58
C3 FRU W . 14.76 20.34 -16.28
C4 FRU W . 13.83 20.18 -17.47
C5 FRU W . 13.95 18.69 -17.79
C6 FRU W . 13.93 18.42 -19.29
O1 FRU W . 17.72 18.11 -15.67
O2 FRU W . 16.76 19.88 -17.54
O3 FRU W . 15.28 21.67 -16.16
O4 FRU W . 12.48 20.52 -17.15
O5 FRU W . 15.17 18.23 -17.20
O6 FRU W . 13.97 17.01 -19.58
CAF 975 X . 17.55 21.30 -23.64
CAJ 975 X . 17.94 20.88 -24.91
OAC 975 X . 17.95 21.71 -25.98
CAI 975 X . 18.32 19.55 -25.11
OAB 975 X . 18.69 19.19 -26.37
CAD 975 X . 18.33 18.66 -24.05
CAE 975 X . 17.95 19.09 -22.77
CAK 975 X . 17.56 20.42 -22.55
CAH 975 X . 17.17 20.81 -21.27
CAG 975 X . 17.85 22.10 -20.82
OAA 975 X . 19.21 22.07 -21.29
CAF 975 Y . 20.89 16.72 -18.77
CAJ 975 Y . 19.64 17.31 -18.55
OAC 975 Y . 19.42 18.21 -17.55
CAI 975 Y . 18.56 16.99 -19.38
OAB 975 Y . 17.36 17.60 -19.13
CAD 975 Y . 18.73 16.09 -20.41
CAE 975 Y . 19.97 15.50 -20.63
CAK 975 Y . 21.06 15.79 -19.80
CAH 975 Y . 22.33 15.24 -19.98
CAG 975 Y . 22.25 13.73 -20.18
OAA 975 Y . 22.47 13.06 -18.91
CAF 975 Z . 28.23 14.40 -20.41
CAJ 975 Z . 28.90 15.59 -20.13
OAC 975 Z . 30.25 15.64 -19.96
CAI 975 Z . 28.18 16.77 -20.00
OAB 975 Z . 28.89 17.90 -19.72
CAD 975 Z . 26.80 16.78 -20.16
CAE 975 Z . 26.12 15.58 -20.46
CAK 975 Z . 26.85 14.39 -20.58
CAH 975 Z . 26.24 13.21 -20.86
CAG 975 Z . 26.42 12.93 -22.33
OAA 975 Z . 25.90 11.62 -22.61
CAF 975 AA . 2.33 21.85 -3.04
CAJ 975 AA . 3.66 21.99 -2.62
OAC 975 AA . 4.71 21.59 -3.37
CAI 975 AA . 3.93 22.55 -1.38
OAB 975 AA . 5.24 22.65 -1.02
CAD 975 AA . 2.90 22.97 -0.56
CAE 975 AA . 1.56 22.84 -0.99
CAK 975 AA . 1.27 22.29 -2.24
CAH 975 AA . -0.04 22.14 -2.65
CAG 975 AA . -0.27 22.90 -3.94
OAA 975 AA . -1.60 22.55 -4.38
CAF 975 BA . 42.18 -6.20 -2.94
CAJ 975 BA . 41.75 -7.48 -2.60
OAC 975 BA . 41.12 -8.30 -3.49
CAI 975 BA . 41.96 -7.97 -1.31
OAB 975 BA . 41.53 -9.22 -1.01
CAD 975 BA . 42.59 -7.17 -0.36
CAE 975 BA . 43.02 -5.88 -0.69
CAK 975 BA . 42.82 -5.38 -1.99
CAH 975 BA . 43.22 -4.11 -2.38
CAG 975 BA . 43.10 -3.13 -1.20
OAA 975 BA . 42.74 -1.83 -1.73
CAF 975 CA . -7.57 37.27 -23.92
CAJ 975 CA . -8.65 36.46 -23.51
OAC 975 CA . -9.53 35.87 -24.35
CAI 975 CA . -8.88 36.25 -22.15
OAB 975 CA . -9.93 35.46 -21.81
CAD 975 CA . -8.03 36.81 -21.20
CAE 975 CA . -6.96 37.59 -21.60
CAK 975 CA . -6.72 37.83 -22.96
CAH 975 CA . -5.65 38.61 -23.32
CAG 975 CA . -4.56 37.60 -23.69
OAA 975 CA . -3.29 38.25 -23.47
CAF 975 DA . 18.42 15.12 14.77
CAJ 975 DA . 19.70 14.57 14.56
OAC 975 DA . 20.80 15.07 15.19
CAI 975 DA . 19.89 13.50 13.69
OAB 975 DA . 21.15 13.03 13.53
CAD 975 DA . 18.80 12.96 13.02
CAE 975 DA . 17.53 13.49 13.23
CAK 975 DA . 17.31 14.55 14.10
CAH 975 DA . 15.98 14.96 14.15
CAG 975 DA . 15.70 16.14 15.08
OAA 975 DA . 16.27 17.33 14.50
CAF 975 EA . 18.55 11.10 -46.26
CAJ 975 EA . 19.14 9.90 -45.83
OAC 975 EA . 18.86 8.72 -46.44
CAI 975 EA . 20.04 9.89 -44.76
OAB 975 EA . 20.56 8.69 -44.41
CAD 975 EA . 20.36 11.07 -44.11
CAE 975 EA . 19.79 12.27 -44.53
CAK 975 EA . 18.90 12.29 -45.61
CAH 975 EA . 18.33 13.48 -45.98
CAG 975 EA . 18.87 13.95 -47.30
OAA 975 EA . 19.70 15.11 -47.13
CAF 975 FA . 23.02 4.71 10.10
CAJ 975 FA . 23.25 4.01 11.29
OAC 975 FA . 24.21 3.04 11.38
CAI 975 FA . 22.50 4.27 12.44
OAB 975 FA . 22.78 3.54 13.56
CAD 975 FA . 21.51 5.24 12.41
CAE 975 FA . 21.28 5.95 11.23
CAK 975 FA . 22.04 5.71 10.07
CAH 975 FA . 21.70 6.46 8.94
CAG 975 FA . 22.88 6.86 8.07
OAA 975 FA . 22.65 8.27 7.84
CAF 975 GA . 5.78 -3.75 -18.91
CAJ 975 GA . 5.72 -4.99 -19.53
OAC 975 GA . 6.42 -5.26 -20.68
CAI 975 GA . 4.94 -6.01 -18.99
OAB 975 GA . 4.92 -7.20 -19.64
CAD 975 GA . 4.20 -5.79 -17.82
CAE 975 GA . 4.25 -4.54 -17.20
CAK 975 GA . 5.05 -3.53 -17.75
CAH 975 GA . 5.12 -2.30 -17.16
CAG 975 GA . 4.17 -1.37 -17.91
OAA 975 GA . 4.81 -0.82 -19.08
CAF 975 HA . 36.64 25.52 23.38
CAJ 975 HA . 35.63 24.99 24.20
OAC 975 HA . 35.50 23.67 24.46
CAI 975 HA . 34.69 25.85 24.79
OAB 975 HA . 33.74 25.29 25.58
CAD 975 HA . 34.77 27.23 24.56
CAE 975 HA . 35.77 27.74 23.74
CAK 975 HA . 36.71 26.89 23.13
CAH 975 HA . 37.71 27.44 22.35
CAG 975 HA . 37.67 26.93 20.91
OAA 975 HA . 36.41 27.33 20.31
CAF 975 IA . 33.47 18.74 -6.25
CAJ 975 IA . 33.19 17.69 -7.13
OAC 975 IA . 33.28 17.81 -8.48
CAI 975 IA . 32.81 16.46 -6.62
OAB 975 IA . 32.54 15.47 -7.50
CAD 975 IA . 32.68 16.26 -5.27
CAE 975 IA . 32.95 17.30 -4.38
CAK 975 IA . 33.36 18.55 -4.87
CAH 975 IA . 33.62 19.61 -4.03
CAG 975 IA . 34.53 19.10 -2.92
OAA 975 IA . 35.09 20.25 -2.26
CAF 975 JA . -4.46 14.61 -1.24
CAJ 975 JA . -5.10 15.08 -2.39
OAC 975 JA . -4.50 15.07 -3.62
CAI 975 JA . -6.40 15.59 -2.31
OAB 975 JA . -6.97 16.03 -3.47
CAD 975 JA . -7.06 15.61 -1.08
CAE 975 JA . -6.42 15.14 0.07
CAK 975 JA . -5.11 14.64 -0.01
CAH 975 JA . -4.47 14.17 1.14
CAG 975 JA . -4.15 12.71 0.88
OAA 975 JA . -3.68 12.12 2.11
CAF 975 KA . 33.65 -2.61 19.15
CAJ 975 KA . 33.64 -3.77 19.94
OAC 975 KA . 34.50 -4.80 19.71
CAI 975 KA . 32.74 -3.90 21.00
OAB 975 KA . 32.79 -5.05 21.72
CAD 975 KA . 31.84 -2.87 21.28
CAE 975 KA . 31.85 -1.71 20.50
CAK 975 KA . 32.76 -1.57 19.43
CAH 975 KA . 32.79 -0.45 18.65
CAG 975 KA . 32.81 0.78 19.53
OAA 975 KA . 33.16 1.90 18.69
CAF 975 LA . 36.85 5.18 21.03
CAJ 975 LA . 37.65 6.22 21.50
OAC 975 LA . 37.33 6.93 22.61
CAI 975 LA . 38.82 6.57 20.82
OAB 975 LA . 39.56 7.60 21.32
CAD 975 LA . 39.19 5.88 19.66
CAE 975 LA . 38.39 4.83 19.21
CAK 975 LA . 37.22 4.49 19.88
CAH 975 LA . 36.45 3.47 19.42
CAG 975 LA . 36.93 2.20 20.11
OAA 975 LA . 36.41 2.20 21.46
CAF 975 MA . 37.69 28.75 12.29
CAJ 975 MA . 36.51 28.36 12.92
OAC 975 MA . 35.28 28.74 12.47
CAI 975 MA . 36.55 27.54 14.05
OAB 975 MA . 35.36 27.18 14.62
CAD 975 MA . 37.78 27.11 14.56
CAE 975 MA . 38.97 27.51 13.93
CAK 975 MA . 38.92 28.33 12.81
CAH 975 MA . 39.79 28.48 11.78
CAG 975 MA . 40.18 27.29 10.91
OAA 975 MA . 41.54 27.42 10.48
CAF 975 NA . -3.90 18.96 0.55
CAJ 975 NA . -4.89 19.37 -0.35
OAC 975 NA . -5.90 18.56 -0.74
CAI 975 NA . -4.86 20.67 -0.88
OAB 975 NA . -5.85 21.01 -1.74
CAD 975 NA . -3.86 21.56 -0.50
CAE 975 NA . -2.88 21.15 0.39
CAK 975 NA . -2.89 19.85 0.91
CAH 975 NA . -1.93 19.48 1.79
CAG 975 NA . -0.65 19.23 1.00
OAA 975 NA . -0.52 17.79 0.95
CAF 975 OA . 6.80 19.48 15.42
CAJ 975 OA . 7.81 20.44 15.47
OAC 975 OA . 9.13 20.11 15.62
CAI 975 OA . 7.50 21.80 15.36
OAB 975 OA . 8.53 22.69 15.42
CAD 975 OA . 6.17 22.21 15.22
CAE 975 OA . 5.16 21.25 15.16
CAK 975 OA . 5.48 19.89 15.27
CAH 975 OA . 4.60 19.07 15.00
CAG 975 OA . 4.51 18.63 13.54
OAA 975 OA . 3.44 17.70 13.38
CAF 975 PA . 3.28 35.74 14.47
CAJ 975 PA . 4.06 35.88 13.32
OAC 975 PA . 3.52 36.10 12.09
CAI 975 PA . 5.45 35.81 13.42
OAB 975 PA . 6.18 35.95 12.28
CAD 975 PA . 6.07 35.59 14.66
CAE 975 PA . 5.27 35.45 15.80
CAK 975 PA . 3.88 35.52 15.71
CAH 975 PA . 2.92 35.05 16.05
CAG 975 PA . 3.16 36.05 17.18
OAA 975 PA . 1.96 36.77 17.55
CAF 975 QA . -14.24 23.75 -7.94
CAJ 975 QA . -13.73 23.22 -6.75
OAC 975 QA . -12.68 23.79 -6.10
CAI 975 QA . -14.31 22.09 -6.17
OAB 975 QA . -13.77 21.62 -5.01
CAD 975 QA . -15.39 21.47 -6.80
CAE 975 QA . -15.89 22.00 -7.99
CAK 975 QA . -15.34 23.14 -8.58
CAH 975 QA . -15.93 23.58 -9.77
CAG 975 QA . -15.92 25.10 -9.94
OAA 975 QA . -14.98 25.43 -11.02
CAF 975 RA . 24.77 35.61 -24.76
CAJ 975 RA . 24.76 36.81 -24.07
OAC 975 RA . 25.87 37.33 -23.49
CAI 975 RA . 23.57 37.52 -23.92
OAB 975 RA . 23.61 38.68 -23.22
CAD 975 RA . 22.39 37.03 -24.49
CAE 975 RA . 22.41 35.83 -25.19
CAK 975 RA . 23.61 35.11 -25.35
CAH 975 RA . 23.61 33.91 -26.02
CAG 975 RA . 24.55 33.99 -27.23
OAA 975 RA . 24.58 32.60 -27.81
CAF 975 SA . -11.85 25.91 -16.67
CAJ 975 SA . -11.40 26.89 -15.81
OAC 975 SA . -11.77 26.93 -14.50
CAI 975 SA . -10.53 27.89 -16.28
OAB 975 SA . -10.12 28.83 -15.40
CAD 975 SA . -10.12 27.91 -17.61
CAE 975 SA . -10.57 26.91 -18.46
CAK 975 SA . -11.42 25.92 -18.00
CAH 975 SA . -11.88 24.97 -18.82
CAG 975 SA . -11.10 23.69 -18.59
OAA 975 SA . -11.81 22.68 -19.31
C1 EDO TA . -9.40 26.28 -22.34
O1 EDO TA . -9.36 27.12 -21.20
C2 EDO TA . -9.97 24.88 -22.13
O2 EDO TA . -11.35 24.99 -21.75
C1 EDO UA . 36.91 -10.60 -2.21
O1 EDO UA . 35.97 -11.68 -2.30
C2 EDO UA . 38.23 -11.11 -1.63
O2 EDO UA . 39.30 -10.19 -1.87
C1 EDO VA . 1.29 7.53 2.76
O1 EDO VA . 1.39 8.57 3.74
C2 EDO VA . 2.68 7.14 2.26
O2 EDO VA . 3.13 5.86 2.76
C1 EDO WA . -1.19 17.42 6.94
O1 EDO WA . -1.40 16.38 7.91
C2 EDO WA . 0.24 17.31 6.43
O2 EDO WA . 0.50 17.92 5.15
C1 EDO XA . 6.69 3.63 -30.35
C1 EDO XA . 6.70 3.56 -30.49
O1 EDO XA . 6.36 3.97 -29.00
O1 EDO XA . 6.81 2.40 -31.31
C2 EDO XA . 7.79 4.55 -30.86
C2 EDO XA . 7.69 4.61 -30.96
O2 EDO XA . 8.15 4.23 -32.21
O2 EDO XA . 8.65 4.85 -29.93
C1 EDO YA . 25.96 -9.49 17.33
O1 EDO YA . 26.10 -10.52 16.32
C2 EDO YA . 26.35 -10.06 18.70
O2 EDO YA . 27.58 -9.54 19.22
C1 EDO ZA . 17.41 -0.12 11.49
O1 EDO ZA . 16.24 -0.50 12.24
C2 EDO ZA . 18.56 -1.07 11.80
O2 EDO ZA . 18.06 -2.41 11.81
C1 EDO AB . 18.93 5.12 6.36
O1 EDO AB . 18.76 5.49 7.73
C2 EDO AB . 19.21 6.34 5.49
O2 EDO AB . 18.31 7.41 5.82
C1 EDO BB . 9.18 7.39 -28.06
O1 EDO BB . 8.41 6.33 -27.46
C2 EDO BB . 8.44 8.70 -27.99
O2 EDO BB . 8.87 9.58 -29.03
C1 EDO CB . 19.84 17.04 -32.81
O1 EDO CB . 19.94 17.63 -31.50
C2 EDO CB . 20.86 17.69 -33.74
O2 EDO CB . 21.11 16.86 -34.89
C1 EDO DB . 33.60 8.52 -18.64
O1 EDO DB . 32.68 7.59 -19.20
C2 EDO DB . 33.15 9.97 -18.90
O2 EDO DB . 32.36 10.52 -17.83
C1 EDO EB . 31.91 33.25 0.99
O1 EDO EB . 33.19 33.80 0.67
C2 EDO EB . 30.80 33.81 0.11
O2 EDO EB . 31.30 34.54 -1.03
C1 EDO FB . 31.66 35.53 -7.35
O1 EDO FB . 32.54 34.62 -8.02
C2 EDO FB . 30.56 35.98 -8.31
O2 EDO FB . 29.55 36.71 -7.60
C1 EDO GB . 5.05 4.04 -23.95
O1 EDO GB . 4.84 4.75 -25.18
C2 EDO GB . 5.24 2.54 -24.22
O2 EDO GB . 6.03 2.32 -25.39
C1 EDO HB . 2.88 3.01 -28.28
O1 EDO HB . 2.59 2.66 -29.64
C2 EDO HB . 2.33 4.40 -27.93
O2 EDO HB . 3.14 5.03 -26.94
C1 EDO IB . -6.17 0.99 -30.39
O1 EDO IB . -6.00 1.75 -29.18
C2 EDO IB . -4.81 0.65 -30.99
O2 EDO IB . -3.74 0.72 -30.02
C1 EDO JB . -6.63 2.28 -24.69
O1 EDO JB . -6.03 1.59 -23.58
C2 EDO JB . -6.06 1.78 -26.02
O2 EDO JB . -4.82 1.06 -25.87
C1 EDO KB . -10.58 3.50 -11.93
O1 EDO KB . -11.08 2.86 -13.12
C2 EDO KB . -9.46 4.48 -12.23
O2 EDO KB . -9.90 5.86 -12.18
C1 EDO LB . 19.72 17.11 -44.08
O1 EDO LB . 19.16 18.44 -44.06
C2 EDO LB . 20.33 16.71 -42.75
O2 EDO LB . 20.69 17.83 -41.94
C1 EDO MB . 36.38 24.77 -3.16
O1 EDO MB . 36.76 25.72 -2.15
C2 EDO MB . 34.95 25.01 -3.63
O2 EDO MB . 34.50 26.37 -3.49
C1 EDO NB . 32.86 25.43 -14.13
O1 EDO NB . 33.10 26.01 -12.84
C2 EDO NB . 33.94 24.40 -14.44
O2 EDO NB . 33.86 23.95 -15.80
C1 EDO OB . 47.65 -0.41 9.62
O1 EDO OB . 48.48 -0.59 10.78
C2 EDO OB . 47.01 -1.74 9.25
O2 EDO OB . 46.25 -2.31 10.34
C1 EDO PB . 23.56 33.11 8.69
O1 EDO PB . 24.41 33.48 7.61
C2 EDO PB . 22.67 34.31 9.07
O2 EDO PB . 21.28 34.10 8.79
C1 NAG QB . -44.19 7.22 12.23
C2 NAG QB . -45.53 6.85 12.86
C3 NAG QB . -46.46 6.11 11.89
C4 NAG QB . -46.41 6.66 10.46
C5 NAG QB . -44.98 6.94 10.00
C6 NAG QB . -44.91 7.62 8.63
C7 NAG QB . -45.40 6.42 15.29
C8 NAG QB . -45.07 5.39 16.34
N2 NAG QB . -45.27 6.00 14.02
O3 NAG QB . -47.81 6.23 12.36
O4 NAG QB . -47.01 5.69 9.57
O5 NAG QB . -44.36 7.81 10.95
O6 NAG QB . -43.55 7.65 8.20
O7 NAG QB . -45.74 7.55 15.61
C1 NAG RB . -37.97 -33.05 -10.88
C2 NAG RB . -39.27 -32.22 -10.99
C3 NAG RB . -40.07 -32.54 -12.26
C4 NAG RB . -39.21 -32.79 -13.49
C5 NAG RB . -38.10 -33.79 -13.14
C6 NAG RB . -37.22 -34.18 -14.32
C7 NAG RB . -41.05 -31.64 -9.35
C8 NAG RB . -41.81 -32.17 -8.17
N2 NAG RB . -40.14 -32.49 -9.84
O3 NAG RB . -40.96 -31.45 -12.54
O4 NAG RB . -40.01 -33.30 -14.56
O5 NAG RB . -37.31 -33.16 -12.14
O6 NAG RB . -36.09 -34.94 -13.86
O7 NAG RB . -41.26 -30.53 -9.81
C1 NAG SB . -11.69 -40.62 -23.26
C2 NAG SB . -13.08 -41.02 -23.72
C3 NAG SB . -13.05 -42.29 -24.57
C4 NAG SB . -12.01 -42.15 -25.68
C5 NAG SB . -10.65 -41.79 -25.07
C6 NAG SB . -9.53 -41.68 -26.11
C7 NAG SB . -15.01 -40.49 -22.23
C8 NAG SB . -15.50 -39.42 -23.18
N2 NAG SB . -13.91 -41.18 -22.53
O3 NAG SB . -14.34 -42.51 -25.14
O4 NAG SB . -11.93 -43.38 -26.43
O5 NAG SB . -10.78 -40.56 -24.36
O6 NAG SB . -9.87 -40.69 -27.09
O7 NAG SB . -15.62 -40.71 -21.20
C1 NAG TB . 4.18 -35.51 -3.69
C2 NAG TB . 4.70 -36.28 -4.90
C3 NAG TB . 6.10 -36.82 -4.60
C4 NAG TB . 7.02 -35.68 -4.17
C5 NAG TB . 6.45 -34.97 -2.94
C6 NAG TB . 7.27 -33.75 -2.57
C7 NAG TB . 2.82 -37.25 -6.17
C8 NAG TB . 1.96 -38.47 -6.34
N2 NAG TB . 3.77 -37.34 -5.22
O3 NAG TB . 6.62 -37.46 -5.77
O4 NAG TB . 8.32 -36.21 -3.88
O5 NAG TB . 5.11 -34.53 -3.21
O6 NAG TB . 6.89 -33.28 -1.27
O7 NAG TB . 2.65 -36.26 -6.86
C1 NAG UB . -19.68 -40.63 -10.05
C2 NAG UB . -20.81 -39.93 -10.80
C3 NAG UB . -21.65 -39.08 -9.84
C4 NAG UB . -22.16 -39.96 -8.70
C5 NAG UB . -20.98 -40.66 -8.01
C6 NAG UB . -21.40 -41.61 -6.90
C7 NAG UB . -20.74 -39.08 -13.12
C8 NAG UB . -20.02 -38.19 -14.08
N2 NAG UB . -20.25 -39.11 -11.87
O3 NAG UB . -22.75 -38.50 -10.52
O4 NAG UB . -22.89 -39.17 -7.75
O5 NAG UB . -20.23 -41.40 -8.98
O6 NAG UB . -22.37 -42.55 -7.37
O7 NAG UB . -21.70 -39.75 -13.49
C1 NAG VB . -8.17 -40.90 24.56
C2 NAG VB . -8.79 -42.28 24.74
C3 NAG VB . -10.05 -42.21 25.60
C4 NAG VB . -9.79 -41.49 26.91
C5 NAG VB . -9.06 -40.17 26.67
C6 NAG VB . -8.56 -39.55 27.96
C7 NAG VB . -8.32 -43.64 22.76
C8 NAG VB . -8.81 -44.03 21.40
N2 NAG VB . -9.11 -42.79 23.43
O3 NAG VB . -10.52 -43.54 25.87
O4 NAG VB . -11.04 -41.21 27.56
O5 NAG VB . -7.91 -40.35 25.85
O6 NAG VB . -7.53 -40.35 28.56
O7 NAG VB . -7.27 -44.09 23.20
C1 NAG WB . -2.28 3.92 9.10
C2 NAG WB . -0.91 3.26 9.22
C3 NAG WB . -0.27 3.04 7.85
C4 NAG WB . -1.24 2.37 6.89
C5 NAG WB . -2.55 3.16 6.86
C6 NAG WB . -3.60 2.58 5.91
C7 NAG WB . 0.79 3.58 10.98
C8 NAG WB . 1.58 4.59 11.75
N2 NAG WB . -0.05 4.08 10.07
O3 NAG WB . 0.90 2.23 7.99
O4 NAG WB . -0.67 2.28 5.58
O5 NAG WB . -3.08 3.19 8.17
O6 NAG WB . -3.83 1.19 6.18
O7 NAG WB . 0.93 2.38 11.19
C1 NAG XB . -10.00 -7.46 44.65
C2 NAG XB . -8.57 -7.54 45.16
C3 NAG XB . -8.06 -6.13 45.49
C4 NAG XB . -8.25 -5.18 44.31
C5 NAG XB . -9.65 -5.27 43.70
C6 NAG XB . -9.74 -4.51 42.37
C7 NAG XB . -7.51 -9.34 46.49
C8 NAG XB . -7.52 -10.14 47.77
N2 NAG XB . -8.45 -8.40 46.34
O3 NAG XB . -6.67 -6.19 45.82
O4 NAG XB . -8.01 -3.84 44.75
O5 NAG XB . -10.00 -6.63 43.48
O6 NAG XB . -8.98 -5.19 41.35
O7 NAG XB . -6.64 -9.56 45.65
C1 NAG YB . -25.81 -21.97 26.24
C2 NAG YB . -27.14 -21.96 27.03
C3 NAG YB . -27.94 -23.23 26.74
C4 NAG YB . -28.15 -23.47 25.25
C5 NAG YB . -26.82 -23.38 24.49
C6 NAG YB . -27.07 -23.40 22.97
C7 NAG YB . -27.01 -20.66 29.14
C8 NAG YB . -26.90 -20.73 30.63
N2 NAG YB . -27.02 -21.83 28.48
O3 NAG YB . -29.22 -23.14 27.38
O4 NAG YB . -28.75 -24.76 25.07
O5 NAG YB . -26.12 -22.18 24.84
O6 NAG YB . -26.07 -24.19 22.32
O7 NAG YB . -27.07 -19.57 28.58
C1 NAG ZB . -36.95 -6.54 21.73
C2 NAG ZB . -37.68 -6.05 22.98
C3 NAG ZB . -39.13 -6.54 23.00
C4 NAG ZB . -39.84 -6.28 21.67
C5 NAG ZB . -39.00 -6.78 20.50
C6 NAG ZB . -39.64 -6.46 19.15
C7 NAG ZB . -36.48 -5.75 25.12
C8 NAG ZB . -35.93 -6.48 26.32
N2 NAG ZB . -37.06 -6.54 24.21
O3 NAG ZB . -39.84 -5.88 24.05
O4 NAG ZB . -41.12 -6.92 21.69
O5 NAG ZB . -37.71 -6.19 20.57
O6 NAG ZB . -39.58 -5.05 18.90
O7 NAG ZB . -36.39 -4.54 25.03
C1 NAG AC . -26.23 12.75 1.73
C2 NAG AC . -27.27 13.57 2.51
C3 NAG AC . -28.65 13.43 1.88
C4 NAG AC . -28.59 13.71 0.38
C5 NAG AC . -27.55 12.80 -0.27
C6 NAG AC . -27.44 13.00 -1.77
C7 NAG AC . -26.54 13.70 4.85
C8 NAG AC . -26.64 13.07 6.21
N2 NAG AC . -27.26 13.11 3.89
O3 NAG AC . -29.56 14.34 2.50
O4 NAG AC . -29.87 13.51 -0.20
O5 NAG AC . -26.28 13.06 0.33
O6 NAG AC . -27.01 14.33 -2.07
O7 NAG AC . -25.85 14.69 4.67
C1 FRU BC . -25.10 -15.51 -1.17
C2 FRU BC . -25.72 -15.39 -2.55
C3 FRU BC . -25.00 -16.25 -3.57
C4 FRU BC . -25.32 -15.55 -4.87
C5 FRU BC . -25.42 -14.09 -4.47
C6 FRU BC . -26.54 -13.37 -5.22
O1 FRU BC . -25.95 -14.90 -0.18
O2 FRU BC . -27.10 -15.77 -2.51
O3 FRU BC . -25.43 -17.61 -3.55
O4 FRU BC . -24.32 -15.74 -5.87
O5 FRU BC . -25.66 -14.05 -3.05
O6 FRU BC . -26.62 -11.99 -4.85
CAF 975 CC . -32.68 -15.26 -5.68
CAJ 975 CC . -33.82 -14.51 -5.95
OAC 975 CC . -34.79 -14.95 -6.81
CAI 975 CC . -34.00 -13.28 -5.34
OAB 975 CC . -35.14 -12.60 -5.65
CAD 975 CC . -33.04 -12.79 -4.45
CAE 975 CC . -31.89 -13.56 -4.19
CAK 975 CC . -31.70 -14.80 -4.79
CAH 975 CC . -30.56 -15.52 -4.52
CAG 975 CC . -30.92 -17.00 -4.26
OAA 975 CC . -31.19 -17.20 -2.84
CAF 975 DC . -30.12 -12.97 1.13
CAJ 975 DC . -29.28 -13.37 0.10
OAC 975 DC . -28.49 -14.47 0.18
CAI 975 DC . -29.23 -12.62 -1.08
OAB 975 DC . -28.38 -13.06 -2.06
CAD 975 DC . -30.01 -11.48 -1.22
CAE 975 DC . -30.87 -11.08 -0.17
CAK 975 DC . -30.92 -11.82 1.01
CAH 975 DC . -31.78 -11.45 2.04
CAG 975 DC . -31.47 -10.07 2.61
OAA 975 DC . -30.03 -10.02 2.79
CAF 975 EC . -35.17 -11.61 6.60
CAJ 975 EC . -35.52 -12.88 7.04
OAC 975 EC . -36.07 -13.08 8.27
CAI 975 EC . -35.30 -13.99 6.23
OAB 975 EC . -35.66 -15.21 6.73
CAD 975 EC . -34.74 -13.83 4.97
CAE 975 EC . -34.39 -12.56 4.52
CAK 975 EC . -34.61 -11.43 5.34
CAH 975 EC . -34.27 -10.18 4.88
CAG 975 EC . -35.53 -9.34 4.83
OAA 975 EC . -35.12 -7.95 4.89
CAF 975 FC . -7.52 -19.84 -6.79
CAJ 975 FC . -7.99 -20.29 -5.55
OAC 975 FC . -9.14 -19.83 -4.99
CAI 975 FC . -7.26 -21.24 -4.83
OAB 975 FC . -7.77 -21.63 -3.64
CAD 975 FC . -6.09 -21.74 -5.35
CAE 975 FC . -5.62 -21.30 -6.60
CAK 975 FC . -6.34 -20.35 -7.34
CAH 975 FC . -5.85 -19.92 -8.56
CAG 975 FC . -6.92 -20.05 -9.65
OAA 975 FC . -6.36 -19.42 -10.82
CAF 975 GC . -1.88 -21.90 17.63
CAJ 975 GC . -2.88 -21.35 18.45
OAC 975 GC . -3.38 -22.03 19.53
CAI 975 GC . -3.38 -20.07 18.20
OAB 975 GC . -4.35 -19.59 19.04
CAD 975 GC . -2.89 -19.34 17.13
CAE 975 GC . -1.90 -19.87 16.30
CAK 975 GC . -1.40 -21.16 16.55
CAH 975 GC . -0.42 -21.69 15.73
CAG 975 GC . -1.19 -22.42 14.64
OAA 975 GC . -1.15 -23.85 14.85
CAF 975 HC . -49.44 2.01 -13.05
CAJ 975 HC . -49.00 2.46 -11.81
OAC 975 HC . -48.94 3.78 -11.49
CAI 975 HC . -48.62 1.54 -10.84
OAB 975 HC . -48.20 2.03 -9.65
CAD 975 HC . -48.66 0.17 -11.11
CAE 975 HC . -49.09 -0.28 -12.36
CAK 975 HC . -49.49 0.65 -13.34
CAH 975 HC . -49.96 0.37 -14.61
CAG 975 HC . -50.06 -1.09 -14.99
OAA 975 HC . -51.03 -1.80 -14.22
CAF 975 IC . -3.57 -11.84 22.57
CAJ 975 IC . -3.54 -11.04 23.71
OAC 975 IC . -2.40 -10.80 24.41
CAI 975 IC . -4.70 -10.43 24.18
OAB 975 IC . -4.61 -9.64 25.30
CAD 975 IC . -5.89 -10.62 23.51
CAE 975 IC . -5.93 -11.42 22.37
CAK 975 IC . -4.76 -12.06 21.88
CAH 975 IC . -4.69 -12.88 20.75
CAG 975 IC . -6.09 -13.23 20.20
OAA 975 IC . -6.11 -14.62 19.77
CAF 975 JC . -2.66 -6.39 20.22
CAJ 975 JC . -1.43 -5.73 20.16
OAC 975 JC . -1.03 -4.87 21.14
CAI 975 JC . -0.55 -5.94 19.09
OAB 975 JC . 0.63 -5.28 19.10
CAD 975 JC . -0.92 -6.81 18.06
CAE 975 JC . -2.14 -7.47 18.11
CAK 975 JC . -3.02 -7.26 19.19
CAH 975 JC . -4.24 -7.91 19.21
CAG 975 JC . -3.96 -9.34 19.62
OAA 975 JC . -5.18 -10.08 19.36
CAF 975 KC . -17.80 8.68 -4.28
CAJ 975 KC . -16.50 8.18 -4.34
OAC 975 KC . -16.23 6.85 -4.40
CAI 975 KC . -15.41 9.06 -4.34
OAB 975 KC . -14.16 8.52 -4.40
CAD 975 KC . -15.62 10.43 -4.29
CAE 975 KC . -16.92 10.94 -4.24
CAK 975 KC . -18.04 10.06 -4.22
CAH 975 KC . -19.36 10.48 -4.18
CAG 975 KC . -19.49 11.94 -3.77
OAA 975 KC . -20.82 12.17 -3.22
CAF 975 LC . -15.97 -41.08 24.32
CAJ 975 LC . -16.84 -40.36 25.14
OAC 975 LC . -18.18 -40.33 24.91
CAI 975 LC . -16.34 -39.65 26.23
OAB 975 LC . -17.24 -38.96 27.00
CAD 975 LC . -14.98 -39.65 26.50
CAE 975 LC . -14.10 -40.38 25.67
CAK 975 LC . -14.60 -41.10 24.56
CAH 975 LC . -13.78 -41.82 23.72
CAG 975 LC . -12.80 -40.82 23.13
OAA 975 LC . -12.07 -41.48 22.07
CAF 975 MC . -28.15 -20.97 16.95
CAJ 975 MC . -28.55 -19.67 16.63
OAC 975 MC . -29.72 -19.41 15.99
CAI 975 MC . -27.75 -18.59 17.00
OAB 975 MC . -28.18 -17.36 16.67
CAD 975 MC . -26.55 -18.79 17.65
CAE 975 MC . -26.13 -20.07 17.97
CAK 975 MC . -26.93 -21.18 17.62
CAH 975 MC . -26.58 -22.48 17.91
CAG 975 MC . -25.97 -22.53 19.31
OAA 975 MC . -25.95 -23.90 19.73
CAF 975 NC . -24.07 5.57 -11.61
CAJ 975 NC . -24.29 5.42 -12.98
OAC 975 NC . -24.72 6.46 -13.76
CAI 975 NC . -24.08 4.19 -13.60
OAB 975 NC . -24.31 4.11 -14.94
CAD 975 NC . -23.65 3.10 -12.86
CAE 975 NC . -23.41 3.24 -11.49
CAK 975 NC . -23.62 4.46 -10.84
CAH 975 NC . -23.35 4.50 -9.47
CAG 975 NC . -24.32 5.41 -8.75
OAA 975 NC . -24.05 5.34 -7.33
CAF 975 OC . -0.75 -12.54 -9.08
CAJ 975 OC . -1.51 -12.48 -10.25
OAC 975 OC . -2.82 -12.11 -10.26
CAI 975 OC . -0.93 -12.80 -11.47
OAB 975 OC . -1.72 -12.73 -12.59
CAD 975 OC . 0.41 -13.18 -11.53
CAE 975 OC . 1.17 -13.23 -10.35
CAK 975 OC . 0.60 -12.91 -9.10
CAH 975 OC . 1.42 -12.99 -7.99
CAG 975 OC . 0.82 -12.18 -6.84
OAA 975 OC . 1.88 -12.02 -5.81
CAF 975 PC . -4.56 -9.14 37.38
CAJ 975 PC . -3.87 -8.26 38.20
OAC 975 PC . -4.52 -7.36 39.00
CAI 975 PC . -2.48 -8.25 38.23
OAB 975 PC . -1.87 -7.37 39.05
CAD 975 PC . -1.77 -9.15 37.42
CAE 975 PC . -2.46 -10.05 36.59
CAK 975 PC . -3.87 -10.05 36.57
CAH 975 PC . -4.61 -10.89 35.77
CAG 975 PC . -4.09 -12.31 35.89
OAA 975 PC . -5.08 -13.17 35.28
CAF 975 QC . -6.60 -18.17 38.62
CAJ 975 QC . -7.28 -19.24 39.21
OAC 975 QC . -6.66 -20.43 39.47
CAI 975 QC . -8.63 -19.12 39.56
OAB 975 QC . -9.24 -20.20 40.13
CAD 975 QC . -9.32 -17.94 39.31
CAE 975 QC . -8.63 -16.86 38.72
CAK 975 QC . -7.29 -16.99 38.37
CAH 975 QC . -6.66 -15.93 37.80
CAG 975 QC . -6.35 -14.92 38.89
OAA 975 QC . -4.91 -14.85 38.96
CAF 975 RC . 0.09 -40.54 -13.92
CAJ 975 RC . 0.84 -40.03 -12.87
OAC 975 RC . 1.78 -39.07 -13.05
CAI 975 RC . 0.65 -40.52 -11.56
OAB 975 RC . 1.41 -39.98 -10.58
CAD 975 RC . -0.30 -41.50 -11.31
CAE 975 RC . -1.05 -42.01 -12.37
CAK 975 RC . -0.86 -41.53 -13.67
CAH 975 RC . -1.59 -42.19 -14.62
CAG 975 RC . -2.03 -43.88 -14.85
OAA 975 RC . -1.49 -44.86 -13.96
CAF 975 SC . -0.66 -15.91 -23.34
CAJ 975 SC . 0.10 -15.60 -22.20
OAC 975 SC . 0.89 -14.49 -22.15
CAI 975 SC . 0.07 -16.43 -21.08
OAB 975 SC . 0.84 -16.07 -20.01
CAD 975 SC . -0.72 -17.57 -21.09
CAE 975 SC . -1.48 -17.88 -22.21
CAK 975 SC . -1.47 -17.07 -23.34
CAH 975 SC . -2.29 -17.50 -24.40
CAG 975 SC . -2.41 -16.45 -25.48
OAA 975 SC . -3.25 -16.96 -26.53
C1 EDO TC . -27.92 -38.50 0.29
O1 EDO TC . -28.83 -39.12 -0.62
C2 EDO TC . -28.71 -37.69 1.33
O2 EDO TC . -27.96 -36.60 1.88
C1 EDO UC . 0.20 -8.24 0.11
O1 EDO UC . 0.50 -9.62 0.36
C2 EDO UC . -1.09 -7.84 0.84
O2 EDO UC . -0.87 -6.97 1.96
C1 EDO VC . 2.45 -18.24 -1.98
O1 EDO VC . 1.46 -18.94 -2.74
C2 EDO VC . 3.75 -18.08 -2.77
O2 EDO VC . 4.59 -17.08 -2.18
C1 EDO WC . -2.39 -19.08 -10.28
O1 EDO WC . -2.29 -20.11 -11.27
C2 EDO WC . -1.35 -19.31 -9.18
O2 EDO WC . -0.64 -18.12 -8.79
C1 EDO XC . -0.59 -26.71 -10.66
O1 EDO XC . -0.87 -27.94 -11.36
C2 EDO XC . -1.23 -26.73 -9.28
O2 EDO XC . -0.80 -25.62 -8.47
C1 EDO YC . -30.47 4.53 -12.29
O1 EDO YC . -31.30 5.52 -11.69
C2 EDO YC . -29.33 4.14 -11.35
O2 EDO YC . -28.08 4.78 -11.67
C1 EDO ZC . -0.08 -1.64 32.48
O1 EDO ZC . -0.32 -2.69 31.55
C2 EDO ZC . 0.39 -2.23 33.81
O2 EDO ZC . 0.12 -1.33 34.92
C1 EDO AD . -41.32 -7.34 -7.68
O1 EDO AD . -41.47 -5.93 -7.52
C2 EDO AD . -42.61 -8.04 -7.28
O2 EDO AD . -42.45 -9.47 -7.20
C1 EDO BD . -39.03 -9.67 -5.08
O1 EDO BD . -39.58 -10.02 -6.36
C2 EDO BD . -40.05 -8.87 -4.28
O2 EDO BD . -39.52 -8.49 -2.99
C1 EDO CD . -4.74 1.84 -0.37
O1 EDO CD . -3.88 0.69 -0.38
C2 EDO CD . -5.11 2.32 -1.78
O2 EDO CD . -6.00 1.42 -2.48
C1 EDO DD . -39.11 -30.06 -6.72
O1 EDO DD . -39.65 -30.44 -5.44
C2 EDO DD . -39.34 -28.57 -7.01
O2 EDO DD . -40.13 -27.91 -6.01
C1 EDO ED . -23.77 -37.48 12.65
O1 EDO ED . -22.64 -37.39 11.76
C2 EDO ED . -24.63 -36.23 12.55
O2 EDO ED . -24.49 -35.54 11.30
C1 EDO FD . -5.35 -0.32 -18.63
O1 EDO FD . -5.31 -1.17 -19.78
C2 EDO FD . -4.58 -0.94 -17.48
O2 EDO FD . -4.33 -0.01 -16.38
C1 EDO GD . 4.81 -24.16 7.23
O1 EDO GD . 4.99 -24.68 5.90
C2 EDO GD . 4.56 -25.30 8.21
O2 EDO GD . 3.38 -25.13 9.04
C1 EDO HD . -49.40 -5.08 -13.34
O1 EDO HD . -49.17 -6.17 -14.24
C2 EDO HD . -48.42 -5.08 -12.18
O2 EDO HD . -48.21 -6.40 -11.62
C1 EDO ID . -28.39 -28.44 16.99
O1 EDO ID . -28.21 -27.80 18.26
C2 EDO ID . -27.42 -29.60 16.87
O2 EDO ID . -28.08 -30.88 16.79
C1 EDO JD . -35.79 -23.90 9.93
O1 EDO JD . -36.28 -22.67 9.39
C2 EDO JD . -35.63 -23.79 11.44
O2 EDO JD . -36.75 -23.12 12.04
C1 EDO KD . -8.81 9.51 10.66
C1 EDO KD . -8.72 9.21 13.14
O1 EDO KD . -9.01 9.89 9.29
O1 EDO KD . -9.50 9.19 14.34
C2 EDO KD . -7.78 8.39 10.75
C2 EDO KD . -8.05 7.86 12.93
O2 EDO KD . -6.65 8.68 9.91
O2 EDO KD . -7.03 7.94 11.93
C1 EDO LD . -19.19 -26.72 -29.32
C1 EDO LD . -21.58 -27.07 -27.74
O1 EDO LD . -17.90 -26.20 -29.63
O1 EDO LD . -22.74 -26.52 -27.09
C2 EDO LD . -20.19 -26.34 -30.40
C2 EDO LD . -21.99 -27.75 -29.04
O2 EDO LD . -19.65 -25.32 -31.25
O2 EDO LD . -21.70 -26.89 -30.16
#